data_7D7X
# 
_entry.id   7D7X 
# 
_audit_conform.dict_name       mmcif_pdbx.dic 
_audit_conform.dict_version    5.380 
_audit_conform.dict_location   http://mmcif.pdb.org/dictionaries/ascii/mmcif_pdbx.dic 
# 
loop_
_database_2.database_id 
_database_2.database_code 
_database_2.pdbx_database_accession 
_database_2.pdbx_DOI 
PDB   7D7X         pdb_00007d7x 10.2210/pdb7d7x/pdb 
WWPDB D_1300018910 ?            ?                   
# 
_pdbx_database_status.status_code                     REL 
_pdbx_database_status.status_code_sf                  REL 
_pdbx_database_status.status_code_mr                  ? 
_pdbx_database_status.entry_id                        7D7X 
_pdbx_database_status.recvd_initial_deposition_date   2020-10-06 
_pdbx_database_status.SG_entry                        N 
_pdbx_database_status.deposit_site                    PDBJ 
_pdbx_database_status.process_site                    PDBJ 
_pdbx_database_status.status_code_cs                  ? 
_pdbx_database_status.status_code_nmr_data            ? 
_pdbx_database_status.methods_development_category    ? 
_pdbx_database_status.pdb_format_compatible           Y 
# 
loop_
_audit_author.name 
_audit_author.pdbx_ordinal 
_audit_author.identifier_ORCID 
'Chen, H.'  1 0000-0001-7436-5895 
'Ren, A.M.' 2 0000-0002-5420-4899 
# 
_citation.abstract                  ? 
_citation.abstract_id_CAS           ? 
_citation.book_id_ISBN              ? 
_citation.book_publisher            ? 
_citation.book_publisher_city       ? 
_citation.book_title                ? 
_citation.coordinate_linkage        ? 
_citation.country                   UK 
_citation.database_id_Medline       ? 
_citation.details                   ? 
_citation.id                        primary 
_citation.journal_abbrev            'Nucleic Acids Res.' 
_citation.journal_id_ASTM           NARHAD 
_citation.journal_id_CSD            0389 
_citation.journal_id_ISSN           1362-4962 
_citation.journal_full              ? 
_citation.journal_issue             ? 
_citation.journal_volume            48 
_citation.language                  ? 
_citation.page_first                12394 
_citation.page_last                 12406 
_citation.title                     
'Structural distinctions between NAD+ riboswitch domains 1 and 2 determine differential folding and ligand binding.' 
_citation.year                      2020 
_citation.database_id_CSD           ? 
_citation.pdbx_database_id_DOI      10.1093/nar/gkaa1029 
_citation.pdbx_database_id_PubMed   33170270 
_citation.unpublished_flag          ? 
# 
loop_
_citation_author.citation_id 
_citation_author.name 
_citation_author.ordinal 
_citation_author.identifier_ORCID 
primary 'Chen, H.'         1 ? 
primary 'Egger, M.'        2 ? 
primary 'Xu, X.'           3 ? 
primary 'Flemmich, L.'     4 ? 
primary 'Krasheninina, O.' 5 ? 
primary 'Sun, A.'          6 ? 
primary 'Micura, R.'       7 ? 
primary 'Ren, A.'          8 ? 
# 
_cell.angle_alpha                  90.000 
_cell.angle_alpha_esd              ? 
_cell.angle_beta                   90.000 
_cell.angle_beta_esd               ? 
_cell.angle_gamma                  90.000 
_cell.angle_gamma_esd              ? 
_cell.entry_id                     7D7X 
_cell.details                      ? 
_cell.formula_units_Z              ? 
_cell.length_a                     55.337 
_cell.length_a_esd                 ? 
_cell.length_b                     57.400 
_cell.length_b_esd                 ? 
_cell.length_c                     196.826 
_cell.length_c_esd                 ? 
_cell.volume                       ? 
_cell.volume_esd                   ? 
_cell.Z_PDB                        8 
_cell.reciprocal_angle_alpha       ? 
_cell.reciprocal_angle_beta        ? 
_cell.reciprocal_angle_gamma       ? 
_cell.reciprocal_angle_alpha_esd   ? 
_cell.reciprocal_angle_beta_esd    ? 
_cell.reciprocal_angle_gamma_esd   ? 
_cell.reciprocal_length_a          ? 
_cell.reciprocal_length_b          ? 
_cell.reciprocal_length_c          ? 
_cell.reciprocal_length_a_esd      ? 
_cell.reciprocal_length_b_esd      ? 
_cell.reciprocal_length_c_esd      ? 
_cell.pdbx_unique_axis             ? 
# 
_symmetry.entry_id                         7D7X 
_symmetry.cell_setting                     ? 
_symmetry.Int_Tables_number                23 
_symmetry.space_group_name_Hall            ? 
_symmetry.space_group_name_H-M             'I 2 2 2' 
_symmetry.pdbx_full_space_group_name_H-M   ? 
# 
loop_
_entity.id 
_entity.type 
_entity.src_method 
_entity.pdbx_description 
_entity.formula_weight 
_entity.pdbx_number_of_molecules 
_entity.pdbx_ec 
_entity.pdbx_mutation 
_entity.pdbx_fragment 
_entity.details 
1 polymer     syn '18GAAA(52-MER)'            16438.873 1  ? ? ? ? 
2 non-polymer syn "GUANOSINE-5'-TRIPHOSPHATE" 523.180   1  ? ? ? ? 
3 non-polymer syn 'MAGNESIUM ION'             24.305    8  ? ? ? ? 
4 non-polymer syn "ADENOSINE-5'-DIPHOSPHATE"  427.201   1  ? ? ? ? 
5 water       nat water                       18.015    40 ? ? ? ? 
# 
_entity_poly.entity_id                      1 
_entity_poly.type                           polyribonucleotide 
_entity_poly.nstd_linkage                   no 
_entity_poly.nstd_monomer                   no 
_entity_poly.pdbx_seq_one_letter_code       GCUUCAACAACCCCGUAGGUGGGGACGAAAGUCAGCGCACCUACUGGAGCC 
_entity_poly.pdbx_seq_one_letter_code_can   GCUUCAACAACCCCGUAGGUGGGGACGAAAGUCAGCGCACCUACUGGAGCC 
_entity_poly.pdbx_strand_id                 A 
_entity_poly.pdbx_target_identifier         ? 
# 
loop_
_entity_poly_seq.entity_id 
_entity_poly_seq.num 
_entity_poly_seq.mon_id 
_entity_poly_seq.hetero 
1 1  G n 
1 2  C n 
1 3  U n 
1 4  U n 
1 5  C n 
1 6  A n 
1 7  A n 
1 8  C n 
1 9  A n 
1 10 A n 
1 11 C n 
1 12 C n 
1 13 C n 
1 14 C n 
1 15 G n 
1 16 U n 
1 17 A n 
1 18 G n 
1 19 G n 
1 20 U n 
1 21 G n 
1 22 G n 
1 23 G n 
1 24 G n 
1 25 A n 
1 26 C n 
1 27 G n 
1 28 A n 
1 29 A n 
1 30 A n 
1 31 G n 
1 32 U n 
1 33 C n 
1 34 A n 
1 35 G n 
1 36 C n 
1 37 G n 
1 38 C n 
1 39 A n 
1 40 C n 
1 41 C n 
1 42 U n 
1 43 A n 
1 44 C n 
1 45 U n 
1 46 G n 
1 47 G n 
1 48 A n 
1 49 G n 
1 50 C n 
1 51 C n 
# 
_pdbx_entity_src_syn.entity_id              1 
_pdbx_entity_src_syn.pdbx_src_id            1 
_pdbx_entity_src_syn.pdbx_alt_source_flag   sample 
_pdbx_entity_src_syn.pdbx_beg_seq_num       1 
_pdbx_entity_src_syn.pdbx_end_seq_num       51 
_pdbx_entity_src_syn.organism_scientific    'synthetic construct' 
_pdbx_entity_src_syn.organism_common_name   ? 
_pdbx_entity_src_syn.ncbi_taxonomy_id       32630 
_pdbx_entity_src_syn.details                ? 
# 
_struct_ref.id                         1 
_struct_ref.db_name                    PDB 
_struct_ref.db_code                    7D7X 
_struct_ref.pdbx_db_accession          7D7X 
_struct_ref.pdbx_db_isoform            ? 
_struct_ref.entity_id                  1 
_struct_ref.pdbx_seq_one_letter_code   ? 
_struct_ref.pdbx_align_begin           1 
# 
_struct_ref_seq.align_id                      1 
_struct_ref_seq.ref_id                        1 
_struct_ref_seq.pdbx_PDB_id_code              7D7X 
_struct_ref_seq.pdbx_strand_id                A 
_struct_ref_seq.seq_align_beg                 1 
_struct_ref_seq.pdbx_seq_align_beg_ins_code   ? 
_struct_ref_seq.seq_align_end                 51 
_struct_ref_seq.pdbx_seq_align_end_ins_code   ? 
_struct_ref_seq.pdbx_db_accession             7D7X 
_struct_ref_seq.db_align_beg                  2 
_struct_ref_seq.pdbx_db_align_beg_ins_code    ? 
_struct_ref_seq.db_align_end                  52 
_struct_ref_seq.pdbx_db_align_end_ins_code    ? 
_struct_ref_seq.pdbx_auth_seq_align_beg       2 
_struct_ref_seq.pdbx_auth_seq_align_end       52 
# 
loop_
_chem_comp.id 
_chem_comp.type 
_chem_comp.mon_nstd_flag 
_chem_comp.name 
_chem_comp.pdbx_synonyms 
_chem_comp.formula 
_chem_comp.formula_weight 
A   'RNA linking' y "ADENOSINE-5'-MONOPHOSPHATE" ? 'C10 H14 N5 O7 P'   347.221 
ADP non-polymer   n "ADENOSINE-5'-DIPHOSPHATE"   ? 'C10 H15 N5 O10 P2' 427.201 
C   'RNA linking' y "CYTIDINE-5'-MONOPHOSPHATE"  ? 'C9 H14 N3 O8 P'    323.197 
G   'RNA linking' y "GUANOSINE-5'-MONOPHOSPHATE" ? 'C10 H14 N5 O8 P'   363.221 
GTP non-polymer   n "GUANOSINE-5'-TRIPHOSPHATE"  ? 'C10 H16 N5 O14 P3' 523.180 
HOH non-polymer   . WATER                        ? 'H2 O'              18.015  
MG  non-polymer   . 'MAGNESIUM ION'              ? 'Mg 2'              24.305  
U   'RNA linking' y "URIDINE-5'-MONOPHOSPHATE"   ? 'C9 H13 N2 O9 P'    324.181 
# 
_exptl.absorpt_coefficient_mu     ? 
_exptl.absorpt_correction_T_max   ? 
_exptl.absorpt_correction_T_min   ? 
_exptl.absorpt_correction_type    ? 
_exptl.absorpt_process_details    ? 
_exptl.entry_id                   7D7X 
_exptl.crystals_number            1 
_exptl.details                    ? 
_exptl.method                     'X-RAY DIFFRACTION' 
_exptl.method_details             ? 
# 
_exptl_crystal.colour                      ? 
_exptl_crystal.density_diffrn              ? 
_exptl_crystal.density_Matthews            4.75 
_exptl_crystal.density_method              ? 
_exptl_crystal.density_percent_sol         74.13 
_exptl_crystal.description                 ? 
_exptl_crystal.F_000                       ? 
_exptl_crystal.id                          1 
_exptl_crystal.preparation                 ? 
_exptl_crystal.size_max                    ? 
_exptl_crystal.size_mid                    ? 
_exptl_crystal.size_min                    ? 
_exptl_crystal.size_rad                    ? 
_exptl_crystal.colour_lustre               ? 
_exptl_crystal.colour_modifier             ? 
_exptl_crystal.colour_primary              ? 
_exptl_crystal.density_meas                ? 
_exptl_crystal.density_meas_esd            ? 
_exptl_crystal.density_meas_gt             ? 
_exptl_crystal.density_meas_lt             ? 
_exptl_crystal.density_meas_temp           ? 
_exptl_crystal.density_meas_temp_esd       ? 
_exptl_crystal.density_meas_temp_gt        ? 
_exptl_crystal.density_meas_temp_lt        ? 
_exptl_crystal.pdbx_crystal_image_url      ? 
_exptl_crystal.pdbx_crystal_image_format   ? 
_exptl_crystal.pdbx_mosaicity              ? 
_exptl_crystal.pdbx_mosaicity_esd          ? 
# 
_exptl_crystal_grow.apparatus       ? 
_exptl_crystal_grow.atmosphere      ? 
_exptl_crystal_grow.crystal_id      1 
_exptl_crystal_grow.details         ? 
_exptl_crystal_grow.method          'VAPOR DIFFUSION, SITTING DROP' 
_exptl_crystal_grow.method_ref      ? 
_exptl_crystal_grow.pH              ? 
_exptl_crystal_grow.pressure        ? 
_exptl_crystal_grow.pressure_esd    ? 
_exptl_crystal_grow.seeding         ? 
_exptl_crystal_grow.seeding_ref     ? 
_exptl_crystal_grow.temp            289 
_exptl_crystal_grow.temp_details    ? 
_exptl_crystal_grow.temp_esd        ? 
_exptl_crystal_grow.time            ? 
_exptl_crystal_grow.pdbx_details    '0.1 M MES pH 6.5, 1.6 M MgSO4' 
_exptl_crystal_grow.pdbx_pH_range   ? 
# 
_diffrn.ambient_environment              ? 
_diffrn.ambient_temp                     100 
_diffrn.ambient_temp_details             ? 
_diffrn.ambient_temp_esd                 ? 
_diffrn.crystal_id                       1 
_diffrn.crystal_support                  ? 
_diffrn.crystal_treatment                ? 
_diffrn.details                          ? 
_diffrn.id                               1 
_diffrn.ambient_pressure                 ? 
_diffrn.ambient_pressure_esd             ? 
_diffrn.ambient_pressure_gt              ? 
_diffrn.ambient_pressure_lt              ? 
_diffrn.ambient_temp_gt                  ? 
_diffrn.ambient_temp_lt                  ? 
_diffrn.pdbx_serial_crystal_experiment   N 
# 
_diffrn_detector.details                      ? 
_diffrn_detector.detector                     PIXEL 
_diffrn_detector.diffrn_id                    1 
_diffrn_detector.type                         'DECTRIS PILATUS3 6M' 
_diffrn_detector.area_resol_mean              ? 
_diffrn_detector.dtime                        ? 
_diffrn_detector.pdbx_frames_total            ? 
_diffrn_detector.pdbx_collection_time_total   ? 
_diffrn_detector.pdbx_collection_date         2020-01-13 
_diffrn_detector.pdbx_frequency               ? 
# 
_diffrn_radiation.collimation                      ? 
_diffrn_radiation.diffrn_id                        1 
_diffrn_radiation.filter_edge                      ? 
_diffrn_radiation.inhomogeneity                    ? 
_diffrn_radiation.monochromator                    ? 
_diffrn_radiation.polarisn_norm                    ? 
_diffrn_radiation.polarisn_ratio                   ? 
_diffrn_radiation.probe                            ? 
_diffrn_radiation.type                             ? 
_diffrn_radiation.xray_symbol                      ? 
_diffrn_radiation.wavelength_id                    1 
_diffrn_radiation.pdbx_monochromatic_or_laue_m_l   M 
_diffrn_radiation.pdbx_wavelength_list             ? 
_diffrn_radiation.pdbx_wavelength                  ? 
_diffrn_radiation.pdbx_diffrn_protocol             'SINGLE WAVELENGTH' 
_diffrn_radiation.pdbx_analyzer                    ? 
_diffrn_radiation.pdbx_scattering_type             x-ray 
# 
_diffrn_radiation_wavelength.id           1 
_diffrn_radiation_wavelength.wavelength   0.97930 
_diffrn_radiation_wavelength.wt           1.0 
# 
_diffrn_source.current                     ? 
_diffrn_source.details                     ? 
_diffrn_source.diffrn_id                   1 
_diffrn_source.power                       ? 
_diffrn_source.size                        ? 
_diffrn_source.source                      SYNCHROTRON 
_diffrn_source.target                      ? 
_diffrn_source.type                        'SSRF BEAMLINE BL18U1' 
_diffrn_source.voltage                     ? 
_diffrn_source.take-off_angle              ? 
_diffrn_source.pdbx_wavelength_list        0.97930 
_diffrn_source.pdbx_wavelength             ? 
_diffrn_source.pdbx_synchrotron_beamline   BL18U1 
_diffrn_source.pdbx_synchrotron_site       SSRF 
# 
_reflns.B_iso_Wilson_estimate            ? 
_reflns.entry_id                         7D7X 
_reflns.data_reduction_details           ? 
_reflns.data_reduction_method            ? 
_reflns.d_resolution_high                2.6310 
_reflns.d_resolution_low                 50.000 
_reflns.details                          ? 
_reflns.limit_h_max                      ? 
_reflns.limit_h_min                      ? 
_reflns.limit_k_max                      ? 
_reflns.limit_k_min                      ? 
_reflns.limit_l_max                      ? 
_reflns.limit_l_min                      ? 
_reflns.number_all                       ? 
_reflns.number_obs                       9705 
_reflns.observed_criterion               ? 
_reflns.observed_criterion_F_max         ? 
_reflns.observed_criterion_F_min         ? 
_reflns.observed_criterion_I_max         ? 
_reflns.observed_criterion_I_min         ? 
_reflns.observed_criterion_sigma_F       ? 
_reflns.observed_criterion_sigma_I       ? 
_reflns.percent_possible_obs             99.900 
_reflns.R_free_details                   ? 
_reflns.Rmerge_F_all                     ? 
_reflns.Rmerge_F_obs                     ? 
_reflns.Friedel_coverage                 ? 
_reflns.number_gt                        ? 
_reflns.threshold_expression             ? 
_reflns.pdbx_redundancy                  12.000 
_reflns.pdbx_Rmerge_I_obs                0.103 
_reflns.pdbx_Rmerge_I_all                ? 
_reflns.pdbx_Rsym_value                  ? 
_reflns.pdbx_netI_over_av_sigmaI         ? 
_reflns.pdbx_netI_over_sigmaI            4.200 
_reflns.pdbx_res_netI_over_av_sigmaI_2   ? 
_reflns.pdbx_res_netI_over_sigmaI_2      ? 
_reflns.pdbx_chi_squared                 0.773 
_reflns.pdbx_scaling_rejects             ? 
_reflns.pdbx_d_res_high_opt              ? 
_reflns.pdbx_d_res_low_opt               ? 
_reflns.pdbx_d_res_opt_method            ? 
_reflns.phase_calculation_details        ? 
_reflns.pdbx_Rrim_I_all                  0.107 
_reflns.pdbx_Rpim_I_all                  0.030 
_reflns.pdbx_d_opt                       ? 
_reflns.pdbx_number_measured_all         ? 
_reflns.pdbx_diffrn_id                   1 
_reflns.pdbx_ordinal                     1 
_reflns.pdbx_CC_half                     ? 
_reflns.pdbx_CC_star                     ? 
_reflns.pdbx_R_split                     ? 
# 
loop_
_reflns_shell.d_res_high 
_reflns_shell.d_res_low 
_reflns_shell.meanI_over_sigI_all 
_reflns_shell.meanI_over_sigI_obs 
_reflns_shell.number_measured_all 
_reflns_shell.number_measured_obs 
_reflns_shell.number_possible 
_reflns_shell.number_unique_all 
_reflns_shell.number_unique_obs 
_reflns_shell.percent_possible_all 
_reflns_shell.percent_possible_obs 
_reflns_shell.Rmerge_F_all 
_reflns_shell.Rmerge_F_obs 
_reflns_shell.Rmerge_I_all 
_reflns_shell.Rmerge_I_obs 
_reflns_shell.meanI_over_sigI_gt 
_reflns_shell.meanI_over_uI_all 
_reflns_shell.meanI_over_uI_gt 
_reflns_shell.number_measured_gt 
_reflns_shell.number_unique_gt 
_reflns_shell.percent_possible_gt 
_reflns_shell.Rmerge_F_gt 
_reflns_shell.Rmerge_I_gt 
_reflns_shell.pdbx_redundancy 
_reflns_shell.pdbx_Rsym_value 
_reflns_shell.pdbx_chi_squared 
_reflns_shell.pdbx_netI_over_sigmaI_all 
_reflns_shell.pdbx_netI_over_sigmaI_obs 
_reflns_shell.pdbx_Rrim_I_all 
_reflns_shell.pdbx_Rpim_I_all 
_reflns_shell.pdbx_rejects 
_reflns_shell.pdbx_ordinal 
_reflns_shell.pdbx_diffrn_id 
_reflns_shell.pdbx_CC_half 
_reflns_shell.pdbx_CC_star 
_reflns_shell.pdbx_R_split 
2.640 2.730  ? ? ? ? ? ? 943  99.500  ? ? ? ? 0.945 ? ? ? ? ? ? ? ? 9.900  ? 0.421 ? ? 0.990 0.289 ? 1  1 0.904 ? ? 
2.730 2.840  ? ? ? ? ? ? 954  100.000 ? ? ? ? 0.607 ? ? ? ? ? ? ? ? 11.100 ? 0.416 ? ? 0.635 0.182 ? 2  1 0.984 ? ? 
2.840 2.970  ? ? ? ? ? ? 954  100.000 ? ? ? ? 0.329 ? ? ? ? ? ? ? ? 12.200 ? 0.422 ? ? 0.343 0.096 ? 3  1 0.996 ? ? 
2.970 3.130  ? ? ? ? ? ? 949  100.000 ? ? ? ? 0.185 ? ? ? ? ? ? ? ? 12.300 ? 0.479 ? ? 0.193 0.055 ? 4  1 0.999 ? ? 
3.130 3.330  ? ? ? ? ? ? 961  100.000 ? ? ? ? 0.129 ? ? ? ? ? ? ? ? 11.800 ? 0.521 ? ? 0.136 0.041 ? 5  1 0.998 ? ? 
3.330 3.580  ? ? ? ? ? ? 951  100.000 ? ? ? ? 0.095 ? ? ? ? ? ? ? ? 13.500 ? 0.582 ? ? 0.099 0.027 ? 6  1 0.999 ? ? 
3.580 3.940  ? ? ? ? ? ? 967  100.000 ? ? ? ? 0.085 ? ? ? ? ? ? ? ? 13.400 ? 0.730 ? ? 0.088 0.024 ? 7  1 0.999 ? ? 
3.940 4.510  ? ? ? ? ? ? 977  100.000 ? ? ? ? 0.088 ? ? ? ? ? ? ? ? 12.600 ? 0.965 ? ? 0.091 0.026 ? 8  1 0.999 ? ? 
4.510 5.690  ? ? ? ? ? ? 996  100.000 ? ? ? ? 0.083 ? ? ? ? ? ? ? ? 12.100 ? 1.361 ? ? 0.087 0.025 ? 9  1 0.998 ? ? 
5.690 50.000 ? ? ? ? ? ? 1053 99.800  ? ? ? ? 0.079 ? ? ? ? ? ? ? ? 11.500 ? 1.682 ? ? 0.083 0.024 ? 10 1 0.997 ? ? 
# 
_refine.aniso_B[1][1]                            ? 
_refine.aniso_B[1][2]                            ? 
_refine.aniso_B[1][3]                            ? 
_refine.aniso_B[2][2]                            ? 
_refine.aniso_B[2][3]                            ? 
_refine.aniso_B[3][3]                            ? 
_refine.B_iso_max                                152.720 
_refine.B_iso_mean                               79.8285 
_refine.B_iso_min                                57.310 
_refine.correlation_coeff_Fo_to_Fc               ? 
_refine.correlation_coeff_Fo_to_Fc_free          ? 
_refine.details                                  ? 
_refine.diff_density_max                         ? 
_refine.diff_density_max_esd                     ? 
_refine.diff_density_min                         ? 
_refine.diff_density_min_esd                     ? 
_refine.diff_density_rms                         ? 
_refine.diff_density_rms_esd                     ? 
_refine.entry_id                                 7D7X 
_refine.pdbx_refine_id                           'X-RAY DIFFRACTION' 
_refine.ls_abs_structure_details                 ? 
_refine.ls_abs_structure_Flack                   ? 
_refine.ls_abs_structure_Flack_esd               ? 
_refine.ls_abs_structure_Rogers                  ? 
_refine.ls_abs_structure_Rogers_esd              ? 
_refine.ls_d_res_high                            2.6310 
_refine.ls_d_res_low                             26.6360 
_refine.ls_extinction_coef                       ? 
_refine.ls_extinction_coef_esd                   ? 
_refine.ls_extinction_expression                 ? 
_refine.ls_extinction_method                     ? 
_refine.ls_goodness_of_fit_all                   ? 
_refine.ls_goodness_of_fit_all_esd               ? 
_refine.ls_goodness_of_fit_obs                   ? 
_refine.ls_goodness_of_fit_obs_esd               ? 
_refine.ls_hydrogen_treatment                    ? 
_refine.ls_matrix_type                           ? 
_refine.ls_number_constraints                    ? 
_refine.ls_number_parameters                     ? 
_refine.ls_number_reflns_all                     ? 
_refine.ls_number_reflns_obs                     9493 
_refine.ls_number_reflns_R_free                  478 
_refine.ls_number_reflns_R_work                  9015 
_refine.ls_number_restraints                     ? 
_refine.ls_percent_reflns_obs                    97.8300 
_refine.ls_percent_reflns_R_free                 5.0400 
_refine.ls_R_factor_all                          ? 
_refine.ls_R_factor_obs                          0.2233 
_refine.ls_R_factor_R_free                       0.2427 
_refine.ls_R_factor_R_free_error                 ? 
_refine.ls_R_factor_R_free_error_details         ? 
_refine.ls_R_factor_R_work                       0.2222 
_refine.ls_R_Fsqd_factor_obs                     ? 
_refine.ls_R_I_factor_obs                        ? 
_refine.ls_redundancy_reflns_all                 ? 
_refine.ls_redundancy_reflns_obs                 ? 
_refine.ls_restrained_S_all                      ? 
_refine.ls_restrained_S_obs                      ? 
_refine.ls_shift_over_esd_max                    ? 
_refine.ls_shift_over_esd_mean                   ? 
_refine.ls_structure_factor_coef                 ? 
_refine.ls_weighting_details                     ? 
_refine.ls_weighting_scheme                      ? 
_refine.ls_wR_factor_all                         ? 
_refine.ls_wR_factor_obs                         ? 
_refine.ls_wR_factor_R_free                      ? 
_refine.ls_wR_factor_R_work                      ? 
_refine.occupancy_max                            ? 
_refine.occupancy_min                            ? 
_refine.solvent_model_details                    'FLAT BULK SOLVENT MODEL' 
_refine.solvent_model_param_bsol                 ? 
_refine.solvent_model_param_ksol                 ? 
_refine.pdbx_R_complete                          ? 
_refine.ls_R_factor_gt                           ? 
_refine.ls_goodness_of_fit_gt                    ? 
_refine.ls_goodness_of_fit_ref                   ? 
_refine.ls_shift_over_su_max                     ? 
_refine.ls_shift_over_su_max_lt                  ? 
_refine.ls_shift_over_su_mean                    ? 
_refine.ls_shift_over_su_mean_lt                 ? 
_refine.pdbx_ls_sigma_I                          ? 
_refine.pdbx_ls_sigma_F                          1.360 
_refine.pdbx_ls_sigma_Fsqd                       ? 
_refine.pdbx_data_cutoff_high_absF               ? 
_refine.pdbx_data_cutoff_high_rms_absF           ? 
_refine.pdbx_data_cutoff_low_absF                ? 
_refine.pdbx_isotropic_thermal_model             ? 
_refine.pdbx_ls_cross_valid_method               THROUGHOUT 
_refine.pdbx_method_to_determine_struct          'MOLECULAR REPLACEMENT' 
_refine.pdbx_starting_model                      7D7V 
_refine.pdbx_stereochemistry_target_values       ML 
_refine.pdbx_R_Free_selection_details            ? 
_refine.pdbx_stereochem_target_val_spec_case     ? 
_refine.pdbx_overall_ESU_R                       ? 
_refine.pdbx_overall_ESU_R_Free                  ? 
_refine.pdbx_solvent_vdw_probe_radii             1.1100 
_refine.pdbx_solvent_ion_probe_radii             ? 
_refine.pdbx_solvent_shrinkage_radii             0.9000 
_refine.pdbx_real_space_R                        ? 
_refine.pdbx_density_correlation                 ? 
_refine.pdbx_pd_number_of_powder_patterns        ? 
_refine.pdbx_pd_number_of_points                 ? 
_refine.pdbx_pd_meas_number_of_points            ? 
_refine.pdbx_pd_proc_ls_prof_R_factor            ? 
_refine.pdbx_pd_proc_ls_prof_wR_factor           ? 
_refine.pdbx_pd_Marquardt_correlation_coeff      ? 
_refine.pdbx_pd_Fsqrd_R_factor                   ? 
_refine.pdbx_pd_ls_matrix_band_width             ? 
_refine.pdbx_overall_phase_error                 37.5300 
_refine.pdbx_overall_SU_R_free_Cruickshank_DPI   ? 
_refine.pdbx_overall_SU_R_free_Blow_DPI          ? 
_refine.pdbx_overall_SU_R_Blow_DPI               ? 
_refine.pdbx_TLS_residual_ADP_flag               ? 
_refine.pdbx_diffrn_id                           1 
_refine.overall_SU_B                             ? 
_refine.overall_SU_ML                            0.4800 
_refine.overall_SU_R_Cruickshank_DPI             ? 
_refine.overall_SU_R_free                        ? 
_refine.overall_FOM_free_R_set                   ? 
_refine.overall_FOM_work_R_set                   ? 
_refine.pdbx_average_fsc_overall                 ? 
_refine.pdbx_average_fsc_work                    ? 
_refine.pdbx_average_fsc_free                    ? 
# 
_refine_hist.pdbx_refine_id                   'X-RAY DIFFRACTION' 
_refine_hist.cycle_id                         final 
_refine_hist.details                          ? 
_refine_hist.d_res_high                       2.6310 
_refine_hist.d_res_low                        26.6360 
_refine_hist.number_atoms_solvent             40 
_refine_hist.number_atoms_total               1198 
_refine_hist.number_reflns_all                ? 
_refine_hist.number_reflns_obs                ? 
_refine_hist.number_reflns_R_free             ? 
_refine_hist.number_reflns_R_work             ? 
_refine_hist.R_factor_all                     ? 
_refine_hist.R_factor_obs                     ? 
_refine_hist.R_factor_R_free                  ? 
_refine_hist.R_factor_R_work                  ? 
_refine_hist.pdbx_number_residues_total       52 
_refine_hist.pdbx_B_iso_mean_ligand           79.16 
_refine_hist.pdbx_B_iso_mean_solvent          78.12 
_refine_hist.pdbx_number_atoms_protein        0 
_refine_hist.pdbx_number_atoms_nucleic_acid   1123 
_refine_hist.pdbx_number_atoms_ligand         35 
_refine_hist.pdbx_number_atoms_lipid          ? 
_refine_hist.pdbx_number_atoms_carb           ? 
_refine_hist.pdbx_pseudo_atom_details         ? 
# 
loop_
_refine_ls_shell.pdbx_refine_id 
_refine_ls_shell.d_res_high 
_refine_ls_shell.d_res_low 
_refine_ls_shell.number_reflns_all 
_refine_ls_shell.number_reflns_obs 
_refine_ls_shell.number_reflns_R_free 
_refine_ls_shell.number_reflns_R_work 
_refine_ls_shell.percent_reflns_obs 
_refine_ls_shell.percent_reflns_R_free 
_refine_ls_shell.R_factor_all 
_refine_ls_shell.R_factor_obs 
_refine_ls_shell.R_factor_R_free 
_refine_ls_shell.R_factor_R_free_error 
_refine_ls_shell.R_factor_R_work 
_refine_ls_shell.redundancy_reflns_all 
_refine_ls_shell.redundancy_reflns_obs 
_refine_ls_shell.wR_factor_all 
_refine_ls_shell.wR_factor_obs 
_refine_ls_shell.wR_factor_R_free 
_refine_ls_shell.wR_factor_R_work 
_refine_ls_shell.pdbx_R_complete 
_refine_ls_shell.pdbx_total_number_of_bins_used 
_refine_ls_shell.pdbx_phase_error 
_refine_ls_shell.pdbx_fsc_work 
_refine_ls_shell.pdbx_fsc_free 
'X-RAY DIFFRACTION' 2.6311 3.0114  . . 164 2926 98.0000 . . . 0.4366 0.0000 0.4088 . . . . . . . . . . . 
'X-RAY DIFFRACTION' 3.0114 3.7922  . . 146 2954 97.0000 . . . 0.2784 0.0000 0.2395 . . . . . . . . . . . 
'X-RAY DIFFRACTION' 3.7922 26.6360 . . 168 3135 99.0000 . . . 0.1917 0.0000 0.1832 . . . . . . . . . . . 
# 
_struct.entry_id                     7D7X 
_struct.title                        'Crystal Structure of the Domain1 of NAD+ Riboswitch with adenosine diphosphate (ADP)' 
_struct.pdbx_model_details           ? 
_struct.pdbx_formula_weight          ? 
_struct.pdbx_formula_weight_method   ? 
_struct.pdbx_model_type_details      ? 
_struct.pdbx_CASP_flag               N 
# 
_struct_keywords.entry_id        7D7X 
_struct_keywords.text            'riboswitch, RNA structure, RNA folding, RNA-ligand interactions, RNA crystallography, RNA' 
_struct_keywords.pdbx_keywords   RNA 
# 
loop_
_struct_asym.id 
_struct_asym.pdbx_blank_PDB_chainid_flag 
_struct_asym.pdbx_modified 
_struct_asym.entity_id 
_struct_asym.details 
A N N 1 ? 
B N N 2 ? 
C N N 3 ? 
D N N 3 ? 
E N N 3 ? 
F N N 3 ? 
G N N 3 ? 
H N N 3 ? 
I N N 3 ? 
J N N 3 ? 
K N N 4 ? 
L N N 5 ? 
# 
loop_
_struct_conn.id 
_struct_conn.conn_type_id 
_struct_conn.pdbx_leaving_atom_flag 
_struct_conn.pdbx_PDB_id 
_struct_conn.ptnr1_label_asym_id 
_struct_conn.ptnr1_label_comp_id 
_struct_conn.ptnr1_label_seq_id 
_struct_conn.ptnr1_label_atom_id 
_struct_conn.pdbx_ptnr1_label_alt_id 
_struct_conn.pdbx_ptnr1_PDB_ins_code 
_struct_conn.pdbx_ptnr1_standard_comp_id 
_struct_conn.ptnr1_symmetry 
_struct_conn.ptnr2_label_asym_id 
_struct_conn.ptnr2_label_comp_id 
_struct_conn.ptnr2_label_seq_id 
_struct_conn.ptnr2_label_atom_id 
_struct_conn.pdbx_ptnr2_label_alt_id 
_struct_conn.pdbx_ptnr2_PDB_ins_code 
_struct_conn.ptnr1_auth_asym_id 
_struct_conn.ptnr1_auth_comp_id 
_struct_conn.ptnr1_auth_seq_id 
_struct_conn.ptnr2_auth_asym_id 
_struct_conn.ptnr2_auth_comp_id 
_struct_conn.ptnr2_auth_seq_id 
_struct_conn.ptnr2_symmetry 
_struct_conn.pdbx_ptnr3_label_atom_id 
_struct_conn.pdbx_ptnr3_label_seq_id 
_struct_conn.pdbx_ptnr3_label_comp_id 
_struct_conn.pdbx_ptnr3_label_asym_id 
_struct_conn.pdbx_ptnr3_label_alt_id 
_struct_conn.pdbx_ptnr3_PDB_ins_code 
_struct_conn.details 
_struct_conn.pdbx_dist_value 
_struct_conn.pdbx_value_order 
_struct_conn.pdbx_role 
metalc1  metalc ? ? A A  6  OP2 ? ? ? 1_555 F MG  .  MG  ? ? A A  7   A MG  105 1_555 ? ? ? ? ? ? ?             2.262 ? ? 
metalc2  metalc ? ? A A  7  OP2 ? ? ? 1_555 I MG  .  MG  ? ? A A  8   A MG  108 1_555 ? ? ? ? ? ? ?             1.871 ? ? 
metalc3  metalc ? ? A C  8  OP2 ? ? ? 1_555 I MG  .  MG  ? ? A C  9   A MG  108 1_555 ? ? ? ? ? ? ?             2.077 ? ? 
metalc4  metalc ? ? A A  10 OP2 ? ? ? 1_555 C MG  .  MG  ? ? A A  11  A MG  102 1_555 ? ? ? ? ? ? ?             2.256 ? ? 
metalc5  metalc ? ? A U  16 OP1 ? ? ? 1_555 C MG  .  MG  ? ? A U  17  A MG  102 2_455 ? ? ? ? ? ? ?             2.041 ? ? 
metalc6  metalc ? ? A G  46 O6  ? ? ? 1_555 J MG  .  MG  ? ? A G  47  A MG  109 1_555 ? ? ? ? ? ? ?             1.937 ? ? 
metalc7  metalc ? ? C MG .  MG  ? ? ? 1_555 L HOH .  O   ? ? A MG 102 A HOH 203 1_555 ? ? ? ? ? ? ?             1.701 ? ? 
metalc8  metalc ? ? C MG .  MG  ? ? ? 1_555 L HOH .  O   ? ? A MG 102 A HOH 219 1_555 ? ? ? ? ? ? ?             2.421 ? ? 
metalc9  metalc ? ? C MG .  MG  ? ? ? 1_555 L HOH .  O   ? ? A MG 102 A HOH 220 2_455 ? ? ? ? ? ? ?             2.113 ? ? 
metalc10 metalc ? ? C MG .  MG  ? ? ? 1_555 L HOH .  O   ? ? A MG 102 A HOH 221 1_555 ? ? ? ? ? ? ?             2.123 ? ? 
metalc11 metalc ? ? D MG .  MG  ? ? ? 1_555 L HOH .  O   ? ? A MG 103 A HOH 208 1_555 ? ? ? ? ? ? ?             2.110 ? ? 
metalc12 metalc ? ? D MG .  MG  ? ? ? 1_555 L HOH .  O   ? ? A MG 103 A HOH 209 1_555 ? ? ? ? ? ? ?             2.133 ? ? 
metalc13 metalc ? ? D MG .  MG  ? ? ? 1_555 L HOH .  O   ? ? A MG 103 A HOH 214 1_555 ? ? ? ? ? ? ?             2.512 ? ? 
metalc14 metalc ? ? D MG .  MG  ? ? ? 1_555 L HOH .  O   ? ? A MG 103 A HOH 231 1_555 ? ? ? ? ? ? ?             2.063 ? ? 
metalc15 metalc ? ? D MG .  MG  ? ? ? 1_555 L HOH .  O   ? ? A MG 103 A HOH 238 1_555 ? ? ? ? ? ? ?             2.516 ? ? 
metalc16 metalc ? ? D MG .  MG  ? ? ? 1_555 L HOH .  O   ? ? A MG 103 A HOH 239 1_555 ? ? ? ? ? ? ?             2.480 ? ? 
metalc17 metalc ? ? E MG .  MG  ? ? ? 1_555 L HOH .  O   ? ? A MG 104 A HOH 204 8_544 ? ? ? ? ? ? ?             2.096 ? ? 
metalc18 metalc ? ? E MG .  MG  ? ? ? 1_555 L HOH .  O   ? ? A MG 104 A HOH 222 8_544 ? ? ? ? ? ? ?             2.331 ? ? 
metalc19 metalc ? ? E MG .  MG  ? ? ? 1_555 L HOH .  O   ? ? A MG 104 A HOH 226 1_555 ? ? ? ? ? ? ?             2.491 ? ? 
metalc20 metalc ? ? E MG .  MG  ? ? ? 1_555 L HOH .  O   ? ? A MG 104 A HOH 229 8_544 ? ? ? ? ? ? ?             1.885 ? ? 
metalc21 metalc ? ? E MG .  MG  ? ? ? 1_555 L HOH .  O   ? ? A MG 104 A HOH 233 8_544 ? ? ? ? ? ? ?             2.290 ? ? 
metalc22 metalc ? ? E MG .  MG  ? ? ? 1_555 L HOH .  O   ? ? A MG 104 A HOH 235 1_555 ? ? ? ? ? ? ?             2.096 ? ? 
metalc23 metalc ? ? F MG .  MG  ? ? ? 1_555 L HOH .  O   ? ? A MG 105 A HOH 211 1_555 ? ? ? ? ? ? ?             2.240 ? ? 
metalc24 metalc ? ? F MG .  MG  ? ? ? 1_555 L HOH .  O   ? ? A MG 105 A HOH 215 1_555 ? ? ? ? ? ? ?             2.419 ? ? 
metalc25 metalc ? ? F MG .  MG  ? ? ? 1_555 L HOH .  O   ? ? A MG 105 A HOH 216 1_555 ? ? ? ? ? ? ?             2.380 ? ? 
metalc26 metalc ? ? F MG .  MG  ? ? ? 1_555 L HOH .  O   ? ? A MG 105 A HOH 224 1_555 ? ? ? ? ? ? ?             2.338 ? ? 
metalc27 metalc ? ? F MG .  MG  ? ? ? 1_555 L HOH .  O   ? ? A MG 105 A HOH 225 1_555 ? ? ? ? ? ? ?             2.286 ? ? 
metalc28 metalc ? ? G MG .  MG  ? ? ? 1_555 K ADP .  O1B ? ? A MG 106 A ADP 110 1_555 ? ? ? ? ? ? ?             2.054 ? ? 
metalc29 metalc ? ? G MG .  MG  ? ? ? 1_555 K ADP .  O1A ? ? A MG 106 A ADP 110 1_555 ? ? ? ? ? ? ?             2.646 ? ? 
metalc30 metalc ? ? G MG .  MG  ? ? ? 1_555 L HOH .  O   ? ? A MG 106 A HOH 202 1_555 ? ? ? ? ? ? ?             2.276 ? ? 
metalc31 metalc ? ? G MG .  MG  ? ? ? 1_555 L HOH .  O   ? ? A MG 106 A HOH 205 1_555 ? ? ? ? ? ? ?             2.254 ? ? 
metalc32 metalc ? ? G MG .  MG  ? ? ? 1_555 L HOH .  O   ? ? A MG 106 A HOH 217 1_555 ? ? ? ? ? ? ?             1.878 ? ? 
metalc33 metalc ? ? H MG .  MG  ? ? ? 1_555 L HOH .  O   ? ? A MG 107 A HOH 223 8_544 ? ? ? ? ? ? ?             1.947 ? ? 
metalc34 metalc ? ? H MG .  MG  ? ? ? 1_555 L HOH .  O   ? ? A MG 107 A HOH 230 1_555 ? ? ? ? ? ? ?             2.688 ? ? 
metalc35 metalc ? ? H MG .  MG  ? ? ? 1_555 L HOH .  O   ? ? A MG 107 A HOH 232 8_544 ? ? ? ? ? ? ?             2.132 ? ? 
metalc36 metalc ? ? H MG .  MG  ? ? ? 1_555 L HOH .  O   ? ? A MG 107 A HOH 236 8_544 ? ? ? ? ? ? ?             2.182 ? ? 
metalc37 metalc ? ? H MG .  MG  ? ? ? 1_555 L HOH .  O   ? ? A MG 107 A HOH 237 8_544 ? ? ? ? ? ? ?             2.228 ? ? 
metalc38 metalc ? ? H MG .  MG  ? ? ? 1_555 L HOH .  O   ? ? A MG 107 A HOH 240 8_544 ? ? ? ? ? ? ?             2.080 ? ? 
metalc39 metalc ? ? I MG .  MG  ? ? ? 1_555 L HOH .  O   ? ? A MG 108 A HOH 207 1_555 ? ? ? ? ? ? ?             2.250 ? ? 
metalc40 metalc ? ? I MG .  MG  ? ? ? 1_555 L HOH .  O   ? ? A MG 108 A HOH 212 1_555 ? ? ? ? ? ? ?             2.336 ? ? 
metalc41 metalc ? ? I MG .  MG  ? ? ? 1_555 L HOH .  O   ? ? A MG 108 A HOH 213 1_555 ? ? ? ? ? ? ?             1.973 ? ? 
metalc42 metalc ? ? J MG .  MG  ? ? ? 1_555 L HOH .  O   ? ? A MG 109 A HOH 201 1_555 ? ? ? ? ? ? ?             2.244 ? ? 
metalc43 metalc ? ? J MG .  MG  ? ? ? 1_555 L HOH .  O   ? ? A MG 109 A HOH 206 1_555 ? ? ? ? ? ? ?             2.303 ? ? 
metalc44 metalc ? ? J MG .  MG  ? ? ? 1_555 L HOH .  O   ? ? A MG 109 A HOH 218 1_555 ? ? ? ? ? ? ?             2.187 ? ? 
metalc45 metalc ? ? J MG .  MG  ? ? ? 1_555 L HOH .  O   ? ? A MG 109 A HOH 228 1_555 ? ? ? ? ? ? ?             2.374 ? ? 
metalc46 metalc ? ? J MG .  MG  ? ? ? 1_555 L HOH .  O   ? ? A MG 109 A HOH 234 1_555 ? ? ? ? ? ? ?             2.084 ? ? 
hydrog1  hydrog ? ? A G  1  N1  ? ? ? 1_555 A C   50 N3  ? ? A G  2   A C   51  1_555 ? ? ? ? ? ? WATSON-CRICK  ?     ? ? 
hydrog2  hydrog ? ? A G  1  N2  ? ? ? 1_555 A C   50 O2  ? ? A G  2   A C   51  1_555 ? ? ? ? ? ? WATSON-CRICK  ?     ? ? 
hydrog3  hydrog ? ? A G  1  O6  ? ? ? 1_555 A C   50 N4  ? ? A G  2   A C   51  1_555 ? ? ? ? ? ? WATSON-CRICK  ?     ? ? 
hydrog4  hydrog ? ? A C  2  N3  ? ? ? 1_555 A G   49 N1  ? ? A C  3   A G   50  1_555 ? ? ? ? ? ? WATSON-CRICK  ?     ? ? 
hydrog5  hydrog ? ? A C  2  N4  ? ? ? 1_555 A G   49 O6  ? ? A C  3   A G   50  1_555 ? ? ? ? ? ? WATSON-CRICK  ?     ? ? 
hydrog6  hydrog ? ? A C  2  O2  ? ? ? 1_555 A G   49 N2  ? ? A C  3   A G   50  1_555 ? ? ? ? ? ? WATSON-CRICK  ?     ? ? 
hydrog7  hydrog ? ? A U  3  N3  ? ? ? 1_555 A A   48 N1  ? ? A U  4   A A   49  1_555 ? ? ? ? ? ? WATSON-CRICK  ?     ? ? 
hydrog8  hydrog ? ? A U  3  O4  ? ? ? 1_555 A A   48 N6  ? ? A U  4   A A   49  1_555 ? ? ? ? ? ? WATSON-CRICK  ?     ? ? 
hydrog9  hydrog ? ? A U  4  N3  ? ? ? 1_555 A G   47 O6  ? ? A U  5   A G   48  1_555 ? ? ? ? ? ? TYPE_28_PAIR  ?     ? ? 
hydrog10 hydrog ? ? A U  4  O2  ? ? ? 1_555 A G   47 N1  ? ? A U  5   A G   48  1_555 ? ? ? ? ? ? TYPE_28_PAIR  ?     ? ? 
hydrog11 hydrog ? ? A C  5  N3  ? ? ? 1_555 A G   46 N1  ? ? A C  6   A G   47  1_555 ? ? ? ? ? ? WATSON-CRICK  ?     ? ? 
hydrog12 hydrog ? ? A C  5  N4  ? ? ? 1_555 A G   46 O6  ? ? A C  6   A G   47  1_555 ? ? ? ? ? ? WATSON-CRICK  ?     ? ? 
hydrog13 hydrog ? ? A C  5  O2  ? ? ? 1_555 A G   46 N2  ? ? A C  6   A G   47  1_555 ? ? ? ? ? ? WATSON-CRICK  ?     ? ? 
hydrog14 hydrog ? ? A A  6  N1  ? ? ? 1_555 A U   45 N3  ? ? A A  7   A U   46  1_555 ? ? ? ? ? ? WATSON-CRICK  ?     ? ? 
hydrog15 hydrog ? ? A A  6  N6  ? ? ? 1_555 A U   45 O4  ? ? A A  7   A U   46  1_555 ? ? ? ? ? ? WATSON-CRICK  ?     ? ? 
hydrog16 hydrog ? ? A C  12 N3  ? ? ? 1_555 A G   37 N1  ? ? A C  13  A G   38  1_555 ? ? ? ? ? ? WATSON-CRICK  ?     ? ? 
hydrog17 hydrog ? ? A C  12 N4  ? ? ? 1_555 A G   37 O6  ? ? A C  13  A G   38  1_555 ? ? ? ? ? ? WATSON-CRICK  ?     ? ? 
hydrog18 hydrog ? ? A C  12 O2  ? ? ? 1_555 A G   37 N2  ? ? A C  13  A G   38  1_555 ? ? ? ? ? ? WATSON-CRICK  ?     ? ? 
hydrog19 hydrog ? ? A C  13 N3  ? ? ? 1_555 A G   35 N1  ? ? A C  14  A G   36  1_555 ? ? ? ? ? ? WATSON-CRICK  ?     ? ? 
hydrog20 hydrog ? ? A C  13 N4  ? ? ? 1_555 A G   35 O6  ? ? A C  14  A G   36  1_555 ? ? ? ? ? ? WATSON-CRICK  ?     ? ? 
hydrog21 hydrog ? ? A C  13 O2  ? ? ? 1_555 A G   35 N2  ? ? A C  14  A G   36  1_555 ? ? ? ? ? ? WATSON-CRICK  ?     ? ? 
hydrog22 hydrog ? ? A G  15 N1  ? ? ? 1_555 A C   44 N3  ? ? A G  16  A C   45  1_555 ? ? ? ? ? ? WATSON-CRICK  ?     ? ? 
hydrog23 hydrog ? ? A G  15 N2  ? ? ? 1_555 A C   44 O2  ? ? A G  16  A C   45  1_555 ? ? ? ? ? ? WATSON-CRICK  ?     ? ? 
hydrog24 hydrog ? ? A G  15 O6  ? ? ? 1_555 A C   44 N4  ? ? A G  16  A C   45  1_555 ? ? ? ? ? ? WATSON-CRICK  ?     ? ? 
hydrog25 hydrog ? ? A U  16 N3  ? ? ? 1_555 A A   43 N1  ? ? A U  17  A A   44  1_555 ? ? ? ? ? ? WATSON-CRICK  ?     ? ? 
hydrog26 hydrog ? ? A U  16 O4  ? ? ? 1_555 A A   43 N6  ? ? A U  17  A A   44  1_555 ? ? ? ? ? ? WATSON-CRICK  ?     ? ? 
hydrog27 hydrog ? ? A A  17 N1  ? ? ? 1_555 A U   42 N3  ? ? A A  18  A U   43  1_555 ? ? ? ? ? ? WATSON-CRICK  ?     ? ? 
hydrog28 hydrog ? ? A A  17 N6  ? ? ? 1_555 A U   42 O4  ? ? A A  18  A U   43  1_555 ? ? ? ? ? ? WATSON-CRICK  ?     ? ? 
hydrog29 hydrog ? ? A G  18 N1  ? ? ? 1_555 A C   41 N3  ? ? A G  19  A C   42  1_555 ? ? ? ? ? ? WATSON-CRICK  ?     ? ? 
hydrog30 hydrog ? ? A G  18 N2  ? ? ? 1_555 A C   41 O2  ? ? A G  19  A C   42  1_555 ? ? ? ? ? ? WATSON-CRICK  ?     ? ? 
hydrog31 hydrog ? ? A G  18 O6  ? ? ? 1_555 A C   41 N4  ? ? A G  19  A C   42  1_555 ? ? ? ? ? ? WATSON-CRICK  ?     ? ? 
hydrog32 hydrog ? ? A G  19 N1  ? ? ? 1_555 A C   40 N3  ? ? A G  20  A C   41  1_555 ? ? ? ? ? ? WATSON-CRICK  ?     ? ? 
hydrog33 hydrog ? ? A G  19 N2  ? ? ? 1_555 A C   40 O2  ? ? A G  20  A C   41  1_555 ? ? ? ? ? ? WATSON-CRICK  ?     ? ? 
hydrog34 hydrog ? ? A G  19 O6  ? ? ? 1_555 A C   40 N4  ? ? A G  20  A C   41  1_555 ? ? ? ? ? ? WATSON-CRICK  ?     ? ? 
hydrog35 hydrog ? ? A U  20 N3  ? ? ? 1_555 A A   39 N1  ? ? A U  21  A A   40  1_555 ? ? ? ? ? ? WATSON-CRICK  ?     ? ? 
hydrog36 hydrog ? ? A U  20 O4  ? ? ? 1_555 A A   39 N6  ? ? A U  21  A A   40  1_555 ? ? ? ? ? ? WATSON-CRICK  ?     ? ? 
hydrog37 hydrog ? ? A G  21 N1  ? ? ? 1_555 A C   38 N3  ? ? A G  22  A C   39  1_555 ? ? ? ? ? ? WATSON-CRICK  ?     ? ? 
hydrog38 hydrog ? ? A G  21 N2  ? ? ? 1_555 A C   38 O2  ? ? A G  22  A C   39  1_555 ? ? ? ? ? ? WATSON-CRICK  ?     ? ? 
hydrog39 hydrog ? ? A G  21 O6  ? ? ? 1_555 A C   38 N4  ? ? A G  22  A C   39  1_555 ? ? ? ? ? ? WATSON-CRICK  ?     ? ? 
hydrog40 hydrog ? ? A G  22 N1  ? ? ? 1_555 A C   36 N3  ? ? A G  23  A C   37  1_555 ? ? ? ? ? ? WATSON-CRICK  ?     ? ? 
hydrog41 hydrog ? ? A G  22 N2  ? ? ? 1_555 A C   36 O2  ? ? A G  23  A C   37  1_555 ? ? ? ? ? ? WATSON-CRICK  ?     ? ? 
hydrog42 hydrog ? ? A G  22 O6  ? ? ? 1_555 A C   36 N4  ? ? A G  23  A C   37  1_555 ? ? ? ? ? ? WATSON-CRICK  ?     ? ? 
hydrog43 hydrog ? ? A G  23 N1  ? ? ? 1_555 A A   34 N1  ? ? A G  24  A A   35  1_555 ? ? ? ? ? ? TYPE_8_PAIR   ?     ? ? 
hydrog44 hydrog ? ? A G  23 O6  ? ? ? 1_555 A A   34 N6  ? ? A G  24  A A   35  1_555 ? ? ? ? ? ? TYPE_8_PAIR   ?     ? ? 
hydrog45 hydrog ? ? A G  24 N1  ? ? ? 1_555 A C   33 N3  ? ? A G  25  A C   34  1_555 ? ? ? ? ? ? WATSON-CRICK  ?     ? ? 
hydrog46 hydrog ? ? A G  24 N2  ? ? ? 1_555 A C   33 O2  ? ? A G  25  A C   34  1_555 ? ? ? ? ? ? WATSON-CRICK  ?     ? ? 
hydrog47 hydrog ? ? A G  24 O6  ? ? ? 1_555 A C   33 N4  ? ? A G  25  A C   34  1_555 ? ? ? ? ? ? WATSON-CRICK  ?     ? ? 
hydrog48 hydrog ? ? A A  25 N1  ? ? ? 1_555 A U   32 N3  ? ? A A  26  A U   33  1_555 ? ? ? ? ? ? WATSON-CRICK  ?     ? ? 
hydrog49 hydrog ? ? A A  25 N6  ? ? ? 1_555 A U   32 O4  ? ? A A  26  A U   33  1_555 ? ? ? ? ? ? WATSON-CRICK  ?     ? ? 
hydrog50 hydrog ? ? A C  26 N3  ? ? ? 1_555 A G   31 N1  ? ? A C  27  A G   32  1_555 ? ? ? ? ? ? WATSON-CRICK  ?     ? ? 
hydrog51 hydrog ? ? A C  26 N4  ? ? ? 1_555 A G   31 O6  ? ? A C  27  A G   32  1_555 ? ? ? ? ? ? WATSON-CRICK  ?     ? ? 
hydrog52 hydrog ? ? A C  26 O2  ? ? ? 1_555 A G   31 N2  ? ? A C  27  A G   32  1_555 ? ? ? ? ? ? WATSON-CRICK  ?     ? ? 
hydrog53 hydrog ? ? A G  27 N2  ? ? ? 1_555 A A   30 N7  ? ? A G  28  A A   31  1_555 ? ? ? ? ? ? 'G-A MISPAIR' ?     ? ? 
# 
loop_
_struct_conn_type.id 
_struct_conn_type.criteria 
_struct_conn_type.reference 
metalc ? ? 
hydrog ? ? 
# 
_atom_sites.entry_id                    7D7X 
_atom_sites.Cartn_transf_matrix[1][1]   ? 
_atom_sites.Cartn_transf_matrix[1][2]   ? 
_atom_sites.Cartn_transf_matrix[1][3]   ? 
_atom_sites.Cartn_transf_matrix[2][1]   ? 
_atom_sites.Cartn_transf_matrix[2][2]   ? 
_atom_sites.Cartn_transf_matrix[2][3]   ? 
_atom_sites.Cartn_transf_matrix[3][1]   ? 
_atom_sites.Cartn_transf_matrix[3][2]   ? 
_atom_sites.Cartn_transf_matrix[3][3]   ? 
_atom_sites.Cartn_transf_vector[1]      ? 
_atom_sites.Cartn_transf_vector[2]      ? 
_atom_sites.Cartn_transf_vector[3]      ? 
_atom_sites.fract_transf_matrix[1][1]   0.01698900 
_atom_sites.fract_transf_matrix[1][2]   -0.00558255 
_atom_sites.fract_transf_matrix[1][3]   0.00260191 
_atom_sites.fract_transf_matrix[2][1]   0.00169732 
_atom_sites.fract_transf_matrix[2][2]   -0.00280927 
_atom_sites.fract_transf_matrix[2][3]   -0.01711003 
_atom_sites.fract_transf_matrix[3][1]   0.00165950 
_atom_sites.fract_transf_matrix[3][2]   0.00476251 
_atom_sites.fract_transf_matrix[3][3]   -0.00061733 
_atom_sites.fract_transf_vector[1]      -0.473066 
_atom_sites.fract_transf_vector[2]      -0.265252 
_atom_sites.fract_transf_vector[3]      -0.147388 
_atom_sites.solution_primary            ? 
_atom_sites.solution_secondary          ? 
_atom_sites.solution_hydrogens          ? 
_atom_sites.special_details             ? 
# 
loop_
_atom_type.symbol 
C  
MG 
N  
O  
P  
# 
loop_
_atom_site.group_PDB 
_atom_site.id 
_atom_site.type_symbol 
_atom_site.label_atom_id 
_atom_site.label_alt_id 
_atom_site.label_comp_id 
_atom_site.label_asym_id 
_atom_site.label_entity_id 
_atom_site.label_seq_id 
_atom_site.pdbx_PDB_ins_code 
_atom_site.Cartn_x 
_atom_site.Cartn_y 
_atom_site.Cartn_z 
_atom_site.occupancy 
_atom_site.B_iso_or_equiv 
_atom_site.pdbx_formal_charge 
_atom_site.auth_seq_id 
_atom_site.auth_comp_id 
_atom_site.auth_asym_id 
_atom_site.auth_atom_id 
_atom_site.pdbx_PDB_model_num 
ATOM   1    P  P     . G   A 1 1  ? 9.572   21.161  3.062   1.00 100.00 ? 2   G   A P     1 
ATOM   2    O  OP1   . G   A 1 1  ? 11.042  20.920  2.996   1.00 101.80 ? 2   G   A OP1   1 
ATOM   3    O  OP2   . G   A 1 1  ? 8.890   22.162  2.207   1.00 100.76 ? 2   G   A OP2   1 
ATOM   4    O  "O5'" . G   A 1 1  ? 9.170   21.449  4.574   1.00 89.89  ? 2   G   A "O5'" 1 
ATOM   5    C  "C5'" . G   A 1 1  ? 9.158   22.756  5.102   1.00 93.57  ? 2   G   A "C5'" 1 
ATOM   6    C  "C4'" . G   A 1 1  ? 7.770   23.196  5.489   1.00 95.89  ? 2   G   A "C4'" 1 
ATOM   7    O  "O4'" . G   A 1 1  ? 7.318   24.250  4.611   1.00 97.84  ? 2   G   A "O4'" 1 
ATOM   8    C  "C3'" . G   A 1 1  ? 6.667   22.162  5.395   1.00 92.73  ? 2   G   A "C3'" 1 
ATOM   9    O  "O3'" . G   A 1 1  ? 6.686   21.247  6.481   1.00 102.86 ? 2   G   A "O3'" 1 
ATOM   10   C  "C2'" . G   A 1 1  ? 5.411   23.031  5.331   1.00 89.74  ? 2   G   A "C2'" 1 
ATOM   11   O  "O2'" . G   A 1 1  ? 5.060   23.525  6.613   1.00 92.35  ? 2   G   A "O2'" 1 
ATOM   12   C  "C1'" . G   A 1 1  ? 5.909   24.216  4.515   1.00 90.96  ? 2   G   A "C1'" 1 
ATOM   13   N  N9    . G   A 1 1  ? 5.524   24.142  3.097   1.00 86.84  ? 2   G   A N9    1 
ATOM   14   C  C8    . G   A 1 1  ? 6.315   23.785  2.030   1.00 85.46  ? 2   G   A C8    1 
ATOM   15   N  N7    . G   A 1 1  ? 5.675   23.847  0.895   1.00 82.27  ? 2   G   A N7    1 
ATOM   16   C  C5    . G   A 1 1  ? 4.394   24.273  1.236   1.00 83.52  ? 2   G   A C5    1 
ATOM   17   C  C6    . G   A 1 1  ? 3.257   24.519  0.423   1.00 85.06  ? 2   G   A C6    1 
ATOM   18   O  O6    . G   A 1 1  ? 3.158   24.403  -0.807  1.00 86.54  ? 2   G   A O6    1 
ATOM   19   N  N1    . G   A 1 1  ? 2.164   24.936  1.182   1.00 83.66  ? 2   G   A N1    1 
ATOM   20   C  C2    . G   A 1 1  ? 2.160   25.099  2.545   1.00 83.97  ? 2   G   A C2    1 
ATOM   21   N  N2    . G   A 1 1  ? 1.001   25.514  3.078   1.00 85.24  ? 2   G   A N2    1 
ATOM   22   N  N3    . G   A 1 1  ? 3.212   24.875  3.316   1.00 84.81  ? 2   G   A N3    1 
ATOM   23   C  C4    . G   A 1 1  ? 4.284   24.466  2.597   1.00 85.00  ? 2   G   A C4    1 
ATOM   24   P  P     . C   A 1 2  ? 5.650   20.017  6.553   1.00 101.35 ? 3   C   A P     1 
ATOM   25   O  OP1   . C   A 1 2  ? 6.187   19.005  7.495   1.00 102.69 ? 3   C   A OP1   1 
ATOM   26   O  OP2   . C   A 1 2  ? 5.249   19.584  5.190   1.00 94.84  ? 3   C   A OP2   1 
ATOM   27   O  "O5'" . C   A 1 2  ? 4.350   20.664  7.185   1.00 86.43  ? 3   C   A "O5'" 1 
ATOM   28   C  "C5'" . C   A 1 2  ? 3.127   19.986  7.058   1.00 89.90  ? 3   C   A "C5'" 1 
ATOM   29   C  "C4'" . C   A 1 2  ? 1.977   20.933  6.927   1.00 86.06  ? 3   C   A "C4'" 1 
ATOM   30   O  "O4'" . C   A 1 2  ? 2.261   21.973  5.961   1.00 84.80  ? 3   C   A "O4'" 1 
ATOM   31   C  "C3'" . C   A 1 2  ? 0.725   20.282  6.401   1.00 87.15  ? 3   C   A "C3'" 1 
ATOM   32   O  "O3'" . C   A 1 2  ? 0.054   19.563  7.404   1.00 89.40  ? 3   C   A "O3'" 1 
ATOM   33   C  "C2'" . C   A 1 2  ? -0.059  21.454  5.844   1.00 86.72  ? 3   C   A "C2'" 1 
ATOM   34   O  "O2'" . C   A 1 2  ? -0.722  22.151  6.882   1.00 84.36  ? 3   C   A "O2'" 1 
ATOM   35   C  "C1'" . C   A 1 2  ? 1.068   22.329  5.287   1.00 86.24  ? 3   C   A "C1'" 1 
ATOM   36   N  N1    . C   A 1 2  ? 1.264   22.116  3.835   1.00 86.71  ? 3   C   A N1    1 
ATOM   37   C  C2    . C   A 1 2  ? 0.228   22.430  2.927   1.00 86.35  ? 3   C   A C2    1 
ATOM   38   O  O2    . C   A 1 2  ? -0.858  22.883  3.332   1.00 89.29  ? 3   C   A O2    1 
ATOM   39   N  N3    . C   A 1 2  ? 0.423   22.231  1.599   1.00 83.30  ? 3   C   A N3    1 
ATOM   40   C  C4    . C   A 1 2  ? 1.592   21.750  1.167   1.00 84.73  ? 3   C   A C4    1 
ATOM   41   N  N4    . C   A 1 2  ? 1.739   21.584  -0.147  1.00 79.24  ? 3   C   A N4    1 
ATOM   42   C  C5    . C   A 1 2  ? 2.656   21.425  2.068   1.00 84.28  ? 3   C   A C5    1 
ATOM   43   C  C6    . C   A 1 2  ? 2.457   21.620  3.379   1.00 83.84  ? 3   C   A C6    1 
ATOM   44   P  P     . U   A 1 3  ? -0.234  18.003  7.195   1.00 89.02  ? 4   U   A P     1 
ATOM   45   O  OP1   . U   A 1 3  ? -0.555  17.458  8.544   1.00 91.41  ? 4   U   A OP1   1 
ATOM   46   O  OP2   . U   A 1 3  ? 0.892   17.396  6.442   1.00 88.37  ? 4   U   A OP2   1 
ATOM   47   O  "O5'" . U   A 1 3  ? -1.578  18.022  6.340   1.00 86.28  ? 4   U   A "O5'" 1 
ATOM   48   C  "C5'" . U   A 1 3  ? -2.625  18.896  6.733   1.00 84.20  ? 4   U   A "C5'" 1 
ATOM   49   C  "C4'" . U   A 1 3  ? -3.579  19.204  5.611   1.00 86.58  ? 4   U   A "C4'" 1 
ATOM   50   O  "O4'" . U   A 1 3  ? -2.966  20.087  4.640   1.00 87.68  ? 4   U   A "O4'" 1 
ATOM   51   C  "C3'" . U   A 1 3  ? -4.044  18.023  4.781   1.00 85.16  ? 4   U   A "C3'" 1 
ATOM   52   O  "O3'" . U   A 1 3  ? -5.047  17.263  5.423   1.00 89.25  ? 4   U   A "O3'" 1 
ATOM   53   C  "C2'" . U   A 1 3  ? -4.512  18.693  3.500   1.00 85.89  ? 4   U   A "C2'" 1 
ATOM   54   O  "O2'" . U   A 1 3  ? -5.784  19.306  3.680   1.00 86.62  ? 4   U   A "O2'" 1 
ATOM   55   C  "C1'" . U   A 1 3  ? -3.476  19.799  3.353   1.00 83.98  ? 4   U   A "C1'" 1 
ATOM   56   N  N1    . U   A 1 3  ? -2.355  19.426  2.466   1.00 80.84  ? 4   U   A N1    1 
ATOM   57   C  C2    . U   A 1 3  ? -2.607  19.461  1.112   1.00 80.43  ? 4   U   A C2    1 
ATOM   58   O  O2    . U   A 1 3  ? -3.705  19.736  0.651   1.00 78.91  ? 4   U   A O2    1 
ATOM   59   N  N3    . U   A 1 3  ? -1.522  19.153  0.323   1.00 80.82  ? 4   U   A N3    1 
ATOM   60   C  C4    . U   A 1 3  ? -0.243  18.822  0.745   1.00 80.83  ? 4   U   A C4    1 
ATOM   61   O  O4    . U   A 1 3  ? 0.633   18.568  -0.094  1.00 74.70  ? 4   U   A O4    1 
ATOM   62   C  C5    . U   A 1 3  ? -0.080  18.812  2.176   1.00 79.81  ? 4   U   A C5    1 
ATOM   63   C  C6    . U   A 1 3  ? -1.114  19.114  2.968   1.00 80.05  ? 4   U   A C6    1 
ATOM   64   P  P     . U   A 1 4  ? -5.039  15.665  5.287   1.00 93.73  ? 5   U   A P     1 
ATOM   65   O  OP1   . U   A 1 4  ? -5.956  15.071  6.297   1.00 84.66  ? 5   U   A OP1   1 
ATOM   66   O  OP2   . U   A 1 4  ? -3.612  15.242  5.263   1.00 87.34  ? 5   U   A OP2   1 
ATOM   67   O  "O5'" . U   A 1 4  ? -5.705  15.434  3.864   1.00 87.64  ? 5   U   A "O5'" 1 
ATOM   68   C  "C5'" . U   A 1 4  ? -6.907  16.100  3.509   1.00 85.43  ? 5   U   A "C5'" 1 
ATOM   69   C  "C4'" . U   A 1 4  ? -7.051  16.149  2.014   1.00 83.41  ? 5   U   A "C4'" 1 
ATOM   70   O  "O4'" . U   A 1 4  ? -6.031  17.010  1.463   1.00 80.03  ? 5   U   A "O4'" 1 
ATOM   71   C  "C3'" . U   A 1 4  ? -6.818  14.827  1.309   1.00 83.03  ? 5   U   A "C3'" 1 
ATOM   72   O  "O3'" . U   A 1 4  ? -7.940  13.972  1.336   1.00 86.33  ? 5   U   A "O3'" 1 
ATOM   73   C  "C2'" . U   A 1 4  ? -6.403  15.262  -0.082  1.00 76.50  ? 5   U   A "C2'" 1 
ATOM   74   O  "O2'" . U   A 1 4  ? -7.535  15.720  -0.801  1.00 78.15  ? 5   U   A "O2'" 1 
ATOM   75   C  "C1'" . U   A 1 4  ? -5.557  16.479  0.244   1.00 80.48  ? 5   U   A "C1'" 1 
ATOM   76   N  N1    . U   A 1 4  ? -4.112  16.182  0.385   1.00 78.71  ? 5   U   A N1    1 
ATOM   77   C  C2    . U   A 1 4  ? -3.374  16.191  -0.779  1.00 75.03  ? 5   U   A C2    1 
ATOM   78   O  O2    . U   A 1 4  ? -3.893  16.378  -1.864  1.00 74.64  ? 5   U   A O2    1 
ATOM   79   N  N3    . U   A 1 4  ? -2.029  15.956  -0.626  1.00 70.71  ? 5   U   A N3    1 
ATOM   80   C  C4    . U   A 1 4  ? -1.363  15.719  0.557   1.00 72.16  ? 5   U   A C4    1 
ATOM   81   O  O4    . U   A 1 4  ? -0.145  15.520  0.536   1.00 67.53  ? 5   U   A O4    1 
ATOM   82   C  C5    . U   A 1 4  ? -2.201  15.735  1.721   1.00 74.01  ? 5   U   A C5    1 
ATOM   83   C  C6    . U   A 1 4  ? -3.512  15.966  1.602   1.00 75.67  ? 5   U   A C6    1 
ATOM   84   P  P     . C   A 1 5  ? -7.703  12.399  1.131   1.00 88.61  ? 6   C   A P     1 
ATOM   85   O  OP1   . C   A 1 5  ? -8.689  11.647  1.947   1.00 79.57  ? 6   C   A OP1   1 
ATOM   86   O  OP2   . C   A 1 5  ? -6.230  12.173  1.291   1.00 79.80  ? 6   C   A OP2   1 
ATOM   87   O  "O5'" . C   A 1 5  ? -8.086  12.165  -0.391  1.00 80.77  ? 6   C   A "O5'" 1 
ATOM   88   C  "C5'" . C   A 1 5  ? -7.258  11.367  -1.221  1.00 81.92  ? 6   C   A "C5'" 1 
ATOM   89   C  "C4'" . C   A 1 5  ? -7.026  12.012  -2.560  1.00 77.65  ? 6   C   A "C4'" 1 
ATOM   90   O  "O4'" . C   A 1 5  ? -6.028  13.048  -2.435  1.00 72.78  ? 6   C   A "O4'" 1 
ATOM   91   C  "C3'" . C   A 1 5  ? -6.483  11.090  -3.637  1.00 78.73  ? 6   C   A "C3'" 1 
ATOM   92   O  "O3'" . C   A 1 5  ? -7.528  10.340  -4.248  1.00 73.11  ? 6   C   A "O3'" 1 
ATOM   93   C  "C2'" . C   A 1 5  ? -5.754  12.053  -4.577  1.00 68.77  ? 6   C   A "C2'" 1 
ATOM   94   O  "O2'" . C   A 1 5  ? -6.665  12.688  -5.464  1.00 61.95  ? 6   C   A "O2'" 1 
ATOM   95   C  "C1'" . C   A 1 5  ? -5.254  13.118  -3.605  1.00 68.51  ? 6   C   A "C1'" 1 
ATOM   96   N  N1    . C   A 1 5  ? -3.835  13.021  -3.205  1.00 70.96  ? 6   C   A N1    1 
ATOM   97   C  C2    . C   A 1 5  ? -2.792  13.184  -4.115  1.00 70.87  ? 6   C   A C2    1 
ATOM   98   O  O2    . C   A 1 5  ? -3.056  13.312  -5.319  1.00 71.89  ? 6   C   A O2    1 
ATOM   99   N  N3    . C   A 1 5  ? -1.514  13.158  -3.658  1.00 68.94  ? 6   C   A N3    1 
ATOM   100  C  C4    . C   A 1 5  ? -1.263  13.015  -2.355  1.00 67.59  ? 6   C   A C4    1 
ATOM   101  N  N4    . C   A 1 5  ? 0.010   12.989  -1.948  1.00 58.49  ? 6   C   A N4    1 
ATOM   102  C  C5    . C   A 1 5  ? -2.315  12.888  -1.405  1.00 69.40  ? 6   C   A C5    1 
ATOM   103  C  C6    . C   A 1 5  ? -3.570  12.912  -1.866  1.00 70.73  ? 6   C   A C6    1 
ATOM   104  P  P     . A   A 1 6  ? -7.311  8.809   -4.653  1.00 73.09  ? 7   A   A P     1 
ATOM   105  O  OP1   . A   A 1 6  ? -8.606  8.311   -5.171  1.00 69.87  ? 7   A   A OP1   1 
ATOM   106  O  OP2   . A   A 1 6  ? -6.547  8.119   -3.586  1.00 74.25  ? 7   A   A OP2   1 
ATOM   107  O  "O5'" . A   A 1 6  ? -6.327  8.901   -5.880  1.00 73.15  ? 7   A   A "O5'" 1 
ATOM   108  C  "C5'" . A   A 1 6  ? -6.786  9.332   -7.147  1.00 74.48  ? 7   A   A "C5'" 1 
ATOM   109  C  "C4'" . A   A 1 6  ? -5.770  8.960   -8.173  1.00 71.25  ? 7   A   A "C4'" 1 
ATOM   110  O  "O4'" . A   A 1 6  ? -4.539  9.641   -7.826  1.00 71.41  ? 7   A   A "O4'" 1 
ATOM   111  C  "C3'" . A   A 1 6  ? -5.456  7.471   -8.205  1.00 65.93  ? 7   A   A "C3'" 1 
ATOM   112  O  "O3'" . A   A 1 6  ? -5.306  7.030   -9.542  1.00 68.19  ? 7   A   A "O3'" 1 
ATOM   113  C  "C2'" . A   A 1 6  ? -4.140  7.355   -7.443  1.00 67.25  ? 7   A   A "C2'" 1 
ATOM   114  O  "O2'" . A   A 1 6  ? -3.295  6.321   -7.891  1.00 70.53  ? 7   A   A "O2'" 1 
ATOM   115  C  "C1'" . A   A 1 6  ? -3.493  8.715   -7.662  1.00 67.80  ? 7   A   A "C1'" 1 
ATOM   116  N  N9    . A   A 1 6  ? -2.707  9.125   -6.502  1.00 64.84  ? 7   A   A N9    1 
ATOM   117  C  C8    . A   A 1 6  ? -3.173  9.424   -5.250  1.00 68.21  ? 7   A   A C8    1 
ATOM   118  N  N7    . A   A 1 6  ? -2.225  9.733   -4.397  1.00 69.01  ? 7   A   A N7    1 
ATOM   119  C  C5    . A   A 1 6  ? -1.055  9.619   -5.137  1.00 66.53  ? 7   A   A C5    1 
ATOM   120  C  C6    . A   A 1 6  ? 0.309   9.812   -4.823  1.00 66.76  ? 7   A   A C6    1 
ATOM   121  N  N6    . A   A 1 6  ? 0.756   10.167  -3.626  1.00 65.75  ? 7   A   A N6    1 
ATOM   122  N  N1    . A   A 1 6  ? 1.232   9.626   -5.781  1.00 66.08  ? 7   A   A N1    1 
ATOM   123  C  C2    . A   A 1 6  ? 0.786   9.256   -6.981  1.00 64.72  ? 7   A   A C2    1 
ATOM   124  N  N3    . A   A 1 6  ? -0.460  9.043   -7.404  1.00 65.19  ? 7   A   A N3    1 
ATOM   125  C  C4    . A   A 1 6  ? -1.347  9.243   -6.429  1.00 64.49  ? 7   A   A C4    1 
ATOM   126  P  P     . A   A 1 7  ? -6.594  7.003   -10.488 1.00 74.21  ? 8   A   A P     1 
ATOM   127  O  OP1   . A   A 1 7  ? -7.811  7.168   -9.653  1.00 75.10  ? 8   A   A OP1   1 
ATOM   128  O  OP2   . A   A 1 7  ? -6.463  5.822   -11.373 1.00 64.67  ? 8   A   A OP2   1 
ATOM   129  O  "O5'" . A   A 1 7  ? -6.414  8.345   -11.326 1.00 76.30  ? 8   A   A "O5'" 1 
ATOM   130  C  "C5'" . A   A 1 7  ? -7.277  8.697   -12.395 1.00 74.99  ? 8   A   A "C5'" 1 
ATOM   131  C  "C4'" . A   A 1 7  ? -6.496  9.345   -13.506 1.00 70.74  ? 8   A   A "C4'" 1 
ATOM   132  O  "O4'" . A   A 1 7  ? -5.616  10.357  -12.957 1.00 68.76  ? 8   A   A "O4'" 1 
ATOM   133  C  "C3'" . A   A 1 7  ? -5.571  8.401   -14.245 1.00 67.57  ? 8   A   A "C3'" 1 
ATOM   134  O  "O3'" . A   A 1 7  ? -6.245  7.736   -15.287 1.00 73.98  ? 8   A   A "O3'" 1 
ATOM   135  C  "C2'" . A   A 1 7  ? -4.469  9.315   -14.749 1.00 67.03  ? 8   A   A "C2'" 1 
ATOM   136  O  "O2'" . A   A 1 7  ? -4.894  9.985   -15.916 1.00 68.46  ? 8   A   A "O2'" 1 
ATOM   137  C  "C1'" . A   A 1 7  ? -4.377  10.337  -13.623 1.00 68.03  ? 8   A   A "C1'" 1 
ATOM   138  N  N9    . A   A 1 7  ? -3.334  10.005  -12.641 1.00 69.40  ? 8   A   A N9    1 
ATOM   139  C  C8    . A   A 1 7  ? -3.492  9.704   -11.312 1.00 68.13  ? 8   A   A C8    1 
ATOM   140  N  N7    . A   A 1 7  ? -2.358  9.472   -10.689 1.00 68.13  ? 8   A   A N7    1 
ATOM   141  C  C5    . A   A 1 7  ? -1.391  9.623   -11.669 1.00 67.63  ? 8   A   A C5    1 
ATOM   142  C  C6    . A   A 1 7  ? 0.015   9.516   -11.657 1.00 69.82  ? 8   A   A C6    1 
ATOM   143  N  N6    . A   A 1 7  ? 0.741   9.211   -10.580 1.00 67.30  ? 8   A   A N6    1 
ATOM   144  N  N1    . A   A 1 7  ? 0.678   9.750   -12.813 1.00 69.18  ? 8   A   A N1    1 
ATOM   145  C  C2    . A   A 1 7  ? -0.055  10.053  -13.885 1.00 67.08  ? 8   A   A C2    1 
ATOM   146  N  N3    . A   A 1 7  ? -1.372  10.184  -14.027 1.00 67.04  ? 8   A   A N3    1 
ATOM   147  C  C4    . A   A 1 7  ? -1.987  9.958   -12.870 1.00 68.10  ? 8   A   A C4    1 
ATOM   148  P  P     . C   A 1 8  ? -6.127  6.149   -15.453 1.00 72.87  ? 9   C   A P     1 
ATOM   149  O  OP1   . C   A 1 8  ? -7.087  5.731   -16.502 1.00 69.93  ? 9   C   A OP1   1 
ATOM   150  O  OP2   . C   A 1 8  ? -6.234  5.565   -14.094 1.00 71.79  ? 9   C   A OP2   1 
ATOM   151  O  "O5'" . C   A 1 8  ? -4.658  5.950   -16.010 1.00 63.15  ? 9   C   A "O5'" 1 
ATOM   152  C  "C5'" . C   A 1 8  ? -4.209  6.680   -17.138 1.00 62.46  ? 9   C   A "C5'" 1 
ATOM   153  C  "C4'" . C   A 1 8  ? -2.714  6.621   -17.217 1.00 60.86  ? 9   C   A "C4'" 1 
ATOM   154  O  "O4'" . C   A 1 8  ? -2.161  7.335   -16.095 1.00 64.37  ? 9   C   A "O4'" 1 
ATOM   155  C  "C3'" . C   A 1 8  ? -2.165  5.217   -17.108 1.00 68.07  ? 9   C   A "C3'" 1 
ATOM   156  O  "O3'" . C   A 1 8  ? -2.030  4.619   -18.386 1.00 65.49  ? 9   C   A "O3'" 1 
ATOM   157  C  "C2'" . C   A 1 8  ? -0.841  5.369   -16.368 1.00 65.92  ? 9   C   A "C2'" 1 
ATOM   158  O  "O2'" . C   A 1 8  ? 0.233   5.458   -17.289 1.00 61.10  ? 9   C   A "O2'" 1 
ATOM   159  C  "C1'" . C   A 1 8  ? -1.021  6.684   -15.602 1.00 64.94  ? 9   C   A "C1'" 1 
ATOM   160  N  N1    . C   A 1 8  ? -1.214  6.509   -14.143 1.00 71.65  ? 9   C   A N1    1 
ATOM   161  C  C2    . C   A 1 8  ? -0.105  6.470   -13.304 1.00 68.30  ? 9   C   A C2    1 
ATOM   162  O  O2    . C   A 1 8  ? 1.012   6.546   -13.812 1.00 67.25  ? 9   C   A O2    1 
ATOM   163  N  N3    . C   A 1 8  ? -0.275  6.333   -11.971 1.00 70.37  ? 9   C   A N3    1 
ATOM   164  C  C4    . C   A 1 8  ? -1.512  6.233   -11.465 1.00 68.20  ? 9   C   A C4    1 
ATOM   165  N  N4    . C   A 1 8  ? -1.651  6.107   -10.139 1.00 65.82  ? 9   C   A N4    1 
ATOM   166  C  C5    . C   A 1 8  ? -2.671  6.274   -12.296 1.00 66.25  ? 9   C   A C5    1 
ATOM   167  C  C6    . C   A 1 8  ? -2.477  6.420   -13.617 1.00 69.26  ? 9   C   A C6    1 
ATOM   168  P  P     . A   A 1 9  ? -2.923  3.347   -18.773 1.00 71.20  ? 10  A   A P     1 
ATOM   169  O  OP1   . A   A 1 9  ? -2.292  2.719   -19.964 1.00 73.76  ? 10  A   A OP1   1 
ATOM   170  O  OP2   . A   A 1 9  ? -4.363  3.715   -18.787 1.00 67.14  ? 10  A   A OP2   1 
ATOM   171  O  "O5'" . A   A 1 9  ? -2.724  2.393   -17.524 1.00 64.89  ? 10  A   A "O5'" 1 
ATOM   172  C  "C5'" . A   A 1 9  ? -1.486  1.746   -17.256 1.00 61.47  ? 10  A   A "C5'" 1 
ATOM   173  C  "C4'" . A   A 1 9  ? -1.720  0.548   -16.374 1.00 68.08  ? 10  A   A "C4'" 1 
ATOM   174  O  "O4'" . A   A 1 9  ? -2.021  0.990   -15.022 1.00 63.41  ? 10  A   A "O4'" 1 
ATOM   175  C  "C3'" . A   A 1 9  ? -2.901  -0.315  -16.803 1.00 66.62  ? 10  A   A "C3'" 1 
ATOM   176  O  "O3'" . A   A 1 9  ? -2.628  -1.657  -16.438 1.00 69.02  ? 10  A   A "O3'" 1 
ATOM   177  C  "C2'" . A   A 1 9  ? -4.032  0.226   -15.940 1.00 65.32  ? 10  A   A "C2'" 1 
ATOM   178  O  "O2'" . A   A 1 9  ? -5.124  -0.652  -15.781 1.00 68.38  ? 10  A   A "O2'" 1 
ATOM   179  C  "C1'" . A   A 1 9  ? -3.288  0.496   -14.638 1.00 66.57  ? 10  A   A "C1'" 1 
ATOM   180  N  N9    . A   A 1 9  ? -3.904  1.466   -13.730 1.00 67.39  ? 10  A   A N9    1 
ATOM   181  C  C8    . A   A 1 9  ? -4.877  2.414   -13.916 1.00 65.97  ? 10  A   A C8    1 
ATOM   182  N  N7    . A   A 1 9  ? -5.158  3.085   -12.817 1.00 67.37  ? 10  A   A N7    1 
ATOM   183  C  C5    . A   A 1 9  ? -4.315  2.531   -11.852 1.00 66.22  ? 10  A   A C5    1 
ATOM   184  C  C6    . A   A 1 9  ? -4.105  2.781   -10.474 1.00 69.75  ? 10  A   A C6    1 
ATOM   185  N  N6    . A   A 1 9  ? -4.746  3.726   -9.762  1.00 69.06  ? 10  A   A N6    1 
ATOM   186  N  N1    . A   A 1 9  ? -3.183  2.021   -9.836  1.00 69.54  ? 10  A   A N1    1 
ATOM   187  C  C2    . A   A 1 9  ? -2.516  1.080   -10.513 1.00 66.45  ? 10  A   A C2    1 
ATOM   188  N  N3    . A   A 1 9  ? -2.621  0.759   -11.796 1.00 70.02  ? 10  A   A N3    1 
ATOM   189  C  C4    . A   A 1 9  ? -3.542  1.532   -12.409 1.00 69.38  ? 10  A   A C4    1 
ATOM   190  P  P     . A   A 1 10 ? -2.408  -2.755  -17.580 1.00 72.79  ? 11  A   A P     1 
ATOM   191  O  OP1   . A   A 1 10 ? -1.278  -3.640  -17.205 1.00 78.51  ? 11  A   A OP1   1 
ATOM   192  O  OP2   . A   A 1 10 ? -2.383  -2.070  -18.889 1.00 71.18  ? 11  A   A OP2   1 
ATOM   193  O  "O5'" . A   A 1 10 ? -3.754  -3.590  -17.534 1.00 72.87  ? 11  A   A "O5'" 1 
ATOM   194  C  "C5'" . A   A 1 10 ? -4.991  -3.046  -17.979 1.00 72.40  ? 11  A   A "C5'" 1 
ATOM   195  C  "C4'" . A   A 1 10 ? -5.883  -4.139  -18.511 1.00 78.72  ? 11  A   A "C4'" 1 
ATOM   196  O  "O4'" . A   A 1 10 ? -5.251  -4.699  -19.694 1.00 75.33  ? 11  A   A "O4'" 1 
ATOM   197  C  "C3'" . A   A 1 10 ? -6.081  -5.306  -17.550 1.00 79.32  ? 11  A   A "C3'" 1 
ATOM   198  O  "O3'" . A   A 1 10 ? -7.328  -5.935  -17.805 1.00 79.70  ? 11  A   A "O3'" 1 
ATOM   199  C  "C2'" . A   A 1 10 ? -4.943  -6.246  -17.932 1.00 79.57  ? 11  A   A "C2'" 1 
ATOM   200  O  "O2'" . A   A 1 10 ? -5.136  -7.603  -17.597 1.00 77.37  ? 11  A   A "O2'" 1 
ATOM   201  C  "C1'" . A   A 1 10 ? -4.848  -6.034  -19.442 1.00 78.47  ? 11  A   A "C1'" 1 
ATOM   202  N  N9    . A   A 1 10 ? -3.488  -6.200  -19.955 1.00 78.35  ? 11  A   A N9    1 
ATOM   203  C  C8    . A   A 1 10 ? -2.284  -6.137  -19.283 1.00 75.82  ? 11  A   A C8    1 
ATOM   204  N  N7    . A   A 1 10 ? -1.243  -6.351  -20.046 1.00 72.64  ? 11  A   A N7    1 
ATOM   205  C  C5    . A   A 1 10 ? -1.822  -6.574  -21.299 1.00 75.17  ? 11  A   A C5    1 
ATOM   206  C  C6    . A   A 1 10 ? -1.291  -6.862  -22.565 1.00 74.75  ? 11  A   A C6    1 
ATOM   207  N  N6    . A   A 1 10 ? 0.014   -6.988  -22.815 1.00 74.31  ? 11  A   A N6    1 
ATOM   208  N  N1    . A   A 1 10 ? -2.156  -7.016  -23.592 1.00 71.92  ? 11  A   A N1    1 
ATOM   209  C  C2    . A   A 1 10 ? -3.468  -6.888  -23.386 1.00 69.44  ? 11  A   A C2    1 
ATOM   210  N  N3    . A   A 1 10 ? -4.093  -6.629  -22.249 1.00 72.10  ? 11  A   A N3    1 
ATOM   211  C  C4    . A   A 1 10 ? -3.198  -6.481  -21.252 1.00 76.51  ? 11  A   A C4    1 
ATOM   212  P  P     . C   A 1 11 ? -8.239  -6.418  -16.581 1.00 83.92  ? 12  C   A P     1 
ATOM   213  O  OP1   . C   A 1 11 ? -7.475  -6.487  -15.306 1.00 74.39  ? 12  C   A OP1   1 
ATOM   214  O  OP2   . C   A 1 11 ? -8.939  -7.637  -17.054 1.00 88.68  ? 12  C   A OP2   1 
ATOM   215  O  "O5'" . C   A 1 11 ? -9.292  -5.246  -16.451 1.00 82.11  ? 12  C   A "O5'" 1 
ATOM   216  C  "C5'" . C   A 1 11 ? -9.875  -4.677  -17.607 1.00 81.27  ? 12  C   A "C5'" 1 
ATOM   217  C  "C4'" . C   A 1 11 ? -11.296 -4.281  -17.331 1.00 84.82  ? 12  C   A "C4'" 1 
ATOM   218  O  "O4'" . C   A 1 11 ? -12.058 -5.449  -16.935 1.00 81.55  ? 12  C   A "O4'" 1 
ATOM   219  C  "C3'" . C   A 1 11 ? -11.483 -3.316  -16.178 1.00 82.00  ? 12  C   A "C3'" 1 
ATOM   220  O  "O3'" . C   A 1 11 ? -11.281 -1.981  -16.565 1.00 78.80  ? 12  C   A "O3'" 1 
ATOM   221  C  "C2'" . C   A 1 11 ? -12.908 -3.589  -15.739 1.00 83.26  ? 12  C   A "C2'" 1 
ATOM   222  O  "O2'" . C   A 1 11 ? -13.815 -2.933  -16.615 1.00 87.67  ? 12  C   A "O2'" 1 
ATOM   223  C  "C1'" . C   A 1 11 ? -13.008 -5.097  -15.956 1.00 77.80  ? 12  C   A "C1'" 1 
ATOM   224  N  N1    . C   A 1 11 ? -12.708 -5.870  -14.733 1.00 80.19  ? 12  C   A N1    1 
ATOM   225  C  C2    . C   A 1 11 ? -13.542 -5.787  -13.615 1.00 82.25  ? 12  C   A C2    1 
ATOM   226  O  O2    . C   A 1 11 ? -14.529 -5.032  -13.634 1.00 83.20  ? 12  C   A O2    1 
ATOM   227  N  N3    . C   A 1 11 ? -13.233 -6.527  -12.522 1.00 77.80  ? 12  C   A N3    1 
ATOM   228  C  C4    . C   A 1 11 ? -12.164 -7.323  -12.523 1.00 75.03  ? 12  C   A C4    1 
ATOM   229  N  N4    . C   A 1 11 ? -11.904 -8.024  -11.421 1.00 77.67  ? 12  C   A N4    1 
ATOM   230  C  C5    . C   A 1 11 ? -11.309 -7.436  -13.650 1.00 78.40  ? 12  C   A C5    1 
ATOM   231  C  C6    . C   A 1 11 ? -11.620 -6.699  -14.723 1.00 80.14  ? 12  C   A C6    1 
ATOM   232  P  P     . C   A 1 12 ? -10.461 -0.999  -15.609 1.00 77.80  ? 13  C   A P     1 
ATOM   233  O  OP1   . C   A 1 12 ? -10.469 0.328   -16.283 1.00 82.97  ? 13  C   A OP1   1 
ATOM   234  O  OP2   . C   A 1 12 ? -9.185  -1.668  -15.242 1.00 78.93  ? 13  C   A OP2   1 
ATOM   235  O  "O5'" . C   A 1 12 ? -11.322 -0.921  -14.275 1.00 77.19  ? 13  C   A "O5'" 1 
ATOM   236  C  "C5'" . C   A 1 12 ? -12.678 -0.506  -14.267 1.00 75.76  ? 13  C   A "C5'" 1 
ATOM   237  C  "C4'" . C   A 1 12 ? -13.278 -0.725  -12.903 1.00 76.70  ? 13  C   A "C4'" 1 
ATOM   238  O  "O4'" . C   A 1 12 ? -13.393 -2.148  -12.644 1.00 82.19  ? 13  C   A "O4'" 1 
ATOM   239  C  "C3'" . C   A 1 12 ? -12.451 -0.214  -11.733 1.00 78.19  ? 13  C   A "C3'" 1 
ATOM   240  O  "O3'" . C   A 1 12 ? -12.583 1.182   -11.507 1.00 77.49  ? 13  C   A "O3'" 1 
ATOM   241  C  "C2'" . C   A 1 12 ? -12.939 -1.077  -10.577 1.00 79.41  ? 13  C   A "C2'" 1 
ATOM   242  O  "O2'" . C   A 1 12 ? -14.190 -0.615  -10.101 1.00 87.36  ? 13  C   A "O2'" 1 
ATOM   243  C  "C1'" . C   A 1 12 ? -13.185 -2.410  -11.272 1.00 75.81  ? 13  C   A "C1'" 1 
ATOM   244  N  N1    . C   A 1 12 ? -12.059 -3.359  -11.128 1.00 78.48  ? 13  C   A N1    1 
ATOM   245  C  C2    . C   A 1 12 ? -11.721 -3.855  -9.861  1.00 77.32  ? 13  C   A C2    1 
ATOM   246  O  O2    . C   A 1 12 ? -12.345 -3.457  -8.866  1.00 74.18  ? 13  C   A O2    1 
ATOM   247  N  N3    . C   A 1 12 ? -10.701 -4.741  -9.751  1.00 76.43  ? 13  C   A N3    1 
ATOM   248  C  C4    . C   A 1 12 ? -10.051 -5.137  -10.847 1.00 75.94  ? 13  C   A C4    1 
ATOM   249  N  N4    . C   A 1 12 ? -9.051  -6.004  -10.706 1.00 74.15  ? 13  C   A N4    1 
ATOM   250  C  C5    . C   A 1 12 ? -10.376 -4.651  -12.147 1.00 75.68  ? 13  C   A C5    1 
ATOM   251  C  C6    . C   A 1 12 ? -11.384 -3.779  -12.240 1.00 77.43  ? 13  C   A C6    1 
ATOM   252  P  P     . C   A 1 13 ? -11.301 2.044   -11.077 1.00 75.11  ? 14  C   A P     1 
ATOM   253  O  OP1   . C   A 1 13 ? -11.736 3.430   -10.778 1.00 73.31  ? 14  C   A OP1   1 
ATOM   254  O  OP2   . C   A 1 13 ? -10.242 1.836   -12.089 1.00 75.43  ? 14  C   A OP2   1 
ATOM   255  O  "O5'" . C   A 1 13 ? -10.826 1.352   -9.727  1.00 72.83  ? 14  C   A "O5'" 1 
ATOM   256  C  "C5'" . C   A 1 13 ? -11.577 1.489   -8.535  1.00 70.51  ? 14  C   A "C5'" 1 
ATOM   257  C  "C4'" . C   A 1 13 ? -10.854 0.860   -7.378  1.00 70.71  ? 14  C   A "C4'" 1 
ATOM   258  O  "O4'" . C   A 1 13 ? -10.912 -0.589  -7.483  1.00 74.87  ? 14  C   A "O4'" 1 
ATOM   259  C  "C3'" . C   A 1 13 ? -9.372  1.162   -7.306  1.00 69.74  ? 14  C   A "C3'" 1 
ATOM   260  O  "O3'" . C   A 1 13 ? -9.106  2.416   -6.717  1.00 64.99  ? 14  C   A "O3'" 1 
ATOM   261  C  "C2'" . C   A 1 13 ? -8.837  -0.014  -6.509  1.00 68.63  ? 14  C   A "C2'" 1 
ATOM   262  O  "O2'" . C   A 1 13 ? -9.114  0.161   -5.137  1.00 74.24  ? 14  C   A "O2'" 1 
ATOM   263  C  "C1'" . C   A 1 13 ? -9.703  -1.153  -7.032  1.00 70.66  ? 14  C   A "C1'" 1 
ATOM   264  N  N1    . C   A 1 13 ? -9.047  -1.827  -8.167  1.00 73.90  ? 14  C   A N1    1 
ATOM   265  C  C2    . C   A 1 13 ? -8.042  -2.743  -7.893  1.00 73.39  ? 14  C   A C2    1 
ATOM   266  O  O2    . C   A 1 13 ? -7.775  -2.964  -6.701  1.00 71.98  ? 14  C   A O2    1 
ATOM   267  N  N3    . C   A 1 13 ? -7.415  -3.351  -8.930  1.00 74.10  ? 14  C   A N3    1 
ATOM   268  C  C4    . C   A 1 13 ? -7.755  -3.056  -10.188 1.00 71.44  ? 14  C   A C4    1 
ATOM   269  N  N4    . C   A 1 13 ? -7.124  -3.664  -11.191 1.00 66.53  ? 14  C   A N4    1 
ATOM   270  C  C5    . C   A 1 13 ? -8.774  -2.117  -10.486 1.00 72.29  ? 14  C   A C5    1 
ATOM   271  C  C6    . C   A 1 13 ? -9.385  -1.529  -9.456  1.00 74.53  ? 14  C   A C6    1 
ATOM   272  P  P     . C   A 1 14 ? -7.836  3.254   -7.182  1.00 67.94  ? 15  C   A P     1 
ATOM   273  O  OP1   . C   A 1 14 ? -7.665  4.408   -6.264  1.00 74.07  ? 15  C   A OP1   1 
ATOM   274  O  OP2   . C   A 1 14 ? -8.012  3.469   -8.637  1.00 72.19  ? 15  C   A OP2   1 
ATOM   275  O  "O5'" . C   A 1 14 ? -6.605  2.294   -6.911  1.00 69.07  ? 15  C   A "O5'" 1 
ATOM   276  C  "C5'" . C   A 1 14 ? -6.190  2.016   -5.590  1.00 71.17  ? 15  C   A "C5'" 1 
ATOM   277  C  "C4'" . C   A 1 14 ? -5.160  0.928   -5.577  1.00 68.54  ? 15  C   A "C4'" 1 
ATOM   278  O  "O4'" . C   A 1 14 ? -5.633  -0.187  -6.356  1.00 67.11  ? 15  C   A "O4'" 1 
ATOM   279  C  "C3'" . C   A 1 14 ? -3.836  1.291   -6.213  1.00 70.32  ? 15  C   A "C3'" 1 
ATOM   280  O  "O3'" . C   A 1 14 ? -2.989  1.973   -5.308  1.00 72.12  ? 15  C   A "O3'" 1 
ATOM   281  C  "C2'" . C   A 1 14 ? -3.277  -0.059  -6.640  1.00 67.42  ? 15  C   A "C2'" 1 
ATOM   282  O  "O2'" . C   A 1 14 ? -2.606  -0.678  -5.557  1.00 57.31  ? 15  C   A "O2'" 1 
ATOM   283  C  "C1'" . C   A 1 14 ? -4.548  -0.845  -6.964  1.00 69.06  ? 15  C   A "C1'" 1 
ATOM   284  N  N1    . C   A 1 14 ? -4.812  -0.924  -8.412  1.00 69.03  ? 15  C   A N1    1 
ATOM   285  C  C2    . C   A 1 14 ? -4.214  -1.910  -9.213  1.00 68.37  ? 15  C   A C2    1 
ATOM   286  O  O2    . C   A 1 14 ? -3.431  -2.707  -8.711  1.00 67.00  ? 15  C   A O2    1 
ATOM   287  N  N3    . C   A 1 14 ? -4.487  -1.956  -10.530 1.00 66.96  ? 15  C   A N3    1 
ATOM   288  C  C4    . C   A 1 14 ? -5.331  -1.050  -11.036 1.00 69.65  ? 15  C   A C4    1 
ATOM   289  N  N4    . C   A 1 14 ? -5.604  -1.075  -12.341 1.00 69.41  ? 15  C   A N4    1 
ATOM   290  C  C5    . C   A 1 14 ? -5.957  -0.043  -10.236 1.00 72.16  ? 15  C   A C5    1 
ATOM   291  C  C6    . C   A 1 14 ? -5.677  -0.015  -8.936  1.00 68.58  ? 15  C   A C6    1 
ATOM   292  P  P     . G   A 1 15 ? -2.719  3.539   -5.475  1.00 73.96  ? 16  G   A P     1 
ATOM   293  O  OP1   . G   A 1 15 ? -2.514  4.107   -4.116  1.00 72.73  ? 16  G   A OP1   1 
ATOM   294  O  OP2   . G   A 1 15 ? -3.783  4.060   -6.370  1.00 72.86  ? 16  G   A OP2   1 
ATOM   295  O  "O5'" . G   A 1 15 ? -1.329  3.591   -6.237  1.00 71.47  ? 16  G   A "O5'" 1 
ATOM   296  C  "C5'" . G   A 1 15 ? -1.248  3.526   -7.656  1.00 68.02  ? 16  G   A "C5'" 1 
ATOM   297  C  "C4'" . G   A 1 15 ? 0.138   3.901   -8.097  1.00 63.56  ? 16  G   A "C4'" 1 
ATOM   298  O  "O4'" . G   A 1 15 ? 0.330   5.315   -7.850  1.00 68.86  ? 16  G   A "O4'" 1 
ATOM   299  C  "C3'" . G   A 1 15 ? 1.248   3.218   -7.311  1.00 61.06  ? 16  G   A "C3'" 1 
ATOM   300  O  "O3'" . G   A 1 15 ? 1.597   1.963   -7.861  1.00 61.63  ? 16  G   A "O3'" 1 
ATOM   301  C  "C2'" . G   A 1 15 ? 2.376   4.235   -7.326  1.00 64.57  ? 16  G   A "C2'" 1 
ATOM   302  O  "O2'" . G   A 1 15 ? 3.114   4.151   -8.525  1.00 70.23  ? 16  G   A "O2'" 1 
ATOM   303  C  "C1'" . G   A 1 15 ? 1.610   5.553   -7.310  1.00 68.69  ? 16  G   A "C1'" 1 
ATOM   304  N  N9    . G   A 1 15 ? 1.459   6.082   -5.938  1.00 67.17  ? 16  G   A N9    1 
ATOM   305  C  C8    . G   A 1 15 ? 0.295   6.272   -5.237  1.00 66.10  ? 16  G   A C8    1 
ATOM   306  N  N7    . G   A 1 15 ? 0.478   6.752   -4.040  1.00 64.10  ? 16  G   A N7    1 
ATOM   307  C  C5    . G   A 1 15 ? 1.854   6.883   -3.956  1.00 65.35  ? 16  G   A C5    1 
ATOM   308  C  C6    . G   A 1 15 ? 2.650   7.353   -2.899  1.00 67.79  ? 16  G   A C6    1 
ATOM   309  O  O6    . G   A 1 15 ? 2.283   7.756   -1.790  1.00 73.88  ? 16  G   A O6    1 
ATOM   310  N  N1    . G   A 1 15 ? 3.996   7.328   -3.217  1.00 68.62  ? 16  G   A N1    1 
ATOM   311  C  C2    . G   A 1 15 ? 4.515   6.903   -4.396  1.00 68.44  ? 16  G   A C2    1 
ATOM   312  N  N2    . G   A 1 15 ? 5.843   6.958   -4.487  1.00 72.52  ? 16  G   A N2    1 
ATOM   313  N  N3    . G   A 1 15 ? 3.792   6.455   -5.397  1.00 67.90  ? 16  G   A N3    1 
ATOM   314  C  C4    . G   A 1 15 ? 2.478   6.479   -5.109  1.00 67.23  ? 16  G   A C4    1 
ATOM   315  P  P     . U   A 1 16 ? 2.473   0.910   -7.033  1.00 66.07  ? 17  U   A P     1 
ATOM   316  O  OP1   . U   A 1 16 ? 2.819   -0.181  -7.965  1.00 61.95  ? 17  U   A OP1   1 
ATOM   317  O  OP2   . U   A 1 16 ? 1.825   0.633   -5.715  1.00 66.01  ? 17  U   A OP2   1 
ATOM   318  O  "O5'" . U   A 1 16 ? 3.821   1.671   -6.724  1.00 63.29  ? 17  U   A "O5'" 1 
ATOM   319  C  "C5'" . U   A 1 16 ? 4.897   1.602   -7.621  1.00 62.57  ? 17  U   A "C5'" 1 
ATOM   320  C  "C4'" . U   A 1 16 ? 6.164   1.946   -6.914  1.00 65.36  ? 17  U   A "C4'" 1 
ATOM   321  O  "O4'" . U   A 1 16 ? 6.052   3.267   -6.327  1.00 65.16  ? 17  U   A "O4'" 1 
ATOM   322  C  "C3'" . U   A 1 16 ? 6.489   1.069   -5.735  1.00 68.23  ? 17  U   A "C3'" 1 
ATOM   323  O  "O3'" . U   A 1 16 ? 7.038   -0.168  -6.116  1.00 66.41  ? 17  U   A "O3'" 1 
ATOM   324  C  "C2'" . U   A 1 16 ? 7.441   1.943   -4.944  1.00 72.85  ? 17  U   A "C2'" 1 
ATOM   325  O  "O2'" . U   A 1 16 ? 8.715   1.949   -5.566  1.00 68.66  ? 17  U   A "O2'" 1 
ATOM   326  C  "C1'" . U   A 1 16 ? 6.804   3.316   -5.137  1.00 68.78  ? 17  U   A "C1'" 1 
ATOM   327  N  N1    . U   A 1 16 ? 5.908   3.686   -4.018  1.00 73.97  ? 17  U   A N1    1 
ATOM   328  C  C2    . U   A 1 16 ? 6.540   4.103   -2.869  1.00 76.71  ? 17  U   A C2    1 
ATOM   329  O  O2    . U   A 1 16 ? 7.753   4.160   -2.784  1.00 76.55  ? 17  U   A O2    1 
ATOM   330  N  N3    . U   A 1 16 ? 5.715   4.450   -1.831  1.00 74.21  ? 17  U   A N3    1 
ATOM   331  C  C4    . U   A 1 16 ? 4.341   4.425   -1.835  1.00 71.67  ? 17  U   A C4    1 
ATOM   332  O  O4    . U   A 1 16 ? 3.745   4.777   -0.817  1.00 73.60  ? 17  U   A O4    1 
ATOM   333  C  C5    . U   A 1 16 ? 3.754   3.978   -3.063  1.00 65.02  ? 17  U   A C5    1 
ATOM   334  C  C6    . U   A 1 16 ? 4.536   3.628   -4.091  1.00 68.65  ? 17  U   A C6    1 
ATOM   335  P  P     . A   A 1 17 ? 6.900   -1.423  -5.137  1.00 76.35  ? 18  A   A P     1 
ATOM   336  O  OP1   . A   A 1 17 ? 7.499   -2.551  -5.872  1.00 73.14  ? 18  A   A OP1   1 
ATOM   337  O  OP2   . A   A 1 17 ? 5.507   -1.469  -4.620  1.00 76.54  ? 18  A   A OP2   1 
ATOM   338  O  "O5'" . A   A 1 17 ? 7.844   -1.074  -3.907  1.00 75.12  ? 18  A   A "O5'" 1 
ATOM   339  C  "C5'" . A   A 1 17 ? 9.228   -0.868  -4.112  1.00 75.88  ? 18  A   A "C5'" 1 
ATOM   340  C  "C4'" . A   A 1 17 ? 9.906   -0.284  -2.899  1.00 78.42  ? 18  A   A "C4'" 1 
ATOM   341  O  "O4'" . A   A 1 17 ? 9.434   1.058   -2.617  1.00 76.87  ? 18  A   A "O4'" 1 
ATOM   342  C  "C3'" . A   A 1 17 ? 9.687   -1.015  -1.598  1.00 77.60  ? 18  A   A "C3'" 1 
ATOM   343  O  "O3'" . A   A 1 17 ? 10.447  -2.192  -1.519  1.00 84.18  ? 18  A   A "O3'" 1 
ATOM   344  C  "C2'" . A   A 1 17 ? 10.071  0.040   -0.578  1.00 81.35  ? 18  A   A "C2'" 1 
ATOM   345  O  "O2'" . A   A 1 17 ? 11.478  0.201   -0.546  1.00 81.54  ? 18  A   A "O2'" 1 
ATOM   346  C  "C1'" . A   A 1 17 ? 9.470   1.284   -1.221  1.00 74.68  ? 18  A   A "C1'" 1 
ATOM   347  N  N9    . A   A 1 17 ? 8.089   1.507   -0.773  1.00 76.74  ? 18  A   A N9    1 
ATOM   348  C  C8    . A   A 1 17 ? 6.939   1.134   -1.420  1.00 79.74  ? 18  A   A C8    1 
ATOM   349  N  N7    . A   A 1 17 ? 5.838   1.458   -0.794  1.00 75.85  ? 18  A   A N7    1 
ATOM   350  C  C5    . A   A 1 17 ? 6.308   2.088   0.339   1.00 76.88  ? 18  A   A C5    1 
ATOM   351  C  C6    . A   A 1 17 ? 5.630   2.674   1.409   1.00 79.03  ? 18  A   A C6    1 
ATOM   352  N  N6    . A   A 1 17 ? 4.302   2.697   1.474   1.00 80.14  ? 18  A   A N6    1 
ATOM   353  N  N1    . A   A 1 17 ? 6.371   3.226   2.396   1.00 80.48  ? 18  A   A N1    1 
ATOM   354  C  C2    . A   A 1 17 ? 7.710   3.175   2.294   1.00 82.20  ? 18  A   A C2    1 
ATOM   355  N  N3    . A   A 1 17 ? 8.469   2.660   1.324   1.00 81.57  ? 18  A   A N3    1 
ATOM   356  C  C4    . A   A 1 17 ? 7.689   2.125   0.371   1.00 78.00  ? 18  A   A C4    1 
ATOM   357  P  P     . G   A 1 18 ? 10.068  -3.297  -0.426  1.00 94.26  ? 19  G   A P     1 
ATOM   358  O  OP1   . G   A 1 18 ? 10.700  -4.577  -0.816  1.00 77.53  ? 19  G   A OP1   1 
ATOM   359  O  OP2   . G   A 1 18 ? 8.599   -3.279  -0.168  1.00 83.33  ? 19  G   A OP2   1 
ATOM   360  O  "O5'" . G   A 1 18 ? 10.817  -2.742  0.851   1.00 88.31  ? 19  G   A "O5'" 1 
ATOM   361  C  "C5'" . G   A 1 18 ? 10.307  -3.011  2.132   1.00 88.89  ? 19  G   A "C5'" 1 
ATOM   362  C  "C4'" . G   A 1 18 ? 10.616  -1.898  3.088   1.00 85.17  ? 19  G   A "C4'" 1 
ATOM   363  O  "O4'" . G   A 1 18 ? 10.020  -0.661  2.626   1.00 84.84  ? 19  G   A "O4'" 1 
ATOM   364  C  "C3'" . G   A 1 18 ? 10.020  -2.105  4.457   1.00 83.76  ? 19  G   A "C3'" 1 
ATOM   365  O  "O3'" . G   A 1 18 ? 10.798  -2.968  5.245   1.00 87.93  ? 19  G   A "O3'" 1 
ATOM   366  C  "C2'" . G   A 1 18 ? 9.887   -0.694  4.992   1.00 86.08  ? 19  G   A "C2'" 1 
ATOM   367  O  "O2'" . G   A 1 18 ? 11.136  -0.211  5.459   1.00 93.67  ? 19  G   A "O2'" 1 
ATOM   368  C  "C1'" . G   A 1 18 ? 9.492   0.056   3.722   1.00 85.07  ? 19  G   A "C1'" 1 
ATOM   369  N  N9    . G   A 1 18 ? 8.032   0.083   3.565   1.00 80.78  ? 19  G   A N9    1 
ATOM   370  C  C8    . G   A 1 18 ? 7.296   -0.496  2.562   1.00 81.80  ? 19  G   A C8    1 
ATOM   371  N  N7    . G   A 1 18 ? 6.013   -0.314  2.708   1.00 81.19  ? 19  G   A N7    1 
ATOM   372  C  C5    . G   A 1 18 ? 5.908   0.420   3.879   1.00 78.54  ? 19  G   A C5    1 
ATOM   373  C  C6    . G   A 1 18 ? 4.767   0.915   4.549   1.00 79.71  ? 19  G   A C6    1 
ATOM   374  O  O6    . G   A 1 18 ? 3.579   0.805   4.229   1.00 80.29  ? 19  G   A O6    1 
ATOM   375  N  N1    . G   A 1 18 ? 5.120   1.609   5.701   1.00 82.96  ? 19  G   A N1    1 
ATOM   376  C  C2    . G   A 1 18 ? 6.403   1.796   6.156   1.00 83.72  ? 19  G   A C2    1 
ATOM   377  N  N2    . G   A 1 18 ? 6.537   2.491   7.298   1.00 85.03  ? 19  G   A N2    1 
ATOM   378  N  N3    . G   A 1 18 ? 7.477   1.334   5.539   1.00 80.47  ? 19  G   A N3    1 
ATOM   379  C  C4    . G   A 1 18 ? 7.149   0.667   4.421   1.00 79.22  ? 19  G   A C4    1 
ATOM   380  P  P     . G   A 1 19 ? 10.095  -4.269  5.852   1.00 95.54  ? 20  G   A P     1 
ATOM   381  O  OP1   . G   A 1 19 ? 11.184  -5.219  6.198   1.00 87.79  ? 20  G   A OP1   1 
ATOM   382  O  OP2   . G   A 1 19 ? 9.033   -4.718  4.912   1.00 88.92  ? 20  G   A OP2   1 
ATOM   383  O  "O5'" . G   A 1 19 ? 9.399   -3.696  7.165   1.00 85.89  ? 20  G   A "O5'" 1 
ATOM   384  C  "C5'" . G   A 1 19 ? 10.167  -2.943  8.085   1.00 87.25  ? 20  G   A "C5'" 1 
ATOM   385  C  "C4'" . G   A 1 19 ? 9.327   -1.982  8.879   1.00 90.01  ? 20  G   A "C4'" 1 
ATOM   386  O  "O4'" . G   A 1 19 ? 8.586   -1.108  7.994   1.00 88.08  ? 20  G   A "O4'" 1 
ATOM   387  C  "C3'" . G   A 1 19 ? 8.244   -2.587  9.747   1.00 90.37  ? 20  G   A "C3'" 1 
ATOM   388  O  "O3'" . G   A 1 19 ? 8.724   -3.227  10.915  1.00 89.27  ? 20  G   A "O3'" 1 
ATOM   389  C  "C2'" . G   A 1 19 ? 7.340   -1.387  9.994   1.00 87.89  ? 20  G   A "C2'" 1 
ATOM   390  O  "O2'" . G   A 1 19 ? 7.928   -0.481  10.912  1.00 88.27  ? 20  G   A "O2'" 1 
ATOM   391  C  "C1'" . G   A 1 19 ? 7.374   -0.727  8.621   1.00 85.78  ? 20  G   A "C1'" 1 
ATOM   392  N  N9    . G   A 1 19 ? 6.236   -1.152  7.791   1.00 85.48  ? 20  G   A N9    1 
ATOM   393  C  C8    . G   A 1 19 ? 6.225   -1.929  6.654   1.00 78.92  ? 20  G   A C8    1 
ATOM   394  N  N7    . G   A 1 19 ? 5.012   -2.083  6.189   1.00 77.69  ? 20  G   A N7    1 
ATOM   395  C  C5    . G   A 1 19 ? 4.194   -1.376  7.071   1.00 80.96  ? 20  G   A C5    1 
ATOM   396  C  C6    . G   A 1 19 ? 2.789   -1.175  7.093   1.00 81.69  ? 20  G   A C6    1 
ATOM   397  O  O6    . G   A 1 19 ? 1.939   -1.596  6.303   1.00 82.35  ? 20  G   A O6    1 
ATOM   398  N  N1    . G   A 1 19 ? 2.392   -0.388  8.169   1.00 80.59  ? 20  G   A N1    1 
ATOM   399  C  C2    . G   A 1 19 ? 3.242   0.138   9.107   1.00 81.06  ? 20  G   A C2    1 
ATOM   400  N  N2    . G   A 1 19 ? 2.669   0.869   10.074  1.00 82.71  ? 20  G   A N2    1 
ATOM   401  N  N3    . G   A 1 19 ? 4.550   -0.033  9.105   1.00 78.22  ? 20  G   A N3    1 
ATOM   402  C  C4    . G   A 1 19 ? 4.943   -0.796  8.065   1.00 82.17  ? 20  G   A C4    1 
ATOM   403  P  P     . U   A 1 20 ? 8.118   -4.660  11.322  1.00 100.14 ? 21  U   A P     1 
ATOM   404  O  OP1   . U   A 1 20 ? 9.090   -5.404  12.163  1.00 98.39  ? 21  U   A OP1   1 
ATOM   405  O  OP2   . U   A 1 20 ? 7.580   -5.309  10.106  1.00 94.83  ? 21  U   A OP2   1 
ATOM   406  O  "O5'" . U   A 1 20 ? 6.859   -4.273  12.201  1.00 93.46  ? 21  U   A "O5'" 1 
ATOM   407  C  "C5'" . U   A 1 20 ? 6.938   -3.197  13.114  1.00 85.75  ? 21  U   A "C5'" 1 
ATOM   408  C  "C4'" . U   A 1 20 ? 5.566   -2.732  13.504  1.00 87.30  ? 21  U   A "C4'" 1 
ATOM   409  O  "O4'" . U   A 1 20 ? 4.983   -1.984  12.409  1.00 83.50  ? 21  U   A "O4'" 1 
ATOM   410  C  "C3'" . U   A 1 20 ? 4.538   -3.817  13.773  1.00 89.67  ? 21  U   A "C3'" 1 
ATOM   411  O  "O3'" . U   A 1 20 ? 4.680   -4.467  15.026  1.00 93.24  ? 21  U   A "O3'" 1 
ATOM   412  C  "C2'" . U   A 1 20 ? 3.230   -3.060  13.602  1.00 87.03  ? 21  U   A "C2'" 1 
ATOM   413  O  "O2'" . U   A 1 20 ? 2.952   -2.264  14.746  1.00 82.83  ? 21  U   A "O2'" 1 
ATOM   414  C  "C1'" . U   A 1 20 ? 3.579   -2.149  12.416  1.00 84.25  ? 21  U   A "C1'" 1 
ATOM   415  N  N1    . U   A 1 20 ? 3.181   -2.776  11.142  1.00 83.67  ? 21  U   A N1    1 
ATOM   416  C  C2    . U   A 1 20 ? 1.874   -2.594  10.734  1.00 83.88  ? 21  U   A C2    1 
ATOM   417  O  O2    . U   A 1 20 ? 1.086   -1.919  11.370  1.00 81.82  ? 21  U   A O2    1 
ATOM   418  N  N3    . U   A 1 20 ? 1.534   -3.222  9.561   1.00 83.89  ? 21  U   A N3    1 
ATOM   419  C  C4    . U   A 1 20 ? 2.360   -4.007  8.781   1.00 82.76  ? 21  U   A C4    1 
ATOM   420  O  O4    . U   A 1 20 ? 1.923   -4.515  7.745   1.00 83.54  ? 21  U   A O4    1 
ATOM   421  C  C5    . U   A 1 20 ? 3.694   -4.153  9.280   1.00 84.43  ? 21  U   A C5    1 
ATOM   422  C  C6    . U   A 1 20 ? 4.054   -3.553  10.415  1.00 85.12  ? 21  U   A C6    1 
ATOM   423  P  P     . G   A 1 21 ? 4.445   -6.058  15.147  1.00 94.98  ? 22  G   A P     1 
ATOM   424  O  OP1   . G   A 1 21 ? 5.068   -6.481  16.422  1.00 94.57  ? 22  G   A OP1   1 
ATOM   425  O  OP2   . G   A 1 21 ? 4.790   -6.747  13.874  1.00 94.24  ? 22  G   A OP2   1 
ATOM   426  O  "O5'" . G   A 1 21 ? 2.881   -6.188  15.358  1.00 87.15  ? 22  G   A "O5'" 1 
ATOM   427  C  "C5'" . G   A 1 21 ? 2.265   -5.483  16.414  1.00 84.11  ? 22  G   A "C5'" 1 
ATOM   428  C  "C4'" . G   A 1 21 ? 0.800   -5.314  16.158  1.00 85.39  ? 22  G   A "C4'" 1 
ATOM   429  O  "O4'" . G   A 1 21 ? 0.601   -4.434  15.025  1.00 88.85  ? 22  G   A "O4'" 1 
ATOM   430  C  "C3'" . G   A 1 21 ? 0.064   -6.568  15.752  1.00 86.43  ? 22  G   A "C3'" 1 
ATOM   431  O  "O3'" . G   A 1 21 ? -0.191  -7.458  16.820  1.00 92.48  ? 22  G   A "O3'" 1 
ATOM   432  C  "C2'" . G   A 1 21 ? -1.172  -6.002  15.075  1.00 85.33  ? 22  G   A "C2'" 1 
ATOM   433  O  "O2'" . G   A 1 21 ? -2.100  -5.498  16.023  1.00 84.91  ? 22  G   A "O2'" 1 
ATOM   434  C  "C1'" . G   A 1 21 ? -0.556  -4.831  14.315  1.00 87.61  ? 22  G   A "C1'" 1 
ATOM   435  N  N9    . G   A 1 21 ? -0.176  -5.257  12.956  1.00 83.77  ? 22  G   A N9    1 
ATOM   436  C  C8    . G   A 1 21 ? 1.040   -5.666  12.462  1.00 82.95  ? 22  G   A C8    1 
ATOM   437  N  N7    . G   A 1 21 ? 0.969   -6.008  11.202  1.00 83.49  ? 22  G   A N7    1 
ATOM   438  C  C5    . G   A 1 21 ? -0.370  -5.828  10.867  1.00 82.65  ? 22  G   A C5    1 
ATOM   439  C  C6    . G   A 1 21 ? -1.069  -6.029  9.653   1.00 82.22  ? 22  G   A C6    1 
ATOM   440  O  O6    . G   A 1 21 ? -0.628  -6.428  8.571   1.00 81.99  ? 22  G   A O6    1 
ATOM   441  N  N1    . G   A 1 21 ? -2.420  -5.717  9.773   1.00 81.63  ? 22  G   A N1    1 
ATOM   442  C  C2    . G   A 1 21 ? -3.028  -5.268  10.918  1.00 81.98  ? 22  G   A C2    1 
ATOM   443  N  N2    . G   A 1 21 ? -4.339  -5.015  10.851  1.00 82.93  ? 22  G   A N2    1 
ATOM   444  N  N3    . G   A 1 21 ? -2.392  -5.075  12.051  1.00 79.89  ? 22  G   A N3    1 
ATOM   445  C  C4    . G   A 1 21 ? -1.084  -5.374  11.945  1.00 81.78  ? 22  G   A C4    1 
ATOM   446  P  P     . G   A 1 22 ? 0.064   -9.030  16.602  1.00 89.47  ? 23  G   A P     1 
ATOM   447  O  OP1   . G   A 1 22 ? 0.074   -9.632  17.958  1.00 91.02  ? 23  G   A OP1   1 
ATOM   448  O  OP2   . G   A 1 22 ? 1.246   -9.221  15.719  1.00 90.38  ? 23  G   A OP2   1 
ATOM   449  O  "O5'" . G   A 1 22 ? -1.238  -9.493  15.808  1.00 81.60  ? 23  G   A "O5'" 1 
ATOM   450  C  "C5'" . G   A 1 22 ? -2.523  -9.138  16.293  1.00 82.96  ? 23  G   A "C5'" 1 
ATOM   451  C  "C4'" . G   A 1 22 ? -3.545  -9.103  15.195  1.00 80.52  ? 23  G   A "C4'" 1 
ATOM   452  O  "O4'" . G   A 1 22 ? -3.196  -8.079  14.228  1.00 89.59  ? 23  G   A "O4'" 1 
ATOM   453  C  "C3'" . G   A 1 22 ? -3.647  -10.354 14.361  1.00 77.12  ? 23  G   A "C3'" 1 
ATOM   454  O  "O3'" . G   A 1 22 ? -4.365  -11.386 15.000  1.00 90.90  ? 23  G   A "O3'" 1 
ATOM   455  C  "C2'" . G   A 1 22 ? -4.292  -9.836  13.092  1.00 80.13  ? 23  G   A "C2'" 1 
ATOM   456  O  "O2'" . G   A 1 22 ? -5.665  -9.552  13.308  1.00 78.51  ? 23  G   A "O2'" 1 
ATOM   457  C  "C1'" . G   A 1 22 ? -3.540  -8.516  12.929  1.00 89.14  ? 23  G   A "C1'" 1 
ATOM   458  N  N9    . G   A 1 22 ? -2.296  -8.731  12.157  1.00 87.42  ? 23  G   A N9    1 
ATOM   459  C  C8    . G   A 1 22 ? -0.988  -8.802  12.606  1.00 86.66  ? 23  G   A C8    1 
ATOM   460  N  N7    . G   A 1 22 ? -0.122  -9.056  11.655  1.00 83.46  ? 23  G   A N7    1 
ATOM   461  C  C5    . G   A 1 22 ? -0.913  -9.175  10.522  1.00 82.00  ? 23  G   A C5    1 
ATOM   462  C  C6    . G   A 1 22 ? -0.549  -9.449  9.189   1.00 83.05  ? 23  G   A C6    1 
ATOM   463  O  O6    . G   A 1 22 ? 0.591   -9.645  8.752   1.00 85.20  ? 23  G   A O6    1 
ATOM   464  N  N1    . G   A 1 22 ? -1.664  -9.479  8.348   1.00 80.47  ? 23  G   A N1    1 
ATOM   465  C  C2    . G   A 1 22 ? -2.966  -9.275  8.745   1.00 80.41  ? 23  G   A C2    1 
ATOM   466  N  N2    . G   A 1 22 ? -3.917  -9.346  7.801   1.00 78.73  ? 23  G   A N2    1 
ATOM   467  N  N3    . G   A 1 22 ? -3.315  -9.019  9.988   1.00 81.32  ? 23  G   A N3    1 
ATOM   468  C  C4    . G   A 1 22 ? -2.247  -8.984  10.809  1.00 82.48  ? 23  G   A C4    1 
ATOM   469  P  P     . G   A 1 23 ? -4.118  -12.915 14.573  1.00 91.66  ? 24  G   A P     1 
ATOM   470  O  OP1   . G   A 1 23 ? -4.388  -13.745 15.775  1.00 93.15  ? 24  G   A OP1   1 
ATOM   471  O  OP2   . G   A 1 23 ? -2.779  -13.023 13.922  1.00 94.50  ? 24  G   A OP2   1 
ATOM   472  O  "O5'" . G   A 1 23 ? -5.254  -13.174 13.485  1.00 80.66  ? 24  G   A "O5'" 1 
ATOM   473  C  "C5'" . G   A 1 23 ? -4.999  -13.918 12.309  1.00 77.34  ? 24  G   A "C5'" 1 
ATOM   474  C  "C4'" . G   A 1 23 ? -5.824  -13.405 11.161  1.00 76.78  ? 24  G   A "C4'" 1 
ATOM   475  O  "O4'" . G   A 1 23 ? -5.203  -12.198 10.632  1.00 86.03  ? 24  G   A "O4'" 1 
ATOM   476  C  "C3'" . G   A 1 23 ? -5.917  -14.340 9.963   1.00 83.82  ? 24  G   A "C3'" 1 
ATOM   477  O  "O3'" . G   A 1 23 ? -6.935  -15.320 10.088  1.00 84.81  ? 24  G   A "O3'" 1 
ATOM   478  C  "C2'" . G   A 1 23 ? -6.111  -13.383 8.795   1.00 81.95  ? 24  G   A "C2'" 1 
ATOM   479  O  "O2'" . G   A 1 23 ? -7.453  -12.933 8.708   1.00 85.17  ? 24  G   A "O2'" 1 
ATOM   480  C  "C1'" . G   A 1 23 ? -5.222  -12.217 9.222   1.00 80.42  ? 24  G   A "C1'" 1 
ATOM   481  N  N9    . G   A 1 23 ? -3.839  -12.425 8.765   1.00 76.56  ? 24  G   A N9    1 
ATOM   482  C  C8    . G   A 1 23 ? -2.694  -12.445 9.527   1.00 76.49  ? 24  G   A C8    1 
ATOM   483  N  N7    . G   A 1 23 ? -1.622  -12.685 8.824   1.00 73.61  ? 24  G   A N7    1 
ATOM   484  C  C5    . G   A 1 23 ? -2.097  -12.833 7.524   1.00 76.62  ? 24  G   A C5    1 
ATOM   485  C  C6    . G   A 1 23 ? -1.419  -13.099 6.303   1.00 79.46  ? 24  G   A C6    1 
ATOM   486  O  O6    . G   A 1 23 ? -0.203  -13.257 6.129   1.00 81.47  ? 24  G   A O6    1 
ATOM   487  N  N1    . G   A 1 23 ? -2.291  -13.175 5.209   1.00 77.88  ? 24  G   A N1    1 
ATOM   488  C  C2    . G   A 1 23 ? -3.654  -13.011 5.272   1.00 77.87  ? 24  G   A C2    1 
ATOM   489  N  N2    . G   A 1 23 ? -4.355  -13.119 4.127   1.00 75.81  ? 24  G   A N2    1 
ATOM   490  N  N3    . G   A 1 23 ? -4.286  -12.752 6.401   1.00 79.34  ? 24  G   A N3    1 
ATOM   491  C  C4    . G   A 1 23 ? -3.462  -12.679 7.473   1.00 76.25  ? 24  G   A C4    1 
ATOM   492  P  P     . G   A 1 24 ? -6.577  -16.884 9.986   1.00 86.23  ? 25  G   A P     1 
ATOM   493  O  OP1   . G   A 1 24 ? -7.688  -17.604 10.650  1.00 86.05  ? 25  G   A OP1   1 
ATOM   494  O  OP2   . G   A 1 24 ? -5.175  -17.110 10.431  1.00 81.93  ? 25  G   A OP2   1 
ATOM   495  O  "O5'" . G   A 1 24 ? -6.665  -17.202 8.432   1.00 80.83  ? 25  G   A "O5'" 1 
ATOM   496  C  "C5'" . G   A 1 24 ? -7.735  -16.707 7.646   1.00 80.27  ? 25  G   A "C5'" 1 
ATOM   497  C  "C4'" . G   A 1 24 ? -7.391  -16.783 6.184   1.00 81.26  ? 25  G   A "C4'" 1 
ATOM   498  O  "O4'" . G   A 1 24 ? -6.354  -15.824 5.872   1.00 81.55  ? 25  G   A "O4'" 1 
ATOM   499  C  "C3'" . G   A 1 24 ? -6.812  -18.105 5.729   1.00 77.67  ? 25  G   A "C3'" 1 
ATOM   500  O  "O3'" . G   A 1 24 ? -7.811  -19.061 5.468   1.00 81.28  ? 25  G   A "O3'" 1 
ATOM   501  C  "C2'" . G   A 1 24 ? -6.005  -17.725 4.500   1.00 75.67  ? 25  G   A "C2'" 1 
ATOM   502  O  "O2'" . G   A 1 24 ? -6.852  -17.563 3.379   1.00 77.81  ? 25  G   A "O2'" 1 
ATOM   503  C  "C1'" . G   A 1 24 ? -5.492  -16.351 4.889   1.00 75.58  ? 25  G   A "C1'" 1 
ATOM   504  N  N9    . G   A 1 24 ? -4.130  -16.369 5.435   1.00 75.03  ? 25  G   A N9    1 
ATOM   505  C  C8    . G   A 1 24 ? -3.762  -16.038 6.714   1.00 77.13  ? 25  G   A C8    1 
ATOM   506  N  N7    . G   A 1 24 ? -2.473  -16.090 6.900   1.00 76.26  ? 25  G   A N7    1 
ATOM   507  C  C5    . G   A 1 24 ? -1.968  -16.466 5.668   1.00 75.88  ? 25  G   A C5    1 
ATOM   508  C  C6    . G   A 1 24 ? -0.630  -16.677 5.273   1.00 75.19  ? 25  G   A C6    1 
ATOM   509  O  O6    . G   A 1 24 ? 0.388   -16.567 5.974   1.00 70.81  ? 25  G   A O6    1 
ATOM   510  N  N1    . G   A 1 24 ? -0.570  -17.046 3.927   1.00 75.21  ? 25  G   A N1    1 
ATOM   511  C  C2    . G   A 1 24 ? -1.658  -17.190 3.085   1.00 76.87  ? 25  G   A C2    1 
ATOM   512  N  N2    . G   A 1 24 ? -1.401  -17.547 1.814   1.00 75.09  ? 25  G   A N2    1 
ATOM   513  N  N3    . G   A 1 24 ? -2.913  -16.993 3.452   1.00 74.91  ? 25  G   A N3    1 
ATOM   514  C  C4    . G   A 1 24 ? -2.983  -16.636 4.747   1.00 75.13  ? 25  G   A C4    1 
ATOM   515  P  P     . A   A 1 25 ? -7.525  -20.609 5.772   1.00 83.70  ? 26  A   A P     1 
ATOM   516  O  OP1   . A   A 1 25 ? -8.772  -21.358 5.466   1.00 79.11  ? 26  A   A OP1   1 
ATOM   517  O  OP2   . A   A 1 25 ? -6.857  -20.708 7.096   1.00 79.70  ? 26  A   A OP2   1 
ATOM   518  O  "O5'" . A   A 1 25 ? -6.469  -21.017 4.665   1.00 74.83  ? 26  A   A "O5'" 1 
ATOM   519  C  "C5'" . A   A 1 25 ? -6.891  -21.268 3.341   1.00 73.21  ? 26  A   A "C5'" 1 
ATOM   520  C  "C4'" . A   A 1 25 ? -5.696  -21.473 2.471   1.00 74.19  ? 26  A   A "C4'" 1 
ATOM   521  O  "O4'" . A   A 1 25 ? -4.788  -20.371 2.672   1.00 73.75  ? 26  A   A "O4'" 1 
ATOM   522  C  "C3'" . A   A 1 25 ? -4.867  -22.689 2.811   1.00 71.59  ? 26  A   A "C3'" 1 
ATOM   523  O  "O3'" . A   A 1 25 ? -5.389  -23.860 2.231   1.00 72.09  ? 26  A   A "O3'" 1 
ATOM   524  C  "C2'" . A   A 1 25 ? -3.496  -22.313 2.288   1.00 74.30  ? 26  A   A "C2'" 1 
ATOM   525  O  "O2'" . A   A 1 25 ? -3.453  -22.459 0.877   1.00 73.58  ? 26  A   A "O2'" 1 
ATOM   526  C  "C1'" . A   A 1 25 ? -3.462  -20.824 2.607   1.00 72.39  ? 26  A   A "C1'" 1 
ATOM   527  N  N9    . A   A 1 25 ? -2.813  -20.516 3.889   1.00 71.83  ? 26  A   A N9    1 
ATOM   528  C  C8    . A   A 1 25 ? -3.385  -20.231 5.103   1.00 74.72  ? 26  A   A C8    1 
ATOM   529  N  N7    . A   A 1 25 ? -2.501  -19.948 6.037   1.00 76.45  ? 26  A   A N7    1 
ATOM   530  C  C5    . A   A 1 25 ? -1.273  -20.042 5.385   1.00 75.99  ? 26  A   A C5    1 
ATOM   531  C  C6    . A   A 1 25 ? 0.069   -19.868 5.797   1.00 73.82  ? 26  A   A C6    1 
ATOM   532  N  N6    . A   A 1 25 ? 0.437   -19.546 7.034   1.00 73.09  ? 26  A   A N6    1 
ATOM   533  N  N1    . A   A 1 25 ? 1.053   -20.040 4.886   1.00 72.40  ? 26  A   A N1    1 
ATOM   534  C  C2    . A   A 1 25 ? 0.700   -20.369 3.639   1.00 75.29  ? 26  A   A C2    1 
ATOM   535  N  N3    . A   A 1 25 ? -0.515  -20.563 3.126   1.00 76.78  ? 26  A   A N3    1 
ATOM   536  C  C4    . A   A 1 25 ? -1.463  -20.385 4.061   1.00 75.26  ? 26  A   A C4    1 
ATOM   537  P  P     . C   A 1 26 ? -5.373  -25.225 3.055   1.00 77.11  ? 27  C   A P     1 
ATOM   538  O  OP1   . C   A 1 26 ? -6.087  -26.198 2.199   1.00 78.06  ? 27  C   A OP1   1 
ATOM   539  O  OP2   . C   A 1 26 ? -5.847  -24.967 4.439   1.00 65.94  ? 27  C   A OP2   1 
ATOM   540  O  "O5'" . C   A 1 26 ? -3.838  -25.630 3.046   1.00 76.16  ? 27  C   A "O5'" 1 
ATOM   541  C  "C5'" . C   A 1 26 ? -3.185  -25.888 1.819   1.00 70.85  ? 27  C   A "C5'" 1 
ATOM   542  C  "C4'" . C   A 1 26 ? -1.686  -25.879 1.962   1.00 72.20  ? 27  C   A "C4'" 1 
ATOM   543  O  "O4'" . C   A 1 26 ? -1.221  -24.564 2.355   1.00 74.63  ? 27  C   A "O4'" 1 
ATOM   544  C  "C3'" . C   A 1 26 ? -1.104  -26.771 3.032   1.00 75.42  ? 27  C   A "C3'" 1 
ATOM   545  O  "O3'" . C   A 1 26 ? -1.134  -28.142 2.719   1.00 70.18  ? 27  C   A "O3'" 1 
ATOM   546  C  "C2'" . C   A 1 26 ? 0.287   -26.180 3.207   1.00 74.96  ? 27  C   A "C2'" 1 
ATOM   547  O  "O2'" . C   A 1 26 ? 1.123   -26.517 2.109   1.00 64.04  ? 27  C   A "O2'" 1 
ATOM   548  C  "C1'" . C   A 1 26 ? -0.036  -24.692 3.119   1.00 72.80  ? 27  C   A "C1'" 1 
ATOM   549  N  N1    . C   A 1 26 ? -0.271  -24.113 4.452   1.00 73.59  ? 27  C   A N1    1 
ATOM   550  C  C2    . C   A 1 26 ? 0.842   -23.799 5.224   1.00 76.00  ? 27  C   A C2    1 
ATOM   551  O  O2    . C   A 1 26 ? 1.974   -24.006 4.768   1.00 77.48  ? 27  C   A O2    1 
ATOM   552  N  N3    . C   A 1 26 ? 0.662   -23.276 6.452   1.00 76.45  ? 27  C   A N3    1 
ATOM   553  C  C4    . C   A 1 26 ? -0.574  -23.063 6.909   1.00 76.27  ? 27  C   A C4    1 
ATOM   554  N  N4    . C   A 1 26 ? -0.694  -22.526 8.129   1.00 76.93  ? 27  C   A N4    1 
ATOM   555  C  C5    . C   A 1 26 ? -1.732  -23.382 6.136   1.00 73.33  ? 27  C   A C5    1 
ATOM   556  C  C6    . C   A 1 26 ? -1.534  -23.901 4.922   1.00 74.49  ? 27  C   A C6    1 
ATOM   557  P  P     . G   A 1 27 ? -1.434  -29.196 3.880   1.00 83.19  ? 28  G   A P     1 
ATOM   558  O  OP1   . G   A 1 27 ? -1.575  -30.505 3.176   1.00 82.37  ? 28  G   A OP1   1 
ATOM   559  O  OP2   . G   A 1 27 ? -2.503  -28.693 4.791   1.00 77.83  ? 28  G   A OP2   1 
ATOM   560  O  "O5'" . G   A 1 27 ? -0.105  -29.186 4.756   1.00 79.99  ? 28  G   A "O5'" 1 
ATOM   561  C  "C5'" . G   A 1 27 ? 1.156   -29.492 4.184   1.00 73.73  ? 28  G   A "C5'" 1 
ATOM   562  C  "C4'" . G   A 1 27 ? 2.267   -29.308 5.191   1.00 78.73  ? 28  G   A "C4'" 1 
ATOM   563  O  "O4'" . G   A 1 27 ? 2.561   -27.892 5.366   1.00 80.48  ? 28  G   A "O4'" 1 
ATOM   564  C  "C3'" . G   A 1 27 ? 1.978   -29.793 6.603   1.00 77.37  ? 28  G   A "C3'" 1 
ATOM   565  O  "O3'" . G   A 1 27 ? 2.095   -31.189 6.762   1.00 78.25  ? 28  G   A "O3'" 1 
ATOM   566  C  "C2'" . G   A 1 27 ? 2.974   -29.001 7.428   1.00 75.52  ? 28  G   A "C2'" 1 
ATOM   567  O  "O2'" . G   A 1 27 ? 4.271   -29.576 7.359   1.00 77.96  ? 28  G   A "O2'" 1 
ATOM   568  C  "C1'" . G   A 1 27 ? 2.943   -27.649 6.702   1.00 80.30  ? 28  G   A "C1'" 1 
ATOM   569  N  N9    . G   A 1 27 ? 1.897   -26.863 7.344   1.00 81.67  ? 28  G   A N9    1 
ATOM   570  C  C8    . G   A 1 27 ? 0.548   -26.878 7.092   1.00 80.23  ? 28  G   A C8    1 
ATOM   571  N  N7    . G   A 1 27 ? -0.108  -26.138 7.938   1.00 81.79  ? 28  G   A N7    1 
ATOM   572  C  C5    . G   A 1 27 ? 0.869   -25.652 8.798   1.00 77.98  ? 28  G   A C5    1 
ATOM   573  C  C6    . G   A 1 27 ? 0.755   -24.808 9.908   1.00 76.54  ? 28  G   A C6    1 
ATOM   574  O  O6    . G   A 1 27 ? -0.277  -24.305 10.351  1.00 78.10  ? 28  G   A O6    1 
ATOM   575  N  N1    . G   A 1 27 ? 1.993   -24.574 10.496  1.00 77.53  ? 28  G   A N1    1 
ATOM   576  C  C2    . G   A 1 27 ? 3.190   -25.087 10.067  1.00 77.96  ? 28  G   A C2    1 
ATOM   577  N  N2    . G   A 1 27 ? 4.276   -24.742 10.772  1.00 80.28  ? 28  G   A N2    1 
ATOM   578  N  N3    . G   A 1 27 ? 3.315   -25.878 9.026   1.00 76.18  ? 28  G   A N3    1 
ATOM   579  C  C4    . G   A 1 27 ? 2.115   -26.108 8.457   1.00 80.03  ? 28  G   A C4    1 
ATOM   580  P  P     . A   A 1 28 ? 0.872   -32.014 7.393   1.00 79.16  ? 29  A   A P     1 
ATOM   581  O  OP1   . A   A 1 28 ? 1.007   -33.347 6.775   1.00 79.89  ? 29  A   A OP1   1 
ATOM   582  O  OP2   . A   A 1 28 ? -0.394  -31.227 7.338   1.00 81.21  ? 29  A   A OP2   1 
ATOM   583  O  "O5'" . A   A 1 28 ? 1.232   -32.130 8.931   1.00 70.08  ? 29  A   A "O5'" 1 
ATOM   584  C  "C5'" . A   A 1 28 ? 0.320   -31.737 9.938   1.00 68.83  ? 29  A   A "C5'" 1 
ATOM   585  C  "C4'" . A   A 1 28 ? 0.960   -31.951 11.275  1.00 72.33  ? 29  A   A "C4'" 1 
ATOM   586  O  "O4'" . A   A 1 28 ? 1.923   -33.020 11.128  1.00 72.73  ? 29  A   A "O4'" 1 
ATOM   587  C  "C3'" . A   A 1 28 ? 1.773   -30.778 11.786  1.00 81.27  ? 29  A   A "C3'" 1 
ATOM   588  O  "O3'" . A   A 1 28 ? 0.974   -29.866 12.510  1.00 82.38  ? 29  A   A "O3'" 1 
ATOM   589  C  "C2'" . A   A 1 28 ? 2.852   -31.444 12.627  1.00 81.89  ? 29  A   A "C2'" 1 
ATOM   590  O  "O2'" . A   A 1 28 ? 2.327   -31.792 13.900  1.00 85.51  ? 29  A   A "O2'" 1 
ATOM   591  C  "C1'" . A   A 1 28 ? 3.091   -32.735 11.854  1.00 74.63  ? 29  A   A "C1'" 1 
ATOM   592  N  N9    . A   A 1 28 ? 4.239   -32.709 10.915  1.00 76.44  ? 29  A   A N9    1 
ATOM   593  C  C8    . A   A 1 28 ? 4.185   -32.879 9.546   1.00 76.40  ? 29  A   A C8    1 
ATOM   594  N  N7    . A   A 1 28 ? 5.353   -32.861 8.939   1.00 74.17  ? 29  A   A N7    1 
ATOM   595  C  C5    . A   A 1 28 ? 6.256   -32.681 9.978   1.00 74.68  ? 29  A   A C5    1 
ATOM   596  C  C6    . A   A 1 28 ? 7.664   -32.583 9.999   1.00 73.76  ? 29  A   A C6    1 
ATOM   597  N  N6    . A   A 1 28 ? 8.444   -32.653 8.915   1.00 68.39  ? 29  A   A N6    1 
ATOM   598  N  N1    . A   A 1 28 ? 8.258   -32.402 11.202  1.00 75.48  ? 29  A   A N1    1 
ATOM   599  C  C2    . A   A 1 28 ? 7.484   -32.330 12.295  1.00 77.33  ? 29  A   A C2    1 
ATOM   600  N  N3    . A   A 1 28 ? 6.156   -32.416 12.404  1.00 77.74  ? 29  A   A N3    1 
ATOM   601  C  C4    . A   A 1 28 ? 5.587   -32.595 11.197  1.00 75.72  ? 29  A   A C4    1 
ATOM   602  P  P     . A   A 1 29 ? 0.994   -28.316 12.126  1.00 83.07  ? 30  A   A P     1 
ATOM   603  O  OP1   . A   A 1 29 ? -0.085  -27.652 12.905  1.00 82.54  ? 30  A   A OP1   1 
ATOM   604  O  OP2   . A   A 1 29 ? 1.022   -28.226 10.640  1.00 78.14  ? 30  A   A OP2   1 
ATOM   605  O  "O5'" . A   A 1 29 ? 2.393   -27.821 12.707  1.00 86.75  ? 30  A   A "O5'" 1 
ATOM   606  C  "C5'" . A   A 1 29 ? 2.640   -27.809 14.108  1.00 84.04  ? 30  A   A "C5'" 1 
ATOM   607  C  "C4'" . A   A 1 29 ? 4.111   -27.967 14.422  1.00 82.05  ? 30  A   A "C4'" 1 
ATOM   608  O  "O4'" . A   A 1 29 ? 4.642   -29.105 13.701  1.00 85.52  ? 30  A   A "O4'" 1 
ATOM   609  C  "C3'" . A   A 1 29 ? 5.005   -26.811 14.011  1.00 81.32  ? 30  A   A "C3'" 1 
ATOM   610  O  "O3'" . A   A 1 29 ? 5.029   -25.790 14.985  1.00 85.27  ? 30  A   A "O3'" 1 
ATOM   611  C  "C2'" . A   A 1 29 ? 6.363   -27.468 13.804  1.00 80.18  ? 30  A   A "C2'" 1 
ATOM   612  O  "O2'" . A   A 1 29 ? 7.056   -27.610 15.034  1.00 81.33  ? 30  A   A "O2'" 1 
ATOM   613  C  "C1'" . A   A 1 29 ? 5.970   -28.851 13.301  1.00 81.80  ? 30  A   A "C1'" 1 
ATOM   614  N  N9    . A   A 1 29 ? 6.045   -28.972 11.839  1.00 78.03  ? 30  A   A N9    1 
ATOM   615  C  C8    . A   A 1 29 ? 5.022   -29.024 10.927  1.00 79.88  ? 30  A   A C8    1 
ATOM   616  N  N7    . A   A 1 29 ? 5.433   -29.181 9.692   1.00 78.38  ? 30  A   A N7    1 
ATOM   617  C  C5    . A   A 1 29 ? 6.809   -29.246 9.814   1.00 76.86  ? 30  A   A C5    1 
ATOM   618  C  C6    . A   A 1 29 ? 7.827   -29.409 8.869   1.00 75.09  ? 30  A   A C6    1 
ATOM   619  N  N6    . A   A 1 29 ? 7.594   -29.532 7.568   1.00 74.55  ? 30  A   A N6    1 
ATOM   620  N  N1    . A   A 1 29 ? 9.100   -29.433 9.312   1.00 75.52  ? 30  A   A N1    1 
ATOM   621  C  C2    . A   A 1 29 ? 9.315   -29.304 10.633  1.00 78.24  ? 30  A   A C2    1 
ATOM   622  N  N3    . A   A 1 29 ? 8.441   -29.143 11.627  1.00 75.94  ? 30  A   A N3    1 
ATOM   623  C  C4    . A   A 1 29 ? 7.196   -29.124 11.131  1.00 76.78  ? 30  A   A C4    1 
ATOM   624  P  P     . A   A 1 30 ? 5.052   -24.250 14.541  1.00 86.87  ? 31  A   A P     1 
ATOM   625  O  OP1   . A   A 1 30 ? 4.753   -23.457 15.761  1.00 83.37  ? 31  A   A OP1   1 
ATOM   626  O  OP2   . A   A 1 30 ? 4.224   -24.093 13.318  1.00 80.49  ? 31  A   A OP2   1 
ATOM   627  O  "O5'" . A   A 1 30 ? 6.564   -23.993 14.130  1.00 81.16  ? 31  A   A "O5'" 1 
ATOM   628  C  "C5'" . A   A 1 30 ? 7.585   -23.996 15.107  1.00 78.67  ? 31  A   A "C5'" 1 
ATOM   629  C  "C4'" . A   A 1 30 ? 8.916   -24.216 14.455  1.00 78.55  ? 31  A   A "C4'" 1 
ATOM   630  O  "O4'" . A   A 1 30 ? 8.891   -25.492 13.771  1.00 79.28  ? 31  A   A "O4'" 1 
ATOM   631  C  "C3'" . A   A 1 30 ? 9.273   -23.227 13.359  1.00 81.00  ? 31  A   A "C3'" 1 
ATOM   632  O  "O3'" . A   A 1 30 ? 9.819   -22.021 13.842  1.00 82.74  ? 31  A   A "O3'" 1 
ATOM   633  C  "C2'" . A   A 1 30 ? 10.238  -24.021 12.501  1.00 84.55  ? 31  A   A "C2'" 1 
ATOM   634  O  "O2'" . A   A 1 30 ? 11.509  -24.104 13.127  1.00 89.32  ? 31  A   A "O2'" 1 
ATOM   635  C  "C1'" . A   A 1 30 ? 9.589   -25.394 12.548  1.00 82.68  ? 31  A   A "C1'" 1 
ATOM   636  N  N9    . A   A 1 30 ? 8.622   -25.555 11.454  1.00 80.19  ? 31  A   A N9    1 
ATOM   637  C  C8    . A   A 1 30 ? 7.262   -25.372 11.469  1.00 80.77  ? 31  A   A C8    1 
ATOM   638  N  N7    . A   A 1 30 ? 6.695   -25.606 10.313  1.00 80.85  ? 31  A   A N7    1 
ATOM   639  C  C5    . A   A 1 30 ? 7.760   -25.946 9.496   1.00 79.56  ? 31  A   A C5    1 
ATOM   640  C  C6    . A   A 1 30 ? 7.826   -26.307 8.144   1.00 80.02  ? 31  A   A C6    1 
ATOM   641  N  N6    . A   A 1 30 ? 6.746   -26.387 7.356   1.00 77.26  ? 31  A   A N6    1 
ATOM   642  N  N1    . A   A 1 30 ? 9.056   -26.590 7.644   1.00 80.84  ? 31  A   A N1    1 
ATOM   643  C  C2    . A   A 1 30 ? 10.130  -26.507 8.448   1.00 80.35  ? 31  A   A C2    1 
ATOM   644  N  N3    . A   A 1 30 ? 10.189  -26.178 9.736   1.00 76.83  ? 31  A   A N3    1 
ATOM   645  C  C4    . A   A 1 30 ? 8.956   -25.909 10.188  1.00 78.00  ? 31  A   A C4    1 
ATOM   646  P  P     . G   A 1 31 ? 9.072   -20.635 13.557  1.00 86.65  ? 32  G   A P     1 
ATOM   647  O  OP1   . G   A 1 31 ? 9.986   -19.620 14.123  1.00 97.61  ? 32  G   A OP1   1 
ATOM   648  O  OP2   . G   A 1 31 ? 7.654   -20.726 14.008  1.00 83.63  ? 32  G   A OP2   1 
ATOM   649  O  "O5'" . G   A 1 31 ? 9.070   -20.466 11.972  1.00 75.52  ? 32  G   A "O5'" 1 
ATOM   650  C  "C5'" . G   A 1 31 ? 10.251  -20.628 11.203  1.00 75.36  ? 32  G   A "C5'" 1 
ATOM   651  C  "C4'" . G   A 1 31 ? 9.951   -21.389 9.936   1.00 80.03  ? 32  G   A "C4'" 1 
ATOM   652  O  "O4'" . G   A 1 31 ? 8.883   -22.335 10.202  1.00 83.67  ? 32  G   A "O4'" 1 
ATOM   653  C  "C3'" . G   A 1 31 ? 9.429   -20.573 8.760   1.00 80.08  ? 32  G   A "C3'" 1 
ATOM   654  O  "O3'" . G   A 1 31 ? 10.460  -19.949 8.012   1.00 89.71  ? 32  G   A "O3'" 1 
ATOM   655  C  "C2'" . G   A 1 31 ? 8.655   -21.606 7.956   1.00 78.67  ? 32  G   A "C2'" 1 
ATOM   656  O  "O2'" . G   A 1 31 ? 9.548   -22.405 7.195   1.00 82.12  ? 32  G   A "O2'" 1 
ATOM   657  C  "C1'" . G   A 1 31 ? 8.059   -22.468 9.067   1.00 81.33  ? 32  G   A "C1'" 1 
ATOM   658  N  N9    . G   A 1 31 ? 6.678   -22.073 9.418   1.00 77.84  ? 32  G   A N9    1 
ATOM   659  C  C8    . G   A 1 31 ? 6.201   -21.439 10.546  1.00 75.82  ? 32  G   A C8    1 
ATOM   660  N  N7    . G   A 1 31 ? 4.899   -21.262 10.525  1.00 73.24  ? 32  G   A N7    1 
ATOM   661  C  C5    . G   A 1 31 ? 4.501   -21.812 9.313   1.00 73.31  ? 32  G   A C5    1 
ATOM   662  C  C6    . G   A 1 31 ? 3.221   -21.928 8.716   1.00 71.83  ? 32  G   A C6    1 
ATOM   663  O  O6    . G   A 1 31 ? 2.130   -21.555 9.146   1.00 70.89  ? 32  G   A O6    1 
ATOM   664  N  N1    . G   A 1 31 ? 3.279   -22.560 7.481   1.00 71.99  ? 32  G   A N1    1 
ATOM   665  C  C2    . G   A 1 31 ? 4.425   -23.031 6.885   1.00 74.31  ? 32  G   A C2    1 
ATOM   666  N  N2    . G   A 1 31 ? 4.291   -23.616 5.685   1.00 70.87  ? 32  G   A N2    1 
ATOM   667  N  N3    . G   A 1 31 ? 5.625   -22.930 7.426   1.00 72.73  ? 32  G   A N3    1 
ATOM   668  C  C4    . G   A 1 31 ? 5.584   -22.317 8.628   1.00 74.43  ? 32  G   A C4    1 
ATOM   669  P  P     . U   A 1 32 ? 10.140  -18.708 7.035   1.00 86.55  ? 33  U   A P     1 
ATOM   670  O  OP1   . U   A 1 32 ? 11.426  -18.309 6.405   1.00 83.35  ? 33  U   A OP1   1 
ATOM   671  O  OP2   . U   A 1 32 ? 9.285   -17.733 7.760   1.00 77.76  ? 33  U   A OP2   1 
ATOM   672  O  "O5'" . U   A 1 32 ? 9.308   -19.347 5.844   1.00 77.95  ? 33  U   A "O5'" 1 
ATOM   673  C  "C5'" . U   A 1 32 ? 9.952   -20.207 4.926   1.00 79.01  ? 33  U   A "C5'" 1 
ATOM   674  C  "C4'" . U   A 1 32 ? 8.961   -20.798 3.975   1.00 77.04  ? 33  U   A "C4'" 1 
ATOM   675  O  "O4'" . U   A 1 32 ? 7.901   -21.416 4.734   1.00 76.07  ? 33  U   A "O4'" 1 
ATOM   676  C  "C3'" . U   A 1 32 ? 8.242   -19.800 3.090   1.00 79.72  ? 33  U   A "C3'" 1 
ATOM   677  O  "O3'" . U   A 1 32 ? 9.010   -19.431 1.957   1.00 85.63  ? 33  U   A "O3'" 1 
ATOM   678  C  "C2'" . U   A 1 32 ? 6.959   -20.537 2.751   1.00 75.78  ? 33  U   A "C2'" 1 
ATOM   679  O  "O2'" . U   A 1 32 ? 7.210   -21.526 1.764   1.00 75.90  ? 33  U   A "O2'" 1 
ATOM   680  C  "C1'" . U   A 1 32 ? 6.674   -21.252 4.065   1.00 72.60  ? 33  U   A "C1'" 1 
ATOM   681  N  N1    . U   A 1 32 ? 5.766   -20.497 4.955   1.00 72.86  ? 33  U   A N1    1 
ATOM   682  C  C2    . U   A 1 32 ? 4.419   -20.468 4.644   1.00 71.88  ? 33  U   A C2    1 
ATOM   683  O  O2    . U   A 1 32 ? 3.959   -21.012 3.654   1.00 73.98  ? 33  U   A O2    1 
ATOM   684  N  N3    . U   A 1 32 ? 3.630   -19.768 5.523   1.00 66.84  ? 33  U   A N3    1 
ATOM   685  C  C4    . U   A 1 32 ? 4.051   -19.120 6.659   1.00 67.06  ? 33  U   A C4    1 
ATOM   686  O  O4    . U   A 1 32 ? 3.225   -18.535 7.349   1.00 70.77  ? 33  U   A O4    1 
ATOM   687  C  C5    . U   A 1 32 ? 5.454   -19.201 6.924   1.00 69.29  ? 33  U   A C5    1 
ATOM   688  C  C6    . U   A 1 32 ? 6.246   -19.874 6.085   1.00 72.41  ? 33  U   A C6    1 
ATOM   689  P  P     . C   A 1 33 ? 8.841   -17.988 1.270   1.00 93.15  ? 34  C   A P     1 
ATOM   690  O  OP1   . C   A 1 33 ? 9.892   -17.898 0.227   1.00 92.79  ? 34  C   A OP1   1 
ATOM   691  O  OP2   . C   A 1 33 ? 8.749   -16.921 2.310   1.00 79.93  ? 34  C   A OP2   1 
ATOM   692  O  "O5'" . C   A 1 33 ? 7.451   -18.112 0.512   1.00 80.41  ? 34  C   A "O5'" 1 
ATOM   693  C  "C5'" . C   A 1 33 ? 7.247   -19.143 -0.437  1.00 77.73  ? 34  C   A "C5'" 1 
ATOM   694  C  "C4'" . C   A 1 33 ? 5.817   -19.168 -0.893  1.00 81.53  ? 34  C   A "C4'" 1 
ATOM   695  O  "O4'" . C   A 1 33 ? 4.960   -19.588 0.194   1.00 81.92  ? 34  C   A "O4'" 1 
ATOM   696  C  "C3'" . C   A 1 33 ? 5.261   -17.822 -1.315  1.00 81.69  ? 34  C   A "C3'" 1 
ATOM   697  O  "O3'" . C   A 1 33 ? 5.613   -17.530 -2.655  1.00 88.23  ? 34  C   A "O3'" 1 
ATOM   698  C  "C2'" . C   A 1 33 ? 3.765   -17.994 -1.095  1.00 79.26  ? 34  C   A "C2'" 1 
ATOM   699  O  "O2'" . C   A 1 33 ? 3.188   -18.722 -2.167  1.00 74.99  ? 34  C   A "O2'" 1 
ATOM   700  C  "C1'" . C   A 1 33 ? 3.739   -18.887 0.144   1.00 80.02  ? 34  C   A "C1'" 1 
ATOM   701  N  N1    . C   A 1 33 ? 3.569   -18.149 1.423   1.00 75.37  ? 34  C   A N1    1 
ATOM   702  C  C2    . C   A 1 33 ? 2.280   -17.808 1.850   1.00 73.48  ? 34  C   A C2    1 
ATOM   703  O  O2    . C   A 1 33 ? 1.308   -18.088 1.139   1.00 74.63  ? 34  C   A O2    1 
ATOM   704  N  N3    . C   A 1 33 ? 2.108   -17.164 3.022   1.00 70.83  ? 34  C   A N3    1 
ATOM   705  C  C4    . C   A 1 33 ? 3.159   -16.878 3.775   1.00 66.99  ? 34  C   A C4    1 
ATOM   706  N  N4    . C   A 1 33 ? 2.921   -16.255 4.923   1.00 64.71  ? 34  C   A N4    1 
ATOM   707  C  C5    . C   A 1 33 ? 4.483   -17.221 3.386   1.00 66.88  ? 34  C   A C5    1 
ATOM   708  C  C6    . C   A 1 33 ? 4.643   -17.850 2.216   1.00 71.45  ? 34  C   A C6    1 
ATOM   709  P  P     . A   A 1 34 ? 5.758   -16.022 -3.185  1.00 95.60  ? 35  A   A P     1 
ATOM   710  O  OP1   . A   A 1 34 ? 6.307   -16.148 -4.558  1.00 91.88  ? 35  A   A OP1   1 
ATOM   711  O  OP2   . A   A 1 34 ? 6.347   -15.103 -2.161  1.00 84.00  ? 35  A   A OP2   1 
ATOM   712  O  "O5'" . A   A 1 34 ? 4.262   -15.552 -3.363  1.00 85.36  ? 35  A   A "O5'" 1 
ATOM   713  C  "C5'" . A   A 1 34 ? 3.378   -16.246 -4.219  1.00 85.22  ? 35  A   A "C5'" 1 
ATOM   714  C  "C4'" . A   A 1 34 ? 2.040   -15.588 -4.145  1.00 86.39  ? 35  A   A "C4'" 1 
ATOM   715  O  "O4'" . A   A 1 34 ? 1.327   -16.051 -2.960  1.00 89.65  ? 35  A   A "O4'" 1 
ATOM   716  C  "C3'" . A   A 1 34 ? 2.116   -14.093 -3.931  1.00 90.55  ? 35  A   A "C3'" 1 
ATOM   717  O  "O3'" . A   A 1 34 ? 2.599   -13.359 -5.048  1.00 92.41  ? 35  A   A "O3'" 1 
ATOM   718  C  "C2'" . A   A 1 34 ? 0.734   -13.792 -3.372  1.00 92.02  ? 35  A   A "C2'" 1 
ATOM   719  O  "O2'" . A   A 1 34 ? -0.275  -13.911 -4.373  1.00 93.14  ? 35  A   A "O2'" 1 
ATOM   720  C  "C1'" . A   A 1 34 ? 0.582   -14.977 -2.403  1.00 87.67  ? 35  A   A "C1'" 1 
ATOM   721  N  N9    . A   A 1 34 ? 1.113   -14.660 -1.044  1.00 80.92  ? 35  A   A N9    1 
ATOM   722  C  C8    . A   A 1 34 ? 2.434   -14.486 -0.665  1.00 81.54  ? 35  A   A C8    1 
ATOM   723  N  N7    . A   A 1 34 ? 2.623   -14.181 0.597   1.00 73.47  ? 35  A   A N7    1 
ATOM   724  C  C5    . A   A 1 34 ? 1.338   -14.139 1.112   1.00 73.91  ? 35  A   A C5    1 
ATOM   725  C  C6    . A   A 1 34 ? 0.861   -13.871 2.416   1.00 75.05  ? 35  A   A C6    1 
ATOM   726  N  N6    . A   A 1 34 ? 1.661   -13.576 3.449   1.00 70.51  ? 35  A   A N6    1 
ATOM   727  N  N1    . A   A 1 34 ? -0.479  -13.913 2.621   1.00 74.73  ? 35  A   A N1    1 
ATOM   728  C  C2    . A   A 1 34 ? -1.274  -14.195 1.578   1.00 77.34  ? 35  A   A C2    1 
ATOM   729  N  N3    . A   A 1 34 ? -0.940  -14.458 0.308   1.00 79.68  ? 35  A   A N3    1 
ATOM   730  C  C4    . A   A 1 34 ? 0.398   -14.418 0.123   1.00 78.47  ? 35  A   A C4    1 
ATOM   731  P  P     . G   A 1 35 ? 1.661   -12.610 -6.097  1.00 80.58  ? 36  G   A P     1 
ATOM   732  O  OP1   . G   A 1 35 ? 0.386   -13.294 -6.430  1.00 82.84  ? 36  G   A OP1   1 
ATOM   733  O  OP2   . G   A 1 35 ? 2.623   -12.300 -7.180  1.00 95.32  ? 36  G   A OP2   1 
ATOM   734  O  "O5'" . G   A 1 35 ? 1.295   -11.273 -5.344  1.00 87.29  ? 36  G   A "O5'" 1 
ATOM   735  C  "C5'" . G   A 1 35 ? 0.522   -10.295 -6.001  1.00 83.13  ? 36  G   A "C5'" 1 
ATOM   736  C  "C4'" . G   A 1 35 ? -0.348  -9.568  -5.029  1.00 76.08  ? 36  G   A "C4'" 1 
ATOM   737  O  "O4'" . G   A 1 35 ? -0.969  -8.492  -5.754  1.00 77.14  ? 36  G   A "O4'" 1 
ATOM   738  C  "C3'" . G   A 1 35 ? -1.485  -10.391 -4.436  1.00 82.83  ? 36  G   A "C3'" 1 
ATOM   739  O  "O3'" . G   A 1 35 ? -1.803  -9.891  -3.130  1.00 81.90  ? 36  G   A "O3'" 1 
ATOM   740  C  "C2'" . G   A 1 35 ? -2.630  -10.084 -5.392  1.00 80.26  ? 36  G   A "C2'" 1 
ATOM   741  O  "O2'" . G   A 1 35 ? -3.916  -10.276 -4.842  1.00 85.15  ? 36  G   A "O2'" 1 
ATOM   742  C  "C1'" . G   A 1 35 ? -2.362  -8.620  -5.701  1.00 77.61  ? 36  G   A "C1'" 1 
ATOM   743  N  N9    . G   A 1 35 ? -2.871  -8.148  -6.981  1.00 77.03  ? 36  G   A N9    1 
ATOM   744  C  C8    . G   A 1 35 ? -2.505  -8.568  -8.226  1.00 74.92  ? 36  G   A C8    1 
ATOM   745  N  N7    . G   A 1 35 ? -3.142  -7.910  -9.162  1.00 78.33  ? 36  G   A N7    1 
ATOM   746  C  C5    . G   A 1 35 ? -3.951  -7.001  -8.483  1.00 73.09  ? 36  G   A C5    1 
ATOM   747  C  C6    . G   A 1 35 ? -4.873  -6.031  -8.948  1.00 69.24  ? 36  G   A C6    1 
ATOM   748  O  O6    . G   A 1 35 ? -5.194  -5.734  -10.096 1.00 70.68  ? 36  G   A O6    1 
ATOM   749  N  N1    . G   A 1 35 ? -5.476  -5.358  -7.908  1.00 65.71  ? 36  G   A N1    1 
ATOM   750  C  C2    . G   A 1 35 ? -5.222  -5.574  -6.589  1.00 68.10  ? 36  G   A C2    1 
ATOM   751  N  N2    . G   A 1 35 ? -5.901  -4.804  -5.734  1.00 72.41  ? 36  G   A N2    1 
ATOM   752  N  N3    . G   A 1 35 ? -4.370  -6.464  -6.135  1.00 69.43  ? 36  G   A N3    1 
ATOM   753  C  C4    . G   A 1 35 ? -3.775  -7.133  -7.134  1.00 72.19  ? 36  G   A C4    1 
ATOM   754  P  P     . C   A 1 36 ? -0.827  -10.159 -1.872  1.00 84.29  ? 37  C   A P     1 
ATOM   755  O  OP1   . C   A 1 36 ? -0.353  -8.891  -1.277  1.00 79.19  ? 37  C   A OP1   1 
ATOM   756  O  OP2   . C   A 1 36 ? 0.191   -11.157 -2.251  1.00 84.56  ? 37  C   A OP2   1 
ATOM   757  O  "O5'" . C   A 1 36 ? -1.789  -10.775 -0.775  1.00 80.62  ? 37  C   A "O5'" 1 
ATOM   758  C  "C5'" . C   A 1 36 ? -3.015  -11.382 -1.144  1.00 81.16  ? 37  C   A "C5'" 1 
ATOM   759  C  "C4'" . C   A 1 36 ? -4.018  -11.254 -0.032  1.00 77.62  ? 37  C   A "C4'" 1 
ATOM   760  O  "O4'" . C   A 1 36 ? -3.377  -11.561 1.235   1.00 73.60  ? 37  C   A "O4'" 1 
ATOM   761  C  "C3'" . C   A 1 36 ? -4.632  -9.870  0.130   1.00 75.13  ? 37  C   A "C3'" 1 
ATOM   762  O  "O3'" . C   A 1 36 ? -5.988  -10.014 0.497   1.00 70.09  ? 37  C   A "O3'" 1 
ATOM   763  C  "C2'" . C   A 1 36 ? -3.875  -9.290  1.312   1.00 73.68  ? 37  C   A "C2'" 1 
ATOM   764  O  "O2'" . C   A 1 36 ? -4.600  -8.326  2.033   1.00 74.34  ? 37  C   A "O2'" 1 
ATOM   765  C  "C1'" . C   A 1 36 ? -3.631  -10.527 2.153   1.00 72.92  ? 37  C   A "C1'" 1 
ATOM   766  N  N1    . C   A 1 36 ? -2.474  -10.395 3.036   1.00 75.09  ? 37  C   A N1    1 
ATOM   767  C  C2    . C   A 1 36 ? -2.687  -10.042 4.367   1.00 77.91  ? 37  C   A C2    1 
ATOM   768  O  O2    . C   A 1 36 ? -3.857  -9.871  4.751   1.00 80.33  ? 37  C   A O2    1 
ATOM   769  N  N3    . C   A 1 36 ? -1.617  -9.903  5.189   1.00 75.08  ? 37  C   A N3    1 
ATOM   770  C  C4    . C   A 1 36 ? -0.387  -10.100 4.714   1.00 75.19  ? 37  C   A C4    1 
ATOM   771  N  N4    . C   A 1 36 ? 0.655   -9.951  5.536   1.00 76.59  ? 37  C   A N4    1 
ATOM   772  C  C5    . C   A 1 36 ? -0.159  -10.455 3.359   1.00 73.84  ? 37  C   A C5    1 
ATOM   773  C  C6    . C   A 1 36 ? -1.220  -10.584 2.556   1.00 74.54  ? 37  C   A C6    1 
ATOM   774  P  P     . G   A 1 37 ? -7.119  -9.812  -0.614  1.00 84.58  ? 38  G   A P     1 
ATOM   775  O  OP1   . G   A 1 37 ? -8.389  -10.149 0.075   1.00 79.61  ? 38  G   A OP1   1 
ATOM   776  O  OP2   . G   A 1 37 ? -6.765  -10.482 -1.906  1.00 78.22  ? 38  G   A OP2   1 
ATOM   777  O  "O5'" . G   A 1 37 ? -7.097  -8.246  -0.855  1.00 70.80  ? 38  G   A "O5'" 1 
ATOM   778  C  "C5'" . G   A 1 37 ? -7.279  -7.349  0.228   1.00 70.74  ? 38  G   A "C5'" 1 
ATOM   779  C  "C4'" . G   A 1 37 ? -8.388  -6.384  -0.070  1.00 70.73  ? 38  G   A "C4'" 1 
ATOM   780  O  "O4'" . G   A 1 37 ? -8.205  -5.889  -1.425  1.00 73.83  ? 38  G   A "O4'" 1 
ATOM   781  C  "C3'" . G   A 1 37 ? -9.792  -6.976  -0.018  1.00 71.26  ? 38  G   A "C3'" 1 
ATOM   782  O  "O3'" . G   A 1 37 ? -10.714 -5.994  0.444   1.00 72.03  ? 38  G   A "O3'" 1 
ATOM   783  C  "C2'" . G   A 1 37 ? -10.081 -7.286  -1.475  1.00 73.58  ? 38  G   A "C2'" 1 
ATOM   784  O  "O2'" . G   A 1 37 ? -11.457 -7.338  -1.784  1.00 79.63  ? 38  G   A "O2'" 1 
ATOM   785  C  "C1'" . G   A 1 37 ? -9.364  -6.134  -2.183  1.00 69.35  ? 38  G   A "C1'" 1 
ATOM   786  N  N9    . G   A 1 37 ? -8.937  -6.454  -3.541  1.00 68.87  ? 38  G   A N9    1 
ATOM   787  C  C8    . G   A 1 37 ? -7.890  -7.261  -3.900  1.00 72.77  ? 38  G   A C8    1 
ATOM   788  N  N7    . G   A 1 37 ? -7.768  -7.394  -5.190  1.00 71.96  ? 38  G   A N7    1 
ATOM   789  C  C5    . G   A 1 37 ? -8.793  -6.619  -5.705  1.00 72.22  ? 38  G   A C5    1 
ATOM   790  C  C6    . G   A 1 37 ? -9.167  -6.362  -7.044  1.00 74.10  ? 38  G   A C6    1 
ATOM   791  O  O6    . G   A 1 37 ? -8.650  -6.787  -8.077  1.00 74.68  ? 38  G   A O6    1 
ATOM   792  N  N1    . G   A 1 37 ? -10.269 -5.523  -7.126  1.00 73.38  ? 38  G   A N1    1 
ATOM   793  C  C2    . G   A 1 37 ? -10.922 -4.996  -6.046  1.00 72.08  ? 38  G   A C2    1 
ATOM   794  N  N2    . G   A 1 37 ? -11.966 -4.211  -6.322  1.00 72.77  ? 38  G   A N2    1 
ATOM   795  N  N3    . G   A 1 37 ? -10.587 -5.225  -4.790  1.00 69.82  ? 38  G   A N3    1 
ATOM   796  C  C4    . G   A 1 37 ? -9.519  -6.032  -4.699  1.00 69.84  ? 38  G   A C4    1 
ATOM   797  P  P     . C   A 1 38 ? -11.287 -6.054  1.944   1.00 78.01  ? 39  C   A P     1 
ATOM   798  O  OP1   . C   A 1 38 ? -12.212 -7.210  2.021   1.00 90.08  ? 39  C   A OP1   1 
ATOM   799  O  OP2   . C   A 1 38 ? -11.795 -4.708  2.282   1.00 88.94  ? 39  C   A OP2   1 
ATOM   800  O  "O5'" . C   A 1 38 ? -10.024 -6.364  2.860   1.00 66.69  ? 39  C   A "O5'" 1 
ATOM   801  C  "C5'" . C   A 1 38 ? -9.136  -5.333  3.250   1.00 79.03  ? 39  C   A "C5'" 1 
ATOM   802  C  "C4'" . C   A 1 38 ? -9.139  -5.139  4.743   1.00 80.87  ? 39  C   A "C4'" 1 
ATOM   803  O  "O4'" . C   A 1 38 ? -8.367  -6.191  5.370   1.00 77.34  ? 39  C   A "O4'" 1 
ATOM   804  C  "C3'" . C   A 1 38 ? -8.493  -3.859  5.255   1.00 85.24  ? 39  C   A "C3'" 1 
ATOM   805  O  "O3'" . C   A 1 38 ? -9.346  -2.730  5.162   1.00 86.52  ? 39  C   A "O3'" 1 
ATOM   806  C  "C2'" . C   A 1 38 ? -8.129  -4.219  6.689   1.00 84.56  ? 39  C   A "C2'" 1 
ATOM   807  O  "O2'" . C   A 1 38 ? -9.255  -4.083  7.543   1.00 87.17  ? 39  C   A "O2'" 1 
ATOM   808  C  "C1'" . C   A 1 38 ? -7.775  -5.708  6.560   1.00 80.62  ? 39  C   A "C1'" 1 
ATOM   809  N  N1    . C   A 1 38 ? -6.311  -5.933  6.506   1.00 80.53  ? 39  C   A N1    1 
ATOM   810  C  C2    . C   A 1 38 ? -5.553  -5.731  7.669   1.00 80.70  ? 39  C   A C2    1 
ATOM   811  O  O2    . C   A 1 38 ? -6.110  -5.375  8.719   1.00 80.60  ? 39  C   A O2    1 
ATOM   812  N  N3    . C   A 1 38 ? -4.219  -5.921  7.633   1.00 81.13  ? 39  C   A N3    1 
ATOM   813  C  C4    . C   A 1 38 ? -3.638  -6.305  6.498   1.00 80.40  ? 39  C   A C4    1 
ATOM   814  N  N4    . C   A 1 38 ? -2.316  -6.479  6.525   1.00 79.12  ? 39  C   A N4    1 
ATOM   815  C  C5    . C   A 1 38 ? -4.378  -6.529  5.299   1.00 78.26  ? 39  C   A C5    1 
ATOM   816  C  C6    . C   A 1 38 ? -5.703  -6.333  5.347   1.00 79.31  ? 39  C   A C6    1 
ATOM   817  P  P     . A   A 1 39 ? -8.736  -1.249  5.028   1.00 89.86  ? 40  A   A P     1 
ATOM   818  O  OP1   . A   A 1 39 ? -9.927  -0.370  4.958   1.00 97.35  ? 40  A   A OP1   1 
ATOM   819  O  OP2   . A   A 1 39 ? -7.695  -1.189  3.963   1.00 83.32  ? 40  A   A OP2   1 
ATOM   820  O  "O5'" . A   A 1 39 ? -8.063  -0.967  6.443   1.00 85.45  ? 40  A   A "O5'" 1 
ATOM   821  C  "C5'" . A   A 1 39 ? -8.884  -0.721  7.570   1.00 87.44  ? 40  A   A "C5'" 1 
ATOM   822  C  "C4'" . A   A 1 39 ? -8.087  -0.606  8.842   1.00 86.22  ? 40  A   A "C4'" 1 
ATOM   823  O  "O4'" . A   A 1 39 ? -7.344  -1.824  9.083   1.00 85.16  ? 40  A   A "O4'" 1 
ATOM   824  C  "C3'" . A   A 1 39 ? -7.026  0.473   8.877   1.00 86.84  ? 40  A   A "C3'" 1 
ATOM   825  O  "O3'" . A   A 1 39 ? -7.556  1.756   9.112   1.00 87.45  ? 40  A   A "O3'" 1 
ATOM   826  C  "C2'" . A   A 1 39 ? -6.112  -0.015  9.987   1.00 86.26  ? 40  A   A "C2'" 1 
ATOM   827  O  "O2'" . A   A 1 39 ? -6.704  0.227   11.259  1.00 81.68  ? 40  A   A "O2'" 1 
ATOM   828  C  "C1'" . A   A 1 39 ? -6.128  -1.517  9.729   1.00 85.63  ? 40  A   A "C1'" 1 
ATOM   829  N  N9    . A   A 1 39 ? -5.027  -1.940  8.850   1.00 84.50  ? 40  A   A N9    1 
ATOM   830  C  C8    . A   A 1 39 ? -5.078  -2.257  7.522   1.00 85.02  ? 40  A   A C8    1 
ATOM   831  N  N7    . A   A 1 39 ? -3.919  -2.621  7.032   1.00 84.38  ? 40  A   A N7    1 
ATOM   832  C  C5    . A   A 1 39 ? -3.055  -2.535  8.109   1.00 83.10  ? 40  A   A C5    1 
ATOM   833  C  C6    . A   A 1 39 ? -1.683  -2.787  8.257   1.00 84.66  ? 40  A   A C6    1 
ATOM   834  N  N6    . A   A 1 39 ? -0.895  -3.192  7.269   1.00 85.60  ? 40  A   A N6    1 
ATOM   835  N  N1    . A   A 1 39 ? -1.125  -2.608  9.467   1.00 84.11  ? 40  A   A N1    1 
ATOM   836  C  C2    . A   A 1 39 ? -1.919  -2.200  10.456  1.00 82.99  ? 40  A   A C2    1 
ATOM   837  N  N3    . A   A 1 39 ? -3.222  -1.932  10.446  1.00 84.08  ? 40  A   A N3    1 
ATOM   838  C  C4    . A   A 1 39 ? -3.731  -2.120  9.230   1.00 83.79  ? 40  A   A C4    1 
ATOM   839  P  P     . C   A 1 40 ? -7.077  2.969   8.196   1.00 87.30  ? 41  C   A P     1 
ATOM   840  O  OP1   . C   A 1 40 ? -8.009  4.085   8.486   1.00 90.83  ? 41  C   A OP1   1 
ATOM   841  O  OP2   . C   A 1 40 ? -6.938  2.458   6.809   1.00 94.15  ? 41  C   A OP2   1 
ATOM   842  O  "O5'" . C   A 1 40 ? -5.622  3.302   8.739   1.00 80.75  ? 41  C   A "O5'" 1 
ATOM   843  C  "C5'" . C   A 1 40 ? -5.468  3.902   10.011  1.00 86.44  ? 41  C   A "C5'" 1 
ATOM   844  C  "C4'" . C   A 1 40 ? -4.138  3.567   10.624  1.00 87.00  ? 41  C   A "C4'" 1 
ATOM   845  O  "O4'" . C   A 1 40 ? -3.832  2.177   10.379  1.00 86.35  ? 41  C   A "O4'" 1 
ATOM   846  C  "C3'" . C   A 1 40 ? -2.932  4.294   10.061  1.00 88.53  ? 41  C   A "C3'" 1 
ATOM   847  O  "O3'" . C   A 1 40 ? -2.804  5.617   10.544  1.00 88.27  ? 41  C   A "O3'" 1 
ATOM   848  C  "C2'" . C   A 1 40 ? -1.786  3.380   10.474  1.00 86.15  ? 41  C   A "C2'" 1 
ATOM   849  O  "O2'" . C   A 1 40 ? -1.460  3.567   11.847  1.00 86.40  ? 41  C   A "O2'" 1 
ATOM   850  C  "C1'" . C   A 1 40 ? -2.432  2.006   10.306  1.00 86.01  ? 41  C   A "C1'" 1 
ATOM   851  N  N1    . C   A 1 40 ? -2.102  1.397   9.005   1.00 85.83  ? 41  C   A N1    1 
ATOM   852  C  C2    . C   A 1 40 ? -0.827  0.839   8.840   1.00 87.00  ? 41  C   A C2    1 
ATOM   853  O  O2    . C   A 1 40 ? -0.015  0.882   9.778   1.00 87.43  ? 41  C   A O2    1 
ATOM   854  N  N3    . C   A 1 40 ? -0.502  0.270   7.663   1.00 85.73  ? 41  C   A N3    1 
ATOM   855  C  C4    . C   A 1 40 ? -1.400  0.259   6.679   1.00 86.82  ? 41  C   A C4    1 
ATOM   856  N  N4    . C   A 1 40 ? -1.031  -0.301  5.528   1.00 87.53  ? 41  C   A N4    1 
ATOM   857  C  C5    . C   A 1 40 ? -2.709  0.816   6.826   1.00 88.06  ? 41  C   A C5    1 
ATOM   858  C  C6    . C   A 1 40 ? -3.022  1.376   8.001   1.00 86.49  ? 41  C   A C6    1 
ATOM   859  P  P     . C   A 1 41 ? -2.057  6.722   9.652   1.00 86.87  ? 42  C   A P     1 
ATOM   860  O  OP1   . C   A 1 41 ? -2.351  8.042   10.269  1.00 80.26  ? 42  C   A OP1   1 
ATOM   861  O  OP2   . C   A 1 41 ? -2.399  6.465   8.234   1.00 86.94  ? 42  C   A OP2   1 
ATOM   862  O  "O5'" . C   A 1 41 ? -0.512  6.396   9.854   1.00 78.06  ? 42  C   A "O5'" 1 
ATOM   863  C  "C5'" . C   A 1 41 ? 0.086   6.622   11.112  1.00 79.75  ? 42  C   A "C5'" 1 
ATOM   864  C  "C4'" . C   A 1 41 ? 1.480   6.068   11.179  1.00 78.80  ? 42  C   A "C4'" 1 
ATOM   865  O  "O4'" . C   A 1 41 ? 1.485   4.665   10.851  1.00 77.92  ? 42  C   A "O4'" 1 
ATOM   866  C  "C3'" . C   A 1 41 ? 2.464   6.654   10.206  1.00 80.06  ? 42  C   A "C3'" 1 
ATOM   867  O  "O3'" . C   A 1 41 ? 2.919   7.920   10.598  1.00 81.07  ? 42  C   A "O3'" 1 
ATOM   868  C  "C2'" . C   A 1 41 ? 3.547   5.593   10.163  1.00 82.60  ? 42  C   A "C2'" 1 
ATOM   869  O  "O2'" . C   A 1 41 ? 4.362   5.648   11.320  1.00 80.34  ? 42  C   A "O2'" 1 
ATOM   870  C  "C1'" . C   A 1 41 ? 2.709   4.326   10.241  1.00 76.55  ? 42  C   A "C1'" 1 
ATOM   871  N  N1    . C   A 1 41 ? 2.423   3.756   8.908   1.00 81.67  ? 42  C   A N1    1 
ATOM   872  C  C2    . C   A 1 41 ? 3.447   3.153   8.176   1.00 80.76  ? 42  C   A C2    1 
ATOM   873  O  O2    . C   A 1 41 ? 4.596   3.119   8.640   1.00 81.27  ? 42  C   A O2    1 
ATOM   874  N  N3    . C   A 1 41 ? 3.156   2.616   6.970   1.00 84.50  ? 42  C   A N3    1 
ATOM   875  C  C4    . C   A 1 41 ? 1.910   2.653   6.494   1.00 85.76  ? 42  C   A C4    1 
ATOM   876  N  N4    . C   A 1 41 ? 1.676   2.107   5.297   1.00 86.18  ? 42  C   A N4    1 
ATOM   877  C  C5    . C   A 1 41 ? 0.850   3.258   7.227   1.00 83.05  ? 42  C   A C5    1 
ATOM   878  C  C6    . C   A 1 41 ? 1.150   3.791   8.415   1.00 83.94  ? 42  C   A C6    1 
ATOM   879  P  P     . U   A 1 42 ? 3.078   9.041   9.482   1.00 87.62  ? 43  U   A P     1 
ATOM   880  O  OP1   . U   A 1 42 ? 2.870   10.374  10.113  1.00 89.39  ? 43  U   A OP1   1 
ATOM   881  O  OP2   . U   A 1 42 ? 2.194   8.641   8.365   1.00 81.49  ? 43  U   A OP2   1 
ATOM   882  O  "O5'" . U   A 1 42 ? 4.601   8.881   9.047   1.00 83.17  ? 43  U   A "O5'" 1 
ATOM   883  C  "C5'" . U   A 1 42 ? 5.578   8.485   9.997   1.00 79.46  ? 43  U   A "C5'" 1 
ATOM   884  C  "C4'" . U   A 1 42 ? 6.824   8.007   9.310   1.00 80.48  ? 43  U   A "C4'" 1 
ATOM   885  O  "O4'" . U   A 1 42 ? 6.686   6.602   8.973   1.00 83.31  ? 43  U   A "O4'" 1 
ATOM   886  C  "C3'" . U   A 1 42 ? 7.103   8.674   7.976   1.00 79.26  ? 43  U   A "C3'" 1 
ATOM   887  O  "O3'" . U   A 1 42 ? 7.709   9.941   8.090   1.00 82.47  ? 43  U   A "O3'" 1 
ATOM   888  C  "C2'" . U   A 1 42 ? 7.952   7.640   7.262   1.00 83.96  ? 43  U   A "C2'" 1 
ATOM   889  O  "O2'" . U   A 1 42 ? 9.280   7.644   7.757   1.00 86.37  ? 43  U   A "O2'" 1 
ATOM   890  C  "C1'" . U   A 1 42 ? 7.268   6.353   7.709   1.00 83.94  ? 43  U   A "C1'" 1 
ATOM   891  N  N1    . U   A 1 42 ? 6.196   5.966   6.759   1.00 81.44  ? 43  U   A N1    1 
ATOM   892  C  C2    . U   A 1 42 ? 6.593   5.287   5.625   1.00 83.89  ? 43  U   A C2    1 
ATOM   893  O  O2    . U   A 1 42 ? 7.759   5.006   5.421   1.00 85.48  ? 43  U   A O2    1 
ATOM   894  N  N3    . U   A 1 42 ? 5.588   4.939   4.753   1.00 84.42  ? 43  U   A N3    1 
ATOM   895  C  C4    . U   A 1 42 ? 4.244   5.210   4.896   1.00 86.18  ? 43  U   A C4    1 
ATOM   896  O  O4    . U   A 1 42 ? 3.450   4.826   4.030   1.00 81.88  ? 43  U   A O4    1 
ATOM   897  C  C5    . U   A 1 42 ? 3.912   5.935   6.092   1.00 83.53  ? 43  U   A C5    1 
ATOM   898  C  C6    . U   A 1 42 ? 4.870   6.279   6.958   1.00 80.22  ? 43  U   A C6    1 
ATOM   899  P  P     . A   A 1 43 ? 7.332   11.074  7.024   1.00 86.76  ? 44  A   A P     1 
ATOM   900  O  OP1   . A   A 1 43 ? 7.555   12.393  7.655   1.00 84.74  ? 44  A   A OP1   1 
ATOM   901  O  OP2   . A   A 1 43 ? 5.985   10.754  6.479   1.00 88.96  ? 44  A   A OP2   1 
ATOM   902  O  "O5'" . A   A 1 43 ? 8.413   10.855  5.888   1.00 77.32  ? 44  A   A "O5'" 1 
ATOM   903  C  "C5'" . A   A 1 43 ? 9.721   10.427  6.227   1.00 80.46  ? 44  A   A "C5'" 1 
ATOM   904  C  "C4'" . A   A 1 43 ? 10.390  9.784   5.047   1.00 82.49  ? 44  A   A "C4'" 1 
ATOM   905  O  "O4'" . A   A 1 43 ? 9.915   8.424   4.876   1.00 85.05  ? 44  A   A "O4'" 1 
ATOM   906  C  "C3'" . A   A 1 43 ? 10.096  10.438  3.715   1.00 81.02  ? 44  A   A "C3'" 1 
ATOM   907  O  "O3'" . A   A 1 43 ? 10.877  11.596  3.521   1.00 86.03  ? 44  A   A "O3'" 1 
ATOM   908  C  "C2'" . A   A 1 43 ? 10.378  9.311   2.739   1.00 79.49  ? 44  A   A "C2'" 1 
ATOM   909  O  "O2'" . A   A 1 43 ? 11.775  9.096   2.621   1.00 83.38  ? 44  A   A "O2'" 1 
ATOM   910  C  "C1'" . A   A 1 43 ? 9.795   8.132   3.503   1.00 82.11  ? 44  A   A "C1'" 1 
ATOM   911  N  N9    . A   A 1 43 ? 8.366   7.946   3.209   1.00 83.36  ? 44  A   A N9    1 
ATOM   912  C  C8    . A   A 1 43 ? 7.284   8.498   3.852   1.00 81.03  ? 44  A   A C8    1 
ATOM   913  N  N7    . A   A 1 43 ? 6.134   8.126   3.341   1.00 83.35  ? 44  A   A N7    1 
ATOM   914  C  C5    . A   A 1 43 ? 6.485   7.272   2.295   1.00 81.69  ? 44  A   A C5    1 
ATOM   915  C  C6    . A   A 1 43 ? 5.731   6.539   1.355   1.00 80.61  ? 44  A   A C6    1 
ATOM   916  N  N6    . A   A 1 43 ? 4.393   6.528   1.298   1.00 80.14  ? 44  A   A N6    1 
ATOM   917  N  N1    . A   A 1 43 ? 6.413   5.794   0.455   1.00 78.99  ? 44  A   A N1    1 
ATOM   918  C  C2    . A   A 1 43 ? 7.751   5.792   0.494   1.00 78.31  ? 44  A   A C2    1 
ATOM   919  N  N3    . A   A 1 43 ? 8.569   6.424   1.327   1.00 79.14  ? 44  A   A N3    1 
ATOM   920  C  C4    . A   A 1 43 ? 7.861   7.157   2.205   1.00 81.75  ? 44  A   A C4    1 
ATOM   921  P  P     . C   A 1 44 ? 10.520  12.656  2.371   1.00 85.73  ? 45  C   A P     1 
ATOM   922  O  OP1   . C   A 1 44 ? 11.365  13.840  2.667   1.00 89.07  ? 45  C   A OP1   1 
ATOM   923  O  OP2   . C   A 1 44 ? 9.059   12.847  2.163   1.00 76.95  ? 45  C   A OP2   1 
ATOM   924  O  "O5'" . C   A 1 44 ? 11.152  11.977  1.096   1.00 77.05  ? 45  C   A "O5'" 1 
ATOM   925  C  "C5'" . C   A 1 44 ? 10.555  12.134  -0.161  1.00 75.49  ? 45  C   A "C5'" 1 
ATOM   926  C  "C4'" . C   A 1 44 ? 10.877  10.956  -1.014  1.00 78.12  ? 45  C   A "C4'" 1 
ATOM   927  O  "O4'" . C   A 1 44 ? 10.326  9.748   -0.412  1.00 83.69  ? 45  C   A "O4'" 1 
ATOM   928  C  "C3'" . C   A 1 44 ? 10.264  11.016  -2.390  1.00 76.74  ? 45  C   A "C3'" 1 
ATOM   929  O  "O3'" . C   A 1 44 ? 11.116  11.722  -3.263  1.00 80.82  ? 45  C   A "O3'" 1 
ATOM   930  C  "C2'" . C   A 1 44 ? 10.116  9.555   -2.748  1.00 77.19  ? 45  C   A "C2'" 1 
ATOM   931  O  "O2'" . C   A 1 44 ? 11.387  9.038   -3.100  1.00 83.16  ? 45  C   A "O2'" 1 
ATOM   932  C  "C1'" . C   A 1 44 ? 9.717   8.961   -1.396  1.00 76.13  ? 45  C   A "C1'" 1 
ATOM   933  N  N1    . C   A 1 44 ? 8.261   9.048   -1.151  1.00 74.96  ? 45  C   A N1    1 
ATOM   934  C  C2    . C   A 1 44 ? 7.353   8.289   -1.896  1.00 73.82  ? 45  C   A C2    1 
ATOM   935  O  O2    . C   A 1 44 ? 7.774   7.532   -2.779  1.00 77.57  ? 45  C   A O2    1 
ATOM   936  N  N3    . C   A 1 44 ? 6.032   8.410   -1.648  1.00 71.11  ? 45  C   A N3    1 
ATOM   937  C  C4    . C   A 1 44 ? 5.605   9.230   -0.692  1.00 74.37  ? 45  C   A C4    1 
ATOM   938  N  N4    . C   A 1 44 ? 4.291   9.306   -0.481  1.00 70.22  ? 45  C   A N4    1 
ATOM   939  C  C5    . C   A 1 44 ? 6.505   10.016  0.088   1.00 77.60  ? 45  C   A C5    1 
ATOM   940  C  C6    . C   A 1 44 ? 7.808   9.890   -0.168  1.00 75.31  ? 45  C   A C6    1 
ATOM   941  P  P     . U   A 1 45 ? 10.577  12.927  -4.170  1.00 77.85  ? 46  U   A P     1 
ATOM   942  O  OP1   . U   A 1 45 ? 11.848  13.415  -4.742  1.00 77.87  ? 46  U   A OP1   1 
ATOM   943  O  OP2   . U   A 1 45 ? 9.640   13.842  -3.468  1.00 68.55  ? 46  U   A OP2   1 
ATOM   944  O  "O5'" . U   A 1 45 ? 9.770   12.191  -5.327  1.00 76.84  ? 46  U   A "O5'" 1 
ATOM   945  C  "C5'" . U   A 1 45 ? 10.336  11.069  -5.982  1.00 76.13  ? 46  U   A "C5'" 1 
ATOM   946  C  "C4'" . U   A 1 45 ? 9.368   10.492  -6.968  1.00 77.50  ? 46  U   A "C4'" 1 
ATOM   947  O  "O4'" . U   A 1 45 ? 8.469   9.564   -6.308  1.00 79.96  ? 46  U   A "O4'" 1 
ATOM   948  C  "C3'" . U   A 1 45 ? 8.445   11.504  -7.620  1.00 74.19  ? 46  U   A "C3'" 1 
ATOM   949  O  "O3'" . U   A 1 45 ? 9.083   12.164  -8.694  1.00 76.94  ? 46  U   A "O3'" 1 
ATOM   950  C  "C2'" . U   A 1 45 ? 7.272   10.639  -8.056  1.00 73.87  ? 46  U   A "C2'" 1 
ATOM   951  O  "O2'" . U   A 1 45 ? 7.597   9.936   -9.244  1.00 77.56  ? 46  U   A "O2'" 1 
ATOM   952  C  "C1'" . U   A 1 45 ? 7.197   9.625   -6.912  1.00 75.27  ? 46  U   A "C1'" 1 
ATOM   953  N  N1    . U   A 1 45 ? 6.205   10.015  -5.888  1.00 72.35  ? 46  U   A N1    1 
ATOM   954  C  C2    . U   A 1 45 ? 4.876   9.855   -6.217  1.00 69.38  ? 46  U   A C2    1 
ATOM   955  O  O2    . U   A 1 45 ? 4.508   9.411   -7.282  1.00 72.57  ? 46  U   A O2    1 
ATOM   956  N  N3    . U   A 1 45 ? 3.982   10.231  -5.262  1.00 67.25  ? 46  U   A N3    1 
ATOM   957  C  C4    . U   A 1 45 ? 4.308   10.750  -4.031  1.00 71.22  ? 46  U   A C4    1 
ATOM   958  O  O4    . U   A 1 45 ? 3.393   11.043  -3.267  1.00 70.39  ? 46  U   A O4    1 
ATOM   959  C  C5    . U   A 1 45 ? 5.711   10.895  -3.763  1.00 72.65  ? 46  U   A C5    1 
ATOM   960  C  C6    . U   A 1 45 ? 6.601   10.533  -4.679  1.00 71.41  ? 46  U   A C6    1 
ATOM   961  P  P     . G   A 1 46 ? 8.723   13.680  -9.082  1.00 81.29  ? 47  G   A P     1 
ATOM   962  O  OP1   . G   A 1 46 ? 9.560   13.966  -10.266 1.00 84.74  ? 47  G   A OP1   1 
ATOM   963  O  OP2   . G   A 1 46 ? 8.776   14.597  -7.923  1.00 78.02  ? 47  G   A OP2   1 
ATOM   964  O  "O5'" . G   A 1 46 ? 7.214   13.629  -9.566  1.00 76.46  ? 47  G   A "O5'" 1 
ATOM   965  C  "C5'" . G   A 1 46 ? 6.859   12.952  -10.757 1.00 70.53  ? 47  G   A "C5'" 1 
ATOM   966  C  "C4'" . G   A 1 46 ? 5.368   12.842  -10.865 1.00 68.11  ? 47  G   A "C4'" 1 
ATOM   967  O  "O4'" . G   A 1 46 ? 4.879   12.010  -9.795  1.00 70.55  ? 47  G   A "O4'" 1 
ATOM   968  C  "C3'" . G   A 1 46 ? 4.614   14.136  -10.671 1.00 70.85  ? 47  G   A "C3'" 1 
ATOM   969  O  "O3'" . G   A 1 46 ? 4.601   14.958  -11.811 1.00 74.44  ? 47  G   A "O3'" 1 
ATOM   970  C  "C2'" . G   A 1 46 ? 3.237   13.658  -10.255 1.00 68.95  ? 47  G   A "C2'" 1 
ATOM   971  O  "O2'" . G   A 1 46 ? 2.505   13.202  -11.382 1.00 63.33  ? 47  G   A "O2'" 1 
ATOM   972  C  "C1'" . G   A 1 46 ? 3.601   12.458  -9.390  1.00 71.73  ? 47  G   A "C1'" 1 
ATOM   973  N  N9    . G   A 1 46 ? 3.631   12.792  -7.956  1.00 68.68  ? 47  G   A N9    1 
ATOM   974  C  C8    . G   A 1 46 ? 4.702   13.028  -7.126  1.00 68.37  ? 47  G   A C8    1 
ATOM   975  N  N7    . G   A 1 46 ? 4.333   13.298  -5.898  1.00 67.42  ? 47  G   A N7    1 
ATOM   976  C  C5    . G   A 1 46 ? 2.944   13.225  -5.937  1.00 68.14  ? 47  G   A C5    1 
ATOM   977  C  C6    . G   A 1 46 ? 1.973   13.409  -4.928  1.00 68.33  ? 47  G   A C6    1 
ATOM   978  O  O6    . G   A 1 46 ? 2.149   13.691  -3.738  1.00 72.63  ? 47  G   A O6    1 
ATOM   979  N  N1    . G   A 1 46 ? 0.681   13.245  -5.407  1.00 65.66  ? 47  G   A N1    1 
ATOM   980  C  C2    . G   A 1 46 ? 0.362   12.930  -6.697  1.00 67.61  ? 47  G   A C2    1 
ATOM   981  N  N2    . G   A 1 46 ? -0.943  12.809  -6.973  1.00 68.76  ? 47  G   A N2    1 
ATOM   982  N  N3    . G   A 1 46 ? 1.251   12.756  -7.649  1.00 65.40  ? 47  G   A N3    1 
ATOM   983  C  C4    . G   A 1 46 ? 2.504   12.916  -7.197  1.00 67.57  ? 47  G   A C4    1 
ATOM   984  P  P     . G   A 1 47 ? 4.098   16.465  -11.646 1.00 73.97  ? 48  G   A P     1 
ATOM   985  O  OP1   . G   A 1 47 ? 4.496   17.210  -12.861 1.00 81.92  ? 48  G   A OP1   1 
ATOM   986  O  OP2   . G   A 1 47 ? 4.497   16.888  -10.282 1.00 74.27  ? 48  G   A OP2   1 
ATOM   987  O  "O5'" . G   A 1 47 ? 2.515   16.363  -11.632 1.00 71.15  ? 48  G   A "O5'" 1 
ATOM   988  C  "C5'" . G   A 1 47 ? 1.764   17.224  -10.811 1.00 69.16  ? 48  G   A "C5'" 1 
ATOM   989  C  "C4'" . G   A 1 47 ? 0.321   16.825  -10.799 1.00 69.26  ? 48  G   A "C4'" 1 
ATOM   990  O  "O4'" . G   A 1 47 ? 0.138   15.679  -9.931  1.00 73.91  ? 48  G   A "O4'" 1 
ATOM   991  C  "C3'" . G   A 1 47 ? -0.611  17.878  -10.241 1.00 70.59  ? 48  G   A "C3'" 1 
ATOM   992  O  "O3'" . G   A 1 47 ? -0.980  18.802  -11.234 1.00 77.43  ? 48  G   A "O3'" 1 
ATOM   993  C  "C2'" . G   A 1 47 ? -1.778  17.066  -9.705  1.00 72.38  ? 48  G   A "C2'" 1 
ATOM   994  O  "O2'" . G   A 1 47 ? -2.672  16.719  -10.755 1.00 67.80  ? 48  G   A "O2'" 1 
ATOM   995  C  "C1'" . G   A 1 47 ? -1.059  15.816  -9.194  1.00 72.56  ? 48  G   A "C1'" 1 
ATOM   996  N  N9    . G   A 1 47 ? -0.668  15.959  -7.784  1.00 70.00  ? 48  G   A N9    1 
ATOM   997  C  C8    . G   A 1 47 ? 0.624   16.000  -7.322  1.00 68.59  ? 48  G   A C8    1 
ATOM   998  N  N7    . G   A 1 47 ? 0.689   16.145  -6.032  1.00 68.02  ? 48  G   A N7    1 
ATOM   999  C  C5    . G   A 1 47 ? -0.634  16.204  -5.624  1.00 70.00  ? 48  G   A C5    1 
ATOM   1000 C  C6    . G   A 1 47 ? -1.186  16.348  -4.327  1.00 72.82  ? 48  G   A C6    1 
ATOM   1001 O  O6    . G   A 1 47 ? -0.581  16.454  -3.250  1.00 73.13  ? 48  G   A O6    1 
ATOM   1002 N  N1    . G   A 1 47 ? -2.582  16.355  -4.365  1.00 71.99  ? 48  G   A N1    1 
ATOM   1003 C  C2    . G   A 1 47 ? -3.350  16.244  -5.499  1.00 72.42  ? 48  G   A C2    1 
ATOM   1004 N  N2    . G   A 1 47 ? -4.683  16.270  -5.331  1.00 71.97  ? 48  G   A N2    1 
ATOM   1005 N  N3    . G   A 1 47 ? -2.841  16.107  -6.711  1.00 71.50  ? 48  G   A N3    1 
ATOM   1006 C  C4    . G   A 1 47 ? -1.490  16.092  -6.696  1.00 69.98  ? 48  G   A C4    1 
ATOM   1007 P  P     . A   A 1 48 ? -0.814  20.380  -10.992 1.00 78.91  ? 49  A   A P     1 
ATOM   1008 O  OP1   . A   A 1 48 ? -1.108  20.906  -12.347 1.00 71.74  ? 49  A   A OP1   1 
ATOM   1009 O  OP2   . A   A 1 48 ? 0.478   20.705  -10.323 1.00 71.41  ? 49  A   A OP2   1 
ATOM   1010 O  "O5'" . A   A 1 48 ? -2.004  20.738  -9.987  1.00 77.75  ? 49  A   A "O5'" 1 
ATOM   1011 C  "C5'" . A   A 1 48 ? -3.355  20.483  -10.357 1.00 77.96  ? 49  A   A "C5'" 1 
ATOM   1012 C  "C4'" . A   A 1 48 ? -4.288  20.408  -9.171  1.00 81.08  ? 49  A   A "C4'" 1 
ATOM   1013 O  "O4'" . A   A 1 48 ? -3.942  19.279  -8.320  1.00 84.36  ? 49  A   A "O4'" 1 
ATOM   1014 C  "C3'" . A   A 1 48 ? -4.277  21.585  -8.212  1.00 82.51  ? 49  A   A "C3'" 1 
ATOM   1015 O  "O3'" . A   A 1 48 ? -4.967  22.725  -8.689  1.00 87.15  ? 49  A   A "O3'" 1 
ATOM   1016 C  "C2'" . A   A 1 48 ? -4.873  20.967  -6.956  1.00 81.50  ? 49  A   A "C2'" 1 
ATOM   1017 O  "O2'" . A   A 1 48 ? -6.266  20.724  -7.119  1.00 84.21  ? 49  A   A "O2'" 1 
ATOM   1018 C  "C1'" . A   A 1 48 ? -4.181  19.614  -6.966  1.00 78.84  ? 49  A   A "C1'" 1 
ATOM   1019 N  N9    . A   A 1 48 ? -2.880  19.653  -6.280  1.00 74.02  ? 49  A   A N9    1 
ATOM   1020 C  C8    . A   A 1 48 ? -1.653  19.747  -6.879  1.00 75.41  ? 49  A   A C8    1 
ATOM   1021 N  N7    . A   A 1 48 ? -0.658  19.735  -6.032  1.00 75.87  ? 49  A   A N7    1 
ATOM   1022 C  C5    . A   A 1 48 ? -1.264  19.615  -4.794  1.00 72.48  ? 49  A   A C5    1 
ATOM   1023 C  C6    . A   A 1 48 ? -0.730  19.544  -3.499  1.00 72.93  ? 49  A   A C6    1 
ATOM   1024 N  N6    . A   A 1 48 ? 0.575   19.581  -3.230  1.00 69.78  ? 49  A   A N6    1 
ATOM   1025 N  N1    . A   A 1 48 ? -1.604  19.430  -2.482  1.00 74.56  ? 49  A   A N1    1 
ATOM   1026 C  C2    . A   A 1 48 ? -2.916  19.388  -2.769  1.00 76.50  ? 49  A   A C2    1 
ATOM   1027 N  N3    . A   A 1 48 ? -3.539  19.447  -3.947  1.00 74.98  ? 49  A   A N3    1 
ATOM   1028 C  C4    . A   A 1 48 ? -2.637  19.562  -4.932  1.00 74.28  ? 49  A   A C4    1 
ATOM   1029 P  P     . G   A 1 49 ? -4.384  24.192  -8.382  1.00 93.59  ? 50  G   A P     1 
ATOM   1030 O  OP1   . G   A 1 49 ? -5.105  25.111  -9.291  1.00 91.30  ? 50  G   A OP1   1 
ATOM   1031 O  OP2   . G   A 1 49 ? -2.893  24.177  -8.384  1.00 82.14  ? 50  G   A OP2   1 
ATOM   1032 O  "O5'" . G   A 1 49 ? -4.853  24.468  -6.885  1.00 88.79  ? 50  G   A "O5'" 1 
ATOM   1033 C  "C5'" . G   A 1 49 ? -6.225  24.396  -6.528  1.00 86.04  ? 50  G   A "C5'" 1 
ATOM   1034 C  "C4'" . G   A 1 49 ? -6.404  24.268  -5.036  1.00 91.07  ? 50  G   A "C4'" 1 
ATOM   1035 O  "O4'" . G   A 1 49 ? -5.723  23.080  -4.565  1.00 88.07  ? 50  G   A "O4'" 1 
ATOM   1036 C  "C3'" . G   A 1 49 ? -5.817  25.374  -4.174  1.00 94.35  ? 50  G   A "C3'" 1 
ATOM   1037 O  "O3'" . G   A 1 49 ? -6.596  26.558  -4.140  1.00 104.09 ? 50  G   A "O3'" 1 
ATOM   1038 C  "C2'" . G   A 1 49 ? -5.680  24.687  -2.823  1.00 93.12  ? 50  G   A "C2'" 1 
ATOM   1039 O  "O2'" . G   A 1 49 ? -6.940  24.568  -2.175  1.00 94.57  ? 50  G   A "O2'" 1 
ATOM   1040 C  "C1'" . G   A 1 49 ? -5.239  23.296  -3.254  1.00 88.45  ? 50  G   A "C1'" 1 
ATOM   1041 N  N9    . G   A 1 49 ? -3.775  23.171  -3.255  1.00 83.76  ? 50  G   A N9    1 
ATOM   1042 C  C8    . G   A 1 49 ? -2.900  23.195  -4.313  1.00 80.70  ? 50  G   A C8    1 
ATOM   1043 N  N7    . G   A 1 49 ? -1.660  23.043  -3.926  1.00 77.22  ? 50  G   A N7    1 
ATOM   1044 C  C5    . G   A 1 49 ? -1.743  22.917  -2.547  1.00 77.38  ? 50  G   A C5    1 
ATOM   1045 C  C6    . G   A 1 49 ? -0.736  22.732  -1.573  1.00 79.32  ? 50  G   A C6    1 
ATOM   1046 O  O6    . G   A 1 49 ? 0.480   22.641  -1.764  1.00 78.11  ? 50  G   A O6    1 
ATOM   1047 N  N1    . G   A 1 49 ? -1.258  22.658  -0.279  1.00 80.93  ? 50  G   A N1    1 
ATOM   1048 C  C2    . G   A 1 49 ? -2.596  22.751  0.038   1.00 84.17  ? 50  G   A C2    1 
ATOM   1049 N  N2    . G   A 1 49 ? -2.919  22.657  1.341   1.00 85.51  ? 50  G   A N2    1 
ATOM   1050 N  N3    . G   A 1 49 ? -3.553  22.923  -0.865  1.00 81.20  ? 50  G   A N3    1 
ATOM   1051 C  C4    . G   A 1 49 ? -3.044  22.997  -2.118  1.00 81.61  ? 50  G   A C4    1 
ATOM   1052 P  P     . C   A 1 50 ? -5.868  27.989  -4.037  1.00 105.07 ? 51  C   A P     1 
ATOM   1053 O  OP1   . C   A 1 50 ? -6.919  28.973  -3.675  1.00 108.52 ? 51  C   A OP1   1 
ATOM   1054 O  OP2   . C   A 1 50 ? -5.023  28.208  -5.241  1.00 95.93  ? 51  C   A OP2   1 
ATOM   1055 O  "O5'" . C   A 1 50 ? -4.884  27.832  -2.797  1.00 96.81  ? 51  C   A "O5'" 1 
ATOM   1056 C  "C5'" . C   A 1 50 ? -4.986  28.708  -1.693  1.00 99.66  ? 51  C   A "C5'" 1 
ATOM   1057 C  "C4'" . C   A 1 50 ? -4.755  27.977  -0.403  1.00 98.42  ? 51  C   A "C4'" 1 
ATOM   1058 O  "O4'" . C   A 1 50 ? -4.249  26.652  -0.681  1.00 93.92  ? 51  C   A "O4'" 1 
ATOM   1059 C  "C3'" . C   A 1 50 ? -3.702  28.592  0.499   1.00 101.67 ? 51  C   A "C3'" 1 
ATOM   1060 O  "O3'" . C   A 1 50 ? -4.208  29.656  1.268   1.00 105.62 ? 51  C   A "O3'" 1 
ATOM   1061 C  "C2'" . C   A 1 50 ? -3.230  27.406  1.321   1.00 98.38  ? 51  C   A "C2'" 1 
ATOM   1062 O  "O2'" . C   A 1 50 ? -4.162  27.083  2.341   1.00 96.19  ? 51  C   A "O2'" 1 
ATOM   1063 C  "C1'" . C   A 1 50 ? -3.276  26.299  0.278   1.00 93.95  ? 51  C   A "C1'" 1 
ATOM   1064 N  N1    . C   A 1 50 ? -1.997  26.137  -0.438  1.00 90.37  ? 51  C   A N1    1 
ATOM   1065 C  C2    . C   A 1 50 ? -0.801  25.860  0.242   1.00 89.09  ? 51  C   A C2    1 
ATOM   1066 O  O2    . C   A 1 50 ? -0.763  25.775  1.486   1.00 87.56  ? 51  C   A O2    1 
ATOM   1067 N  N3    . C   A 1 50 ? 0.316   25.697  -0.502  1.00 84.73  ? 51  C   A N3    1 
ATOM   1068 C  C4    . C   A 1 50 ? 0.259   25.785  -1.837  1.00 84.89  ? 51  C   A C4    1 
ATOM   1069 N  N4    . C   A 1 50 ? 1.392   25.609  -2.522  1.00 85.62  ? 51  C   A N4    1 
ATOM   1070 C  C5    . C   A 1 50 ? -0.951  26.060  -2.534  1.00 85.17  ? 51  C   A C5    1 
ATOM   1071 C  C6    . C   A 1 50 ? -2.048  26.221  -1.800  1.00 84.91  ? 51  C   A C6    1 
ATOM   1072 P  P     . C   A 1 51 ? -3.569  31.111  1.109   1.00 111.77 ? 52  C   A P     1 
ATOM   1073 O  OP1   . C   A 1 51 ? -4.573  32.023  1.698   1.00 118.13 ? 52  C   A OP1   1 
ATOM   1074 O  OP2   . C   A 1 51 ? -3.129  31.340  -0.294  1.00 99.97  ? 52  C   A OP2   1 
ATOM   1075 O  "O5'" . C   A 1 51 ? -2.282  31.041  2.045   1.00 107.23 ? 52  C   A "O5'" 1 
ATOM   1076 C  "C5'" . C   A 1 51 ? -1.999  32.061  3.001   1.00 112.95 ? 52  C   A "C5'" 1 
ATOM   1077 C  "C4'" . C   A 1 51 ? -1.194  31.516  4.154   1.00 111.32 ? 52  C   A "C4'" 1 
ATOM   1078 O  "O4'" . C   A 1 51 ? -0.685  30.214  3.763   1.00 108.59 ? 52  C   A "O4'" 1 
ATOM   1079 C  "C3'" . C   A 1 51 ? 0.011   32.363  4.568   1.00 103.10 ? 52  C   A "C3'" 1 
ATOM   1080 O  "O3'" . C   A 1 51 ? 0.209   32.322  5.981   1.00 92.96  ? 52  C   A "O3'" 1 
ATOM   1081 C  "C2'" . C   A 1 51 ? 1.186   31.685  3.866   1.00 105.53 ? 52  C   A "C2'" 1 
ATOM   1082 O  "O2'" . C   A 1 51 ? 2.405   31.803  4.580   1.00 103.66 ? 52  C   A "O2'" 1 
ATOM   1083 C  "C1'" . C   A 1 51 ? 0.731   30.215  3.748   1.00 108.55 ? 52  C   A "C1'" 1 
ATOM   1084 N  N1    . C   A 1 51 ? 1.135   29.590  2.472   1.00 101.27 ? 52  C   A N1    1 
ATOM   1085 C  C2    . C   A 1 51 ? 2.324   28.850  2.331   1.00 94.52  ? 52  C   A C2    1 
ATOM   1086 O  O2    . C   A 1 51 ? 3.071   28.682  3.304   1.00 93.94  ? 52  C   A O2    1 
ATOM   1087 N  N3    . C   A 1 51 ? 2.644   28.327  1.124   1.00 90.43  ? 52  C   A N3    1 
ATOM   1088 C  C4    . C   A 1 51 ? 1.836   28.517  0.079   1.00 94.59  ? 52  C   A C4    1 
ATOM   1089 N  N4    . C   A 1 51 ? 2.196   27.994  -1.094  1.00 90.60  ? 52  C   A N4    1 
ATOM   1090 C  C5    . C   A 1 51 ? 0.627   29.258  0.184   1.00 101.48 ? 52  C   A C5    1 
ATOM   1091 C  C6    . C   A 1 51 ? 0.325   29.769  1.383   1.00 101.29 ? 52  C   A C6    1 
HETATM 1092 P  PG    . GTP B 2 .  ? 11.027  23.962  -2.830  1.00 141.41 ? 101 GTP A PG    1 
HETATM 1093 O  O1G   . GTP B 2 .  ? 11.696  25.314  -3.033  1.00 129.57 ? 101 GTP A O1G   1 
HETATM 1094 O  O2G   . GTP B 2 .  ? 9.855   23.867  -3.795  1.00 131.09 ? 101 GTP A O2G   1 
HETATM 1095 O  O3G   . GTP B 2 .  ? 10.514  23.804  -1.415  1.00 124.67 ? 101 GTP A O3G   1 
HETATM 1096 O  O3B   . GTP B 2 .  ? 12.074  22.767  -3.141  1.00 143.37 ? 101 GTP A O3B   1 
HETATM 1097 P  PB    . GTP B 2 .  ? 12.796  21.824  -2.032  1.00 152.72 ? 101 GTP A PB    1 
HETATM 1098 O  O1B   . GTP B 2 .  ? 12.047  21.802  -0.713  1.00 138.67 ? 101 GTP A O1B   1 
HETATM 1099 O  O2B   . GTP B 2 .  ? 12.888  20.394  -2.551  1.00 152.40 ? 101 GTP A O2B   1 
HETATM 1100 O  O3A   . GTP B 2 .  ? 14.295  22.400  -1.819  1.00 144.17 ? 101 GTP A O3A   1 
HETATM 1101 P  PA    . GTP B 2 .  ? 14.684  23.885  -1.309  1.00 148.71 ? 101 GTP A PA    1 
HETATM 1102 O  O1A   . GTP B 2 .  ? 15.964  23.792  -0.503  1.00 140.09 ? 101 GTP A O1A   1 
HETATM 1103 O  O2A   . GTP B 2 .  ? 14.832  24.890  -2.449  1.00 136.82 ? 101 GTP A O2A   1 
HETATM 1104 O  "O5'" . GTP B 2 .  ? 13.498  24.303  -0.298  1.00 128.75 ? 101 GTP A "O5'" 1 
HETATM 1105 C  "C5'" . GTP B 2 .  ? 13.440  23.818  1.019   1.00 117.80 ? 101 GTP A "C5'" 1 
HETATM 1106 C  "C4'" . GTP B 2 .  ? 12.517  24.714  1.834   1.00 111.25 ? 101 GTP A "C4'" 1 
HETATM 1107 O  "O4'" . GTP B 2 .  ? 11.711  25.575  1.038   1.00 105.74 ? 101 GTP A "O4'" 1 
HETATM 1108 C  "C3'" . GTP B 2 .  ? 11.513  23.927  2.633   1.00 107.17 ? 101 GTP A "C3'" 1 
HETATM 1109 O  "O3'" . GTP B 2 .  ? 12.044  23.460  3.846   1.00 110.88 ? 101 GTP A "O3'" 1 
HETATM 1110 C  "C2'" . GTP B 2 .  ? 10.384  24.922  2.849   1.00 100.41 ? 101 GTP A "C2'" 1 
HETATM 1111 O  "O2'" . GTP B 2 .  ? 10.460  25.420  4.177   1.00 96.25  ? 101 GTP A "O2'" 1 
HETATM 1112 C  "C1'" . GTP B 2 .  ? 10.608  26.018  1.814   1.00 96.43  ? 101 GTP A "C1'" 1 
HETATM 1113 N  N9    . GTP B 2 .  ? 9.399   26.209  0.982   1.00 89.56  ? 101 GTP A N9    1 
HETATM 1114 C  C8    . GTP B 2 .  ? 9.312   26.076  -0.375  1.00 90.40  ? 101 GTP A C8    1 
HETATM 1115 N  N7    . GTP B 2 .  ? 8.056   26.353  -0.770  1.00 84.32  ? 101 GTP A N7    1 
HETATM 1116 C  C5    . GTP B 2 .  ? 7.323   26.694  0.312   1.00 82.74  ? 101 GTP A C5    1 
HETATM 1117 C  C6    . GTP B 2 .  ? 5.988   27.076  0.462   1.00 84.01  ? 101 GTP A C6    1 
HETATM 1118 O  O6    . GTP B 2 .  ? 5.245   27.152  -0.522  1.00 81.68  ? 101 GTP A O6    1 
HETATM 1119 N  N1    . GTP B 2 .  ? 5.509   27.375  1.726   1.00 83.76  ? 101 GTP A N1    1 
HETATM 1120 C  C2    . GTP B 2 .  ? 6.355   27.290  2.821   1.00 85.05  ? 101 GTP A C2    1 
HETATM 1121 N  N2    . GTP B 2 .  ? 5.902   27.570  4.046   1.00 85.67  ? 101 GTP A N2    1 
HETATM 1122 N  N3    . GTP B 2 .  ? 7.677   26.912  2.653   1.00 84.71  ? 101 GTP A N3    1 
HETATM 1123 C  C4    . GTP B 2 .  ? 8.160   26.616  1.422   1.00 84.76  ? 101 GTP A C4    1 
HETATM 1124 MG MG    . MG  C 3 .  ? -1.650  -1.350  -20.897 1.00 66.49  ? 102 MG  A MG    1 
HETATM 1125 MG MG    . MG  D 3 .  ? -3.367  -27.210 10.413  1.00 92.42  ? 103 MG  A MG    1 
HETATM 1126 MG MG    . MG  E 3 .  ? 11.971  -32.907 13.051  1.00 77.57  ? 104 MG  A MG    1 
HETATM 1127 MG MG    . MG  F 3 .  ? -5.192  6.398   -3.025  1.00 80.33  ? 105 MG  A MG    1 
HETATM 1128 MG MG    . MG  G 3 .  ? -9.475  7.100   -9.742  1.00 76.77  ? 106 MG  A MG    1 
HETATM 1129 MG MG    . MG  H 3 .  ? 9.902   -31.796 16.810  1.00 92.64  ? 107 MG  A MG    1 
HETATM 1130 MG MG    . MG  I 3 .  ? -6.620  4.320   -12.478 1.00 72.03  ? 108 MG  A MG    1 
HETATM 1131 MG MG    . MG  J 3 .  ? 3.426   14.906  -2.934  1.00 72.92  ? 109 MG  A MG    1 
HETATM 1132 P  PB    . ADP K 4 .  ? -11.097 9.272   -11.764 1.00 105.99 ? 110 ADP A PB    1 
HETATM 1133 O  O1B   . ADP K 4 .  ? -10.701 7.930   -11.165 1.00 90.03  ? 110 ADP A O1B   1 
HETATM 1134 O  O2B   . ADP K 4 .  ? -10.062 9.831   -12.708 1.00 91.89  ? 110 ADP A O2B   1 
HETATM 1135 O  O3B   . ADP K 4 .  ? -12.482 9.258   -12.369 1.00 103.62 ? 110 ADP A O3B   1 
HETATM 1136 P  PA    . ADP K 4 .  ? -10.017 10.739  -9.470  1.00 94.31  ? 110 ADP A PA    1 
HETATM 1137 O  O1A   . ADP K 4 .  ? -9.651  9.519   -8.685  1.00 80.84  ? 110 ADP A O1A   1 
HETATM 1138 O  O2A   . ADP K 4 .  ? -10.498 11.968  -8.767  1.00 90.54  ? 110 ADP A O2A   1 
HETATM 1139 O  O3A   . ADP K 4 .  ? -11.138 10.324  -10.541 1.00 94.33  ? 110 ADP A O3A   1 
HETATM 1140 O  "O5'" . ADP K 4 .  ? -8.792  11.113  -10.434 1.00 83.33  ? 110 ADP A "O5'" 1 
HETATM 1141 C  "C5'" . ADP K 4 .  ? -8.286  12.472  -10.424 1.00 83.11  ? 110 ADP A "C5'" 1 
HETATM 1142 C  "C4'" . ADP K 4 .  ? -7.220  12.629  -9.367  1.00 79.24  ? 110 ADP A "C4'" 1 
HETATM 1143 O  "O4'" . ADP K 4 .  ? -6.037  11.874  -9.737  1.00 74.27  ? 110 ADP A "O4'" 1 
HETATM 1144 C  "C3'" . ADP K 4 .  ? -6.697  14.055  -9.150  1.00 79.77  ? 110 ADP A "C3'" 1 
HETATM 1145 O  "O3'" . ADP K 4 .  ? -7.549  14.819  -8.305  1.00 87.21  ? 110 ADP A "O3'" 1 
HETATM 1146 C  "C2'" . ADP K 4 .  ? -5.300  13.810  -8.577  1.00 71.56  ? 110 ADP A "C2'" 1 
HETATM 1147 O  "O2'" . ADP K 4 .  ? -5.306  13.538  -7.196  1.00 73.94  ? 110 ADP A "O2'" 1 
HETATM 1148 C  "C1'" . ADP K 4 .  ? -4.868  12.577  -9.369  1.00 73.43  ? 110 ADP A "C1'" 1 
HETATM 1149 N  N9    . ADP K 4 .  ? -4.108  12.913  -10.567 1.00 70.86  ? 110 ADP A N9    1 
HETATM 1150 C  C8    . ADP K 4 .  ? -4.611  13.365  -11.758 1.00 69.15  ? 110 ADP A C8    1 
HETATM 1151 N  N7    . ADP K 4 .  ? -3.685  13.593  -12.656 1.00 65.89  ? 110 ADP A N7    1 
HETATM 1152 C  C5    . ADP K 4 .  ? -2.496  13.281  -12.017 1.00 66.14  ? 110 ADP A C5    1 
HETATM 1153 C  C6    . ADP K 4 .  ? -1.154  13.317  -12.438 1.00 66.88  ? 110 ADP A C6    1 
HETATM 1154 N  N6    . ADP K 4 .  ? -0.776  13.712  -13.651 1.00 65.69  ? 110 ADP A N6    1 
HETATM 1155 N  N1    . ADP K 4 .  ? -0.204  12.945  -11.552 1.00 65.16  ? 110 ADP A N1    1 
HETATM 1156 C  C2    . ADP K 4 .  ? -0.595  12.553  -10.335 1.00 70.20  ? 110 ADP A C2    1 
HETATM 1157 N  N3    . ADP K 4 .  ? -1.825  12.475  -9.827  1.00 71.89  ? 110 ADP A N3    1 
HETATM 1158 C  C4    . ADP K 4 .  ? -2.742  12.858  -10.723 1.00 70.20  ? 110 ADP A C4    1 
HETATM 1159 O  O     . HOH L 5 .  ? 1.440   15.791  -2.375  1.00 64.76  ? 201 HOH A O     1 
HETATM 1160 O  O     . HOH L 5 .  ? -9.738  4.842   -9.618  1.00 75.76  ? 202 HOH A O     1 
HETATM 1161 O  O     . HOH L 5 .  ? -0.884  -0.359  -19.746 1.00 63.38  ? 203 HOH A O     1 
HETATM 1162 O  O     . HOH L 5 .  ? -6.030  -9.757  -6.016  1.00 75.82  ? 204 HOH A O     1 
HETATM 1163 O  O     . HOH L 5 .  ? -9.069  6.654   -7.569  1.00 66.25  ? 205 HOH A O     1 
HETATM 1164 O  O     . HOH L 5 .  ? 2.825   16.197  -4.745  1.00 63.66  ? 206 HOH A O     1 
HETATM 1165 O  O     . HOH L 5 .  ? -8.607  5.366   -12.608 1.00 73.52  ? 207 HOH A O     1 
HETATM 1166 O  O     . HOH L 5 .  ? -2.135  -25.729 11.273  1.00 85.52  ? 208 HOH A O     1 
HETATM 1167 O  O     . HOH L 5 .  ? -2.472  -26.000 8.901   1.00 80.38  ? 209 HOH A O     1 
HETATM 1168 O  O     . HOH L 5 .  ? -3.525  -19.036 10.059  1.00 69.69  ? 210 HOH A O     1 
HETATM 1169 O  O     . HOH L 5 .  ? -5.664  5.387   -4.966  1.00 76.60  ? 211 HOH A O     1 
HETATM 1170 O  O     . HOH L 5 .  ? -8.115  3.068   -11.191 1.00 65.00  ? 212 HOH A O     1 
HETATM 1171 O  O     . HOH L 5 .  ? -7.529  3.236   -13.854 1.00 67.73  ? 213 HOH A O     1 
HETATM 1172 O  O     . HOH L 5 .  ? -1.372  -28.534 9.652   1.00 82.16  ? 214 HOH A O     1 
HETATM 1173 O  O     . HOH L 5 .  ? -6.363  7.177   -1.057  1.00 81.71  ? 215 HOH A O     1 
HETATM 1174 O  O     . HOH L 5 .  ? -2.854  6.313   -2.584  1.00 76.77  ? 216 HOH A O     1 
HETATM 1175 O  O     . HOH L 5 .  ? -11.012 6.876   -8.685  1.00 69.62  ? 217 HOH A O     1 
HETATM 1176 O  O     . HOH L 5 .  ? 3.658   13.248  -1.527  1.00 66.40  ? 218 HOH A O     1 
HETATM 1177 O  O     . HOH L 5 .  ? 0.022   -2.879  -20.043 1.00 74.05  ? 219 HOH A O     1 
HETATM 1178 O  O     . HOH L 5 .  ? 4.374   -1.420  -9.955  1.00 65.98  ? 220 HOH A O     1 
HETATM 1179 O  O     . HOH L 5 .  ? -3.214  -2.619  -21.569 1.00 73.56  ? 221 HOH A O     1 
HETATM 1180 O  O     . HOH L 5 .  ? -5.646  -12.326 -5.915  1.00 84.41  ? 222 HOH A O     1 
HETATM 1181 O  O     . HOH L 5 .  ? -9.814  -9.941  -12.061 1.00 89.14  ? 223 HOH A O     1 
HETATM 1182 O  O     . HOH L 5 .  ? -7.296  5.396   -2.844  1.00 74.18  ? 224 HOH A O     1 
HETATM 1183 O  O     . HOH L 5 .  ? -4.915  4.211   -2.422  1.00 81.79  ? 225 HOH A O     1 
HETATM 1184 O  O     . HOH L 5 .  ? 11.182  -32.755 10.694  1.00 81.25  ? 226 HOH A O     1 
HETATM 1185 O  O     . HOH L 5 .  ? 0.564   0.671   -13.323 1.00 75.06  ? 227 HOH A O     1 
HETATM 1186 O  O     . HOH L 5 .  ? 5.561   13.880  -3.090  1.00 64.30  ? 228 HOH A O     1 
HETATM 1187 O  O     . HOH L 5 .  ? -7.197  -9.615  -8.313  1.00 77.41  ? 229 HOH A O     1 
HETATM 1188 O  O     . HOH L 5 .  ? 9.624   -29.551 15.359  1.00 89.36  ? 230 HOH A O     1 
HETATM 1189 O  O     . HOH L 5 .  ? -3.343  -28.013 12.313  1.00 89.93  ? 231 HOH A O     1 
HETATM 1190 O  O     . HOH L 5 .  ? -8.678  -9.600  -9.926  1.00 84.32  ? 232 HOH A O     1 
HETATM 1191 O  O     . HOH L 5 .  ? -5.201  -11.301 -8.237  1.00 76.80  ? 233 HOH A O     1 
HETATM 1192 O  O     . HOH L 5 .  ? 4.089   16.171  -1.417  1.00 84.54  ? 234 HOH A O     1 
HETATM 1193 O  O     . HOH L 5 .  ? 11.621  -30.957 13.735  1.00 84.39  ? 235 HOH A O     1 
HETATM 1194 O  O     . HOH L 5 .  ? -9.699  -11.271 -13.154 1.00 98.41  ? 236 HOH A O     1 
HETATM 1195 O  O     . HOH L 5 .  ? -8.345  -10.398 -13.504 1.00 92.02  ? 237 HOH A O     1 
HETATM 1196 O  O     . HOH L 5 .  ? -4.339  -28.875 8.797   1.00 99.00  ? 238 HOH A O     1 
HETATM 1197 O  O     . HOH L 5 .  ? -5.044  -25.446 9.939   1.00 82.20  ? 239 HOH A O     1 
HETATM 1198 O  O     . HOH L 5 .  ? -6.351  -11.272 -11.176 1.00 97.95  ? 240 HOH A O     1 
# 
loop_
_pdbx_poly_seq_scheme.asym_id 
_pdbx_poly_seq_scheme.entity_id 
_pdbx_poly_seq_scheme.seq_id 
_pdbx_poly_seq_scheme.mon_id 
_pdbx_poly_seq_scheme.ndb_seq_num 
_pdbx_poly_seq_scheme.pdb_seq_num 
_pdbx_poly_seq_scheme.auth_seq_num 
_pdbx_poly_seq_scheme.pdb_mon_id 
_pdbx_poly_seq_scheme.auth_mon_id 
_pdbx_poly_seq_scheme.pdb_strand_id 
_pdbx_poly_seq_scheme.pdb_ins_code 
_pdbx_poly_seq_scheme.hetero 
A 1 1  G 1  2  2  G G A . n 
A 1 2  C 2  3  3  C C A . n 
A 1 3  U 3  4  4  U U A . n 
A 1 4  U 4  5  5  U U A . n 
A 1 5  C 5  6  6  C C A . n 
A 1 6  A 6  7  7  A A A . n 
A 1 7  A 7  8  8  A A A . n 
A 1 8  C 8  9  9  C C A . n 
A 1 9  A 9  10 10 A A A . n 
A 1 10 A 10 11 11 A A A . n 
A 1 11 C 11 12 12 C C A . n 
A 1 12 C 12 13 13 C C A . n 
A 1 13 C 13 14 14 C C A . n 
A 1 14 C 14 15 15 C C A . n 
A 1 15 G 15 16 16 G G A . n 
A 1 16 U 16 17 17 U U A . n 
A 1 17 A 17 18 18 A A A . n 
A 1 18 G 18 19 19 G G A . n 
A 1 19 G 19 20 20 G G A . n 
A 1 20 U 20 21 21 U U A . n 
A 1 21 G 21 22 22 G G A . n 
A 1 22 G 22 23 23 G G A . n 
A 1 23 G 23 24 24 G G A . n 
A 1 24 G 24 25 25 G G A . n 
A 1 25 A 25 26 26 A A A . n 
A 1 26 C 26 27 27 C C A . n 
A 1 27 G 27 28 28 G G A . n 
A 1 28 A 28 29 29 A A A . n 
A 1 29 A 29 30 30 A A A . n 
A 1 30 A 30 31 31 A A A . n 
A 1 31 G 31 32 32 G G A . n 
A 1 32 U 32 33 33 U U A . n 
A 1 33 C 33 34 34 C C A . n 
A 1 34 A 34 35 35 A A A . n 
A 1 35 G 35 36 36 G G A . n 
A 1 36 C 36 37 37 C C A . n 
A 1 37 G 37 38 38 G G A . n 
A 1 38 C 38 39 39 C C A . n 
A 1 39 A 39 40 40 A A A . n 
A 1 40 C 40 41 41 C C A . n 
A 1 41 C 41 42 42 C C A . n 
A 1 42 U 42 43 43 U U A . n 
A 1 43 A 43 44 44 A A A . n 
A 1 44 C 44 45 45 C C A . n 
A 1 45 U 45 46 46 U U A . n 
A 1 46 G 46 47 47 G G A . n 
A 1 47 G 47 48 48 G G A . n 
A 1 48 A 48 49 49 A A A . n 
A 1 49 G 49 50 50 G G A . n 
A 1 50 C 50 51 51 C C A . n 
A 1 51 C 51 52 52 C C A . n 
# 
loop_
_pdbx_nonpoly_scheme.asym_id 
_pdbx_nonpoly_scheme.entity_id 
_pdbx_nonpoly_scheme.mon_id 
_pdbx_nonpoly_scheme.ndb_seq_num 
_pdbx_nonpoly_scheme.pdb_seq_num 
_pdbx_nonpoly_scheme.auth_seq_num 
_pdbx_nonpoly_scheme.pdb_mon_id 
_pdbx_nonpoly_scheme.auth_mon_id 
_pdbx_nonpoly_scheme.pdb_strand_id 
_pdbx_nonpoly_scheme.pdb_ins_code 
B 2 GTP 1  101 1  GTP GTP A . 
C 3 MG  1  102 1  MG  MG  A . 
D 3 MG  1  103 2  MG  MG  A . 
E 3 MG  1  104 3  MG  MG  A . 
F 3 MG  1  105 7  MG  MG  A . 
G 3 MG  1  106 9  MG  MG  A . 
H 3 MG  1  107 10 MG  MG  A . 
I 3 MG  1  108 11 MG  MG  A . 
J 3 MG  1  109 12 MG  MG  A . 
K 4 ADP 1  110 1  ADP ADP A . 
L 5 HOH 1  201 83 HOH HOH A . 
L 5 HOH 2  202 55 HOH HOH A . 
L 5 HOH 3  203 1  HOH HOH A . 
L 5 HOH 4  204 18 HOH HOH A . 
L 5 HOH 5  205 79 HOH HOH A . 
L 5 HOH 6  206 84 HOH HOH A . 
L 5 HOH 7  207 80 HOH HOH A . 
L 5 HOH 8  208 12 HOH HOH A . 
L 5 HOH 9  209 11 HOH HOH A . 
L 5 HOH 10 210 90 HOH HOH A . 
L 5 HOH 11 211 41 HOH HOH A . 
L 5 HOH 12 212 81 HOH HOH A . 
L 5 HOH 13 213 53 HOH HOH A . 
L 5 HOH 14 214 8  HOH HOH A . 
L 5 HOH 15 215 44 HOH HOH A . 
L 5 HOH 16 216 45 HOH HOH A . 
L 5 HOH 17 217 78 HOH HOH A . 
L 5 HOH 18 218 85 HOH HOH A . 
L 5 HOH 19 219 6  HOH HOH A . 
L 5 HOH 20 220 7  HOH HOH A . 
L 5 HOH 21 221 2  HOH HOH A . 
L 5 HOH 22 222 61 HOH HOH A . 
L 5 HOH 23 223 66 HOH HOH A . 
L 5 HOH 24 224 46 HOH HOH A . 
L 5 HOH 25 225 43 HOH HOH A . 
L 5 HOH 26 226 22 HOH HOH A . 
L 5 HOH 27 227 3  HOH HOH A . 
L 5 HOH 28 228 82 HOH HOH A . 
L 5 HOH 29 229 60 HOH HOH A . 
L 5 HOH 30 230 67 HOH HOH A . 
L 5 HOH 31 231 15 HOH HOH A . 
L 5 HOH 32 232 64 HOH HOH A . 
L 5 HOH 33 233 23 HOH HOH A . 
L 5 HOH 34 234 86 HOH HOH A . 
L 5 HOH 35 235 20 HOH HOH A . 
L 5 HOH 36 236 65 HOH HOH A . 
L 5 HOH 37 237 63 HOH HOH A . 
L 5 HOH 38 238 16 HOH HOH A . 
L 5 HOH 39 239 9  HOH HOH A . 
L 5 HOH 40 240 62 HOH HOH A . 
# 
_pdbx_struct_assembly.id                   1 
_pdbx_struct_assembly.details              author_and_software_defined_assembly 
_pdbx_struct_assembly.method_details       PISA 
_pdbx_struct_assembly.oligomeric_details   monomeric 
_pdbx_struct_assembly.oligomeric_count     1 
# 
_pdbx_struct_assembly_gen.assembly_id       1 
_pdbx_struct_assembly_gen.oper_expression   1 
_pdbx_struct_assembly_gen.asym_id_list      A,B,C,D,E,F,G,H,I,J,K,L 
# 
loop_
_pdbx_struct_assembly_prop.biol_id 
_pdbx_struct_assembly_prop.type 
_pdbx_struct_assembly_prop.value 
_pdbx_struct_assembly_prop.details 
1 'ABSA (A^2)' 1550 ? 
1 MORE         -58  ? 
1 'SSA (A^2)'  9410 ? 
# 
_pdbx_struct_oper_list.id                   1 
_pdbx_struct_oper_list.type                 'identity operation' 
_pdbx_struct_oper_list.name                 1_555 
_pdbx_struct_oper_list.symmetry_operation   x,y,z 
_pdbx_struct_oper_list.matrix[1][1]         1.0000000000 
_pdbx_struct_oper_list.matrix[1][2]         0.0000000000 
_pdbx_struct_oper_list.matrix[1][3]         0.0000000000 
_pdbx_struct_oper_list.vector[1]            0.0000000000 
_pdbx_struct_oper_list.matrix[2][1]         0.0000000000 
_pdbx_struct_oper_list.matrix[2][2]         1.0000000000 
_pdbx_struct_oper_list.matrix[2][3]         0.0000000000 
_pdbx_struct_oper_list.vector[2]            0.0000000000 
_pdbx_struct_oper_list.matrix[3][1]         0.0000000000 
_pdbx_struct_oper_list.matrix[3][2]         0.0000000000 
_pdbx_struct_oper_list.matrix[3][3]         1.0000000000 
_pdbx_struct_oper_list.vector[3]            0.0000000000 
# 
loop_
_pdbx_struct_conn_angle.id 
_pdbx_struct_conn_angle.ptnr1_label_atom_id 
_pdbx_struct_conn_angle.ptnr1_label_alt_id 
_pdbx_struct_conn_angle.ptnr1_label_asym_id 
_pdbx_struct_conn_angle.ptnr1_label_comp_id 
_pdbx_struct_conn_angle.ptnr1_label_seq_id 
_pdbx_struct_conn_angle.ptnr1_auth_atom_id 
_pdbx_struct_conn_angle.ptnr1_auth_asym_id 
_pdbx_struct_conn_angle.ptnr1_auth_comp_id 
_pdbx_struct_conn_angle.ptnr1_auth_seq_id 
_pdbx_struct_conn_angle.ptnr1_PDB_ins_code 
_pdbx_struct_conn_angle.ptnr1_symmetry 
_pdbx_struct_conn_angle.ptnr2_label_atom_id 
_pdbx_struct_conn_angle.ptnr2_label_alt_id 
_pdbx_struct_conn_angle.ptnr2_label_asym_id 
_pdbx_struct_conn_angle.ptnr2_label_comp_id 
_pdbx_struct_conn_angle.ptnr2_label_seq_id 
_pdbx_struct_conn_angle.ptnr2_auth_atom_id 
_pdbx_struct_conn_angle.ptnr2_auth_asym_id 
_pdbx_struct_conn_angle.ptnr2_auth_comp_id 
_pdbx_struct_conn_angle.ptnr2_auth_seq_id 
_pdbx_struct_conn_angle.ptnr2_PDB_ins_code 
_pdbx_struct_conn_angle.ptnr2_symmetry 
_pdbx_struct_conn_angle.ptnr3_label_atom_id 
_pdbx_struct_conn_angle.ptnr3_label_alt_id 
_pdbx_struct_conn_angle.ptnr3_label_asym_id 
_pdbx_struct_conn_angle.ptnr3_label_comp_id 
_pdbx_struct_conn_angle.ptnr3_label_seq_id 
_pdbx_struct_conn_angle.ptnr3_auth_atom_id 
_pdbx_struct_conn_angle.ptnr3_auth_asym_id 
_pdbx_struct_conn_angle.ptnr3_auth_comp_id 
_pdbx_struct_conn_angle.ptnr3_auth_seq_id 
_pdbx_struct_conn_angle.ptnr3_PDB_ins_code 
_pdbx_struct_conn_angle.ptnr3_symmetry 
_pdbx_struct_conn_angle.value 
_pdbx_struct_conn_angle.value_esd 
1   OP2 ? A A   6  ? A A   7   ? 1_555 MG ? F MG . ? A MG 105 ? 1_555 O   ? L HOH .  ? A HOH 211 ? 1_555 90.1  ? 
2   OP2 ? A A   6  ? A A   7   ? 1_555 MG ? F MG . ? A MG 105 ? 1_555 O   ? L HOH .  ? A HOH 215 ? 1_555 70.5  ? 
3   O   ? L HOH .  ? A HOH 211 ? 1_555 MG ? F MG . ? A MG 105 ? 1_555 O   ? L HOH .  ? A HOH 215 ? 1_555 138.5 ? 
4   OP2 ? A A   6  ? A A   7   ? 1_555 MG ? F MG . ? A MG 105 ? 1_555 O   ? L HOH .  ? A HOH 216 ? 1_555 131.4 ? 
5   O   ? L HOH .  ? A HOH 211 ? 1_555 MG ? F MG . ? A MG 105 ? 1_555 O   ? L HOH .  ? A HOH 216 ? 1_555 110.6 ? 
6   O   ? L HOH .  ? A HOH 215 ? 1_555 MG ? F MG . ? A MG 105 ? 1_555 O   ? L HOH .  ? A HOH 216 ? 1_555 109.7 ? 
7   OP2 ? A A   6  ? A A   7   ? 1_555 MG ? F MG . ? A MG 105 ? 1_555 O   ? L HOH .  ? A HOH 224 ? 1_555 78.8  ? 
8   O   ? L HOH .  ? A HOH 211 ? 1_555 MG ? F MG . ? A MG 105 ? 1_555 O   ? L HOH .  ? A HOH 224 ? 1_555 71.6  ? 
9   O   ? L HOH .  ? A HOH 215 ? 1_555 MG ? F MG . ? A MG 105 ? 1_555 O   ? L HOH .  ? A HOH 224 ? 1_555 68.8  ? 
10  O   ? L HOH .  ? A HOH 216 ? 1_555 MG ? F MG . ? A MG 105 ? 1_555 O   ? L HOH .  ? A HOH 224 ? 1_555 148.7 ? 
11  OP2 ? A A   6  ? A A   7   ? 1_555 MG ? F MG . ? A MG 105 ? 1_555 O   ? L HOH .  ? A HOH 225 ? 1_555 150.0 ? 
12  O   ? L HOH .  ? A HOH 211 ? 1_555 MG ? F MG . ? A MG 105 ? 1_555 O   ? L HOH .  ? A HOH 225 ? 1_555 79.7  ? 
13  O   ? L HOH .  ? A HOH 215 ? 1_555 MG ? F MG . ? A MG 105 ? 1_555 O   ? L HOH .  ? A HOH 225 ? 1_555 98.8  ? 
14  O   ? L HOH .  ? A HOH 216 ? 1_555 MG ? F MG . ? A MG 105 ? 1_555 O   ? L HOH .  ? A HOH 225 ? 1_555 78.3  ? 
15  O   ? L HOH .  ? A HOH 224 ? 1_555 MG ? F MG . ? A MG 105 ? 1_555 O   ? L HOH .  ? A HOH 225 ? 1_555 71.3  ? 
16  OP2 ? A A   7  ? A A   8   ? 1_555 MG ? I MG . ? A MG 108 ? 1_555 OP2 ? A C   8  ? A C   9   ? 1_555 87.8  ? 
17  OP2 ? A A   7  ? A A   8   ? 1_555 MG ? I MG . ? A MG 108 ? 1_555 O   ? L HOH .  ? A HOH 207 ? 1_555 74.6  ? 
18  OP2 ? A C   8  ? A C   9   ? 1_555 MG ? I MG . ? A MG 108 ? 1_555 O   ? L HOH .  ? A HOH 207 ? 1_555 80.8  ? 
19  OP2 ? A A   7  ? A A   8   ? 1_555 MG ? I MG . ? A MG 108 ? 1_555 O   ? L HOH .  ? A HOH 212 ? 1_555 99.1  ? 
20  OP2 ? A C   8  ? A C   9   ? 1_555 MG ? I MG . ? A MG 108 ? 1_555 O   ? L HOH .  ? A HOH 212 ? 1_555 150.3 ? 
21  O   ? L HOH .  ? A HOH 207 ? 1_555 MG ? I MG . ? A MG 108 ? 1_555 O   ? L HOH .  ? A HOH 212 ? 1_555 73.5  ? 
22  OP2 ? A A   7  ? A A   8   ? 1_555 MG ? I MG . ? A MG 108 ? 1_555 O   ? L HOH .  ? A HOH 213 ? 1_555 153.0 ? 
23  OP2 ? A C   8  ? A C   9   ? 1_555 MG ? I MG . ? A MG 108 ? 1_555 O   ? L HOH .  ? A HOH 213 ? 1_555 82.7  ? 
24  O   ? L HOH .  ? A HOH 207 ? 1_555 MG ? I MG . ? A MG 108 ? 1_555 O   ? L HOH .  ? A HOH 213 ? 1_555 78.9  ? 
25  O   ? L HOH .  ? A HOH 212 ? 1_555 MG ? I MG . ? A MG 108 ? 1_555 O   ? L HOH .  ? A HOH 213 ? 1_555 78.2  ? 
26  OP2 ? A A   10 ? A A   11  ? 1_555 MG ? C MG . ? A MG 102 ? 1_555 OP1 ? A U   16 ? A U   17  ? 1_555 45.1  ? 
27  OP2 ? A A   10 ? A A   11  ? 1_555 MG ? C MG . ? A MG 102 ? 1_555 O   ? L HOH .  ? A HOH 203 ? 1_555 74.3  ? 
28  OP1 ? A U   16 ? A U   17  ? 1_555 MG ? C MG . ? A MG 102 ? 1_555 O   ? L HOH .  ? A HOH 203 ? 1_555 33.5  ? 
29  OP2 ? A A   10 ? A A   11  ? 1_555 MG ? C MG . ? A MG 102 ? 1_555 O   ? L HOH .  ? A HOH 219 ? 1_555 73.1  ? 
30  OP1 ? A U   16 ? A U   17  ? 1_555 MG ? C MG . ? A MG 102 ? 1_555 O   ? L HOH .  ? A HOH 219 ? 1_555 59.8  ? 
31  O   ? L HOH .  ? A HOH 203 ? 1_555 MG ? C MG . ? A MG 102 ? 1_555 O   ? L HOH .  ? A HOH 219 ? 1_555 79.5  ? 
32  OP2 ? A A   10 ? A A   11  ? 1_555 MG ? C MG . ? A MG 102 ? 1_555 O   ? L HOH .  ? A HOH 220 ? 2_455 80.7  ? 
33  OP1 ? A U   16 ? A U   17  ? 1_555 MG ? C MG . ? A MG 102 ? 1_555 O   ? L HOH .  ? A HOH 220 ? 2_455 97.1  ? 
34  O   ? L HOH .  ? A HOH 203 ? 1_555 MG ? C MG . ? A MG 102 ? 1_555 O   ? L HOH .  ? A HOH 220 ? 2_455 87.7  ? 
35  O   ? L HOH .  ? A HOH 219 ? 1_555 MG ? C MG . ? A MG 102 ? 1_555 O   ? L HOH .  ? A HOH 220 ? 2_455 153.1 ? 
36  OP2 ? A A   10 ? A A   11  ? 1_555 MG ? C MG . ? A MG 102 ? 1_555 O   ? L HOH .  ? A HOH 221 ? 1_555 81.5  ? 
37  OP1 ? A U   16 ? A U   17  ? 1_555 MG ? C MG . ? A MG 102 ? 1_555 O   ? L HOH .  ? A HOH 221 ? 1_555 126.1 ? 
38  O   ? L HOH .  ? A HOH 203 ? 1_555 MG ? C MG . ? A MG 102 ? 1_555 O   ? L HOH .  ? A HOH 221 ? 1_555 153.4 ? 
39  O   ? L HOH .  ? A HOH 219 ? 1_555 MG ? C MG . ? A MG 102 ? 1_555 O   ? L HOH .  ? A HOH 221 ? 1_555 104.0 ? 
40  O   ? L HOH .  ? A HOH 220 ? 2_455 MG ? C MG . ? A MG 102 ? 1_555 O   ? L HOH .  ? A HOH 221 ? 1_555 77.5  ? 
41  O6  ? A G   46 ? A G   47  ? 1_555 MG ? J MG . ? A MG 109 ? 1_555 O   ? L HOH .  ? A HOH 201 ? 1_555 76.6  ? 
42  O6  ? A G   46 ? A G   47  ? 1_555 MG ? J MG . ? A MG 109 ? 1_555 O   ? L HOH .  ? A HOH 206 ? 1_555 81.6  ? 
43  O   ? L HOH .  ? A HOH 201 ? 1_555 MG ? J MG . ? A MG 109 ? 1_555 O   ? L HOH .  ? A HOH 206 ? 1_555 75.2  ? 
44  O6  ? A G   46 ? A G   47  ? 1_555 MG ? J MG . ? A MG 109 ? 1_555 O   ? L HOH .  ? A HOH 218 ? 1_555 82.0  ? 
45  O   ? L HOH .  ? A HOH 201 ? 1_555 MG ? J MG . ? A MG 109 ? 1_555 O   ? L HOH .  ? A HOH 218 ? 1_555 103.4 ? 
46  O   ? L HOH .  ? A HOH 206 ? 1_555 MG ? J MG . ? A MG 109 ? 1_555 O   ? L HOH .  ? A HOH 218 ? 1_555 163.4 ? 
47  O6  ? A G   46 ? A G   47  ? 1_555 MG ? J MG . ? A MG 109 ? 1_555 O   ? L HOH .  ? A HOH 228 ? 1_555 107.1 ? 
48  O   ? L HOH .  ? A HOH 201 ? 1_555 MG ? J MG . ? A MG 109 ? 1_555 O   ? L HOH .  ? A HOH 228 ? 1_555 169.2 ? 
49  O   ? L HOH .  ? A HOH 206 ? 1_555 MG ? J MG . ? A MG 109 ? 1_555 O   ? L HOH .  ? A HOH 228 ? 1_555 115.2 ? 
50  O   ? L HOH .  ? A HOH 218 ? 1_555 MG ? J MG . ? A MG 109 ? 1_555 O   ? L HOH .  ? A HOH 228 ? 1_555 67.6  ? 
51  O6  ? A G   46 ? A G   47  ? 1_555 MG ? J MG . ? A MG 109 ? 1_555 O   ? L HOH .  ? A HOH 234 ? 1_555 153.2 ? 
52  O   ? L HOH .  ? A HOH 201 ? 1_555 MG ? J MG . ? A MG 109 ? 1_555 O   ? L HOH .  ? A HOH 234 ? 1_555 82.0  ? 
53  O   ? L HOH .  ? A HOH 206 ? 1_555 MG ? J MG . ? A MG 109 ? 1_555 O   ? L HOH .  ? A HOH 234 ? 1_555 108.4 ? 
54  O   ? L HOH .  ? A HOH 218 ? 1_555 MG ? J MG . ? A MG 109 ? 1_555 O   ? L HOH .  ? A HOH 234 ? 1_555 87.6  ? 
55  O   ? L HOH .  ? A HOH 228 ? 1_555 MG ? J MG . ? A MG 109 ? 1_555 O   ? L HOH .  ? A HOH 234 ? 1_555 91.4  ? 
56  O   ? L HOH .  ? A HOH 208 ? 1_555 MG ? D MG . ? A MG 103 ? 1_555 O   ? L HOH .  ? A HOH 209 ? 1_555 69.3  ? 
57  O   ? L HOH .  ? A HOH 208 ? 1_555 MG ? D MG . ? A MG 103 ? 1_555 O   ? L HOH .  ? A HOH 214 ? 1_555 91.7  ? 
58  O   ? L HOH .  ? A HOH 209 ? 1_555 MG ? D MG . ? A MG 103 ? 1_555 O   ? L HOH .  ? A HOH 214 ? 1_555 75.6  ? 
59  O   ? L HOH .  ? A HOH 208 ? 1_555 MG ? D MG . ? A MG 103 ? 1_555 O   ? L HOH .  ? A HOH 231 ? 1_555 83.7  ? 
60  O   ? L HOH .  ? A HOH 209 ? 1_555 MG ? D MG . ? A MG 103 ? 1_555 O   ? L HOH .  ? A HOH 231 ? 1_555 150.3 ? 
61  O   ? L HOH .  ? A HOH 214 ? 1_555 MG ? D MG . ? A MG 103 ? 1_555 O   ? L HOH .  ? A HOH 231 ? 1_555 93.7  ? 
62  O   ? L HOH .  ? A HOH 208 ? 1_555 MG ? D MG . ? A MG 103 ? 1_555 O   ? L HOH .  ? A HOH 238 ? 1_555 162.2 ? 
63  O   ? L HOH .  ? A HOH 209 ? 1_555 MG ? D MG . ? A MG 103 ? 1_555 O   ? L HOH .  ? A HOH 238 ? 1_555 94.7  ? 
64  O   ? L HOH .  ? A HOH 214 ? 1_555 MG ? D MG . ? A MG 103 ? 1_555 O   ? L HOH .  ? A HOH 238 ? 1_555 76.3  ? 
65  O   ? L HOH .  ? A HOH 231 ? 1_555 MG ? D MG . ? A MG 103 ? 1_555 O   ? L HOH .  ? A HOH 238 ? 1_555 109.8 ? 
66  O   ? L HOH .  ? A HOH 208 ? 1_555 MG ? D MG . ? A MG 103 ? 1_555 O   ? L HOH .  ? A HOH 239 ? 1_555 88.5  ? 
67  O   ? L HOH .  ? A HOH 209 ? 1_555 MG ? D MG . ? A MG 103 ? 1_555 O   ? L HOH .  ? A HOH 239 ? 1_555 75.2  ? 
68  O   ? L HOH .  ? A HOH 214 ? 1_555 MG ? D MG . ? A MG 103 ? 1_555 O   ? L HOH .  ? A HOH 239 ? 1_555 148.7 ? 
69  O   ? L HOH .  ? A HOH 231 ? 1_555 MG ? D MG . ? A MG 103 ? 1_555 O   ? L HOH .  ? A HOH 239 ? 1_555 117.4 ? 
70  O   ? L HOH .  ? A HOH 238 ? 1_555 MG ? D MG . ? A MG 103 ? 1_555 O   ? L HOH .  ? A HOH 239 ? 1_555 94.9  ? 
71  O   ? L HOH .  ? A HOH 204 ? 8_544 MG ? E MG . ? A MG 104 ? 1_555 O   ? L HOH .  ? A HOH 222 ? 8_544 71.7  ? 
72  O   ? L HOH .  ? A HOH 204 ? 8_544 MG ? E MG . ? A MG 104 ? 1_555 O   ? L HOH .  ? A HOH 226 ? 1_555 73.9  ? 
73  O   ? L HOH .  ? A HOH 222 ? 8_544 MG ? E MG . ? A MG 104 ? 1_555 O   ? L HOH .  ? A HOH 226 ? 1_555 92.6  ? 
74  O   ? L HOH .  ? A HOH 204 ? 8_544 MG ? E MG . ? A MG 104 ? 1_555 O   ? L HOH .  ? A HOH 229 ? 8_544 80.6  ? 
75  O   ? L HOH .  ? A HOH 222 ? 8_544 MG ? E MG . ? A MG 104 ? 1_555 O   ? L HOH .  ? A HOH 229 ? 8_544 137.9 ? 
76  O   ? L HOH .  ? A HOH 226 ? 1_555 MG ? E MG . ? A MG 104 ? 1_555 O   ? L HOH .  ? A HOH 229 ? 8_544 109.8 ? 
77  O   ? L HOH .  ? A HOH 204 ? 8_544 MG ? E MG . ? A MG 104 ? 1_555 O   ? L HOH .  ? A HOH 233 ? 8_544 80.2  ? 
78  O   ? L HOH .  ? A HOH 222 ? 8_544 MG ? E MG . ? A MG 104 ? 1_555 O   ? L HOH .  ? A HOH 233 ? 8_544 67.8  ? 
79  O   ? L HOH .  ? A HOH 226 ? 1_555 MG ? E MG . ? A MG 104 ? 1_555 O   ? L HOH .  ? A HOH 233 ? 8_544 151.5 ? 
80  O   ? L HOH .  ? A HOH 229 ? 8_544 MG ? E MG . ? A MG 104 ? 1_555 O   ? L HOH .  ? A HOH 233 ? 8_544 76.8  ? 
81  O   ? L HOH .  ? A HOH 204 ? 8_544 MG ? E MG . ? A MG 104 ? 1_555 O   ? L HOH .  ? A HOH 235 ? 1_555 173.8 ? 
82  O   ? L HOH .  ? A HOH 222 ? 8_544 MG ? E MG . ? A MG 104 ? 1_555 O   ? L HOH .  ? A HOH 235 ? 1_555 104.7 ? 
83  O   ? L HOH .  ? A HOH 226 ? 1_555 MG ? E MG . ? A MG 104 ? 1_555 O   ? L HOH .  ? A HOH 235 ? 1_555 101.5 ? 
84  O   ? L HOH .  ? A HOH 229 ? 8_544 MG ? E MG . ? A MG 104 ? 1_555 O   ? L HOH .  ? A HOH 235 ? 1_555 105.1 ? 
85  O   ? L HOH .  ? A HOH 233 ? 8_544 MG ? E MG . ? A MG 104 ? 1_555 O   ? L HOH .  ? A HOH 235 ? 1_555 103.3 ? 
86  O1B ? K ADP .  ? A ADP 110 ? 1_555 MG ? G MG . ? A MG 106 ? 1_555 O1A ? K ADP .  ? A ADP 110 ? 1_555 82.4  ? 
87  O1B ? K ADP .  ? A ADP 110 ? 1_555 MG ? G MG . ? A MG 106 ? 1_555 O   ? L HOH .  ? A HOH 202 ? 1_555 111.7 ? 
88  O1A ? K ADP .  ? A ADP 110 ? 1_555 MG ? G MG . ? A MG 106 ? 1_555 O   ? L HOH .  ? A HOH 202 ? 1_555 151.3 ? 
89  O1B ? K ADP .  ? A ADP 110 ? 1_555 MG ? G MG . ? A MG 106 ? 1_555 O   ? L HOH .  ? A HOH 205 ? 1_555 148.8 ? 
90  O1A ? K ADP .  ? A ADP 110 ? 1_555 MG ? G MG . ? A MG 106 ? 1_555 O   ? L HOH .  ? A HOH 205 ? 1_555 78.9  ? 
91  O   ? L HOH .  ? A HOH 202 ? 1_555 MG ? G MG . ? A MG 106 ? 1_555 O   ? L HOH .  ? A HOH 205 ? 1_555 76.8  ? 
92  O1B ? K ADP .  ? A ADP 110 ? 1_555 MG ? G MG . ? A MG 106 ? 1_555 O   ? L HOH .  ? A HOH 217 ? 1_555 87.1  ? 
93  O1A ? K ADP .  ? A ADP 110 ? 1_555 MG ? G MG . ? A MG 106 ? 1_555 O   ? L HOH .  ? A HOH 217 ? 1_555 80.2  ? 
94  O   ? L HOH .  ? A HOH 202 ? 1_555 MG ? G MG . ? A MG 106 ? 1_555 O   ? L HOH .  ? A HOH 217 ? 1_555 75.9  ? 
95  O   ? L HOH .  ? A HOH 205 ? 1_555 MG ? G MG . ? A MG 106 ? 1_555 O   ? L HOH .  ? A HOH 217 ? 1_555 65.3  ? 
96  O   ? L HOH .  ? A HOH 223 ? 8_544 MG ? H MG . ? A MG 107 ? 1_555 O   ? L HOH .  ? A HOH 230 ? 1_555 88.5  ? 
97  O   ? L HOH .  ? A HOH 223 ? 8_544 MG ? H MG . ? A MG 107 ? 1_555 O   ? L HOH .  ? A HOH 232 ? 8_544 73.4  ? 
98  O   ? L HOH .  ? A HOH 230 ? 1_555 MG ? H MG . ? A MG 107 ? 1_555 O   ? L HOH .  ? A HOH 232 ? 8_544 91.7  ? 
99  O   ? L HOH .  ? A HOH 223 ? 8_544 MG ? H MG . ? A MG 107 ? 1_555 O   ? L HOH .  ? A HOH 236 ? 8_544 49.0  ? 
100 O   ? L HOH .  ? A HOH 230 ? 1_555 MG ? H MG . ? A MG 107 ? 1_555 O   ? L HOH .  ? A HOH 236 ? 8_544 82.9  ? 
101 O   ? L HOH .  ? A HOH 232 ? 8_544 MG ? H MG . ? A MG 107 ? 1_555 O   ? L HOH .  ? A HOH 236 ? 8_544 122.2 ? 
102 O   ? L HOH .  ? A HOH 223 ? 8_544 MG ? H MG . ? A MG 107 ? 1_555 O   ? L HOH .  ? A HOH 237 ? 8_544 60.2  ? 
103 O   ? L HOH .  ? A HOH 230 ? 1_555 MG ? H MG . ? A MG 107 ? 1_555 O   ? L HOH .  ? A HOH 237 ? 8_544 126.8 ? 
104 O   ? L HOH .  ? A HOH 232 ? 8_544 MG ? H MG . ? A MG 107 ? 1_555 O   ? L HOH .  ? A HOH 237 ? 8_544 115.2 ? 
105 O   ? L HOH .  ? A HOH 236 ? 8_544 MG ? H MG . ? A MG 107 ? 1_555 O   ? L HOH .  ? A HOH 237 ? 8_544 43.9  ? 
106 O   ? L HOH .  ? A HOH 223 ? 8_544 MG ? H MG . ? A MG 107 ? 1_555 O   ? L HOH .  ? A HOH 240 ? 8_544 142.5 ? 
107 O   ? L HOH .  ? A HOH 230 ? 1_555 MG ? H MG . ? A MG 107 ? 1_555 O   ? L HOH .  ? A HOH 240 ? 8_544 128.2 ? 
108 O   ? L HOH .  ? A HOH 232 ? 8_544 MG ? H MG . ? A MG 107 ? 1_555 O   ? L HOH .  ? A HOH 240 ? 8_544 95.8  ? 
109 O   ? L HOH .  ? A HOH 236 ? 8_544 MG ? H MG . ? A MG 107 ? 1_555 O   ? L HOH .  ? A HOH 240 ? 8_544 131.7 ? 
110 O   ? L HOH .  ? A HOH 237 ? 8_544 MG ? H MG . ? A MG 107 ? 1_555 O   ? L HOH .  ? A HOH 240 ? 8_544 95.4  ? 
# 
loop_
_pdbx_audit_revision_history.ordinal 
_pdbx_audit_revision_history.data_content_type 
_pdbx_audit_revision_history.major_revision 
_pdbx_audit_revision_history.minor_revision 
_pdbx_audit_revision_history.revision_date 
1 'Structure model' 1 0 2020-11-25 
2 'Structure model' 1 1 2020-12-02 
3 'Structure model' 1 2 2020-12-23 
4 'Structure model' 1 3 2023-11-29 
# 
_pdbx_audit_revision_details.ordinal             1 
_pdbx_audit_revision_details.revision_ordinal    1 
_pdbx_audit_revision_details.data_content_type   'Structure model' 
_pdbx_audit_revision_details.provider            repository 
_pdbx_audit_revision_details.type                'Initial release' 
_pdbx_audit_revision_details.description         ? 
_pdbx_audit_revision_details.details             ? 
# 
loop_
_pdbx_audit_revision_group.ordinal 
_pdbx_audit_revision_group.revision_ordinal 
_pdbx_audit_revision_group.data_content_type 
_pdbx_audit_revision_group.group 
1 2 'Structure model' 'Database references'    
2 3 'Structure model' 'Database references'    
3 4 'Structure model' 'Data collection'        
4 4 'Structure model' 'Database references'    
5 4 'Structure model' 'Refinement description' 
# 
loop_
_pdbx_audit_revision_category.ordinal 
_pdbx_audit_revision_category.revision_ordinal 
_pdbx_audit_revision_category.data_content_type 
_pdbx_audit_revision_category.category 
1 2 'Structure model' citation                      
2 2 'Structure model' citation_author               
3 3 'Structure model' citation                      
4 4 'Structure model' chem_comp_atom                
5 4 'Structure model' chem_comp_bond                
6 4 'Structure model' database_2                    
7 4 'Structure model' pdbx_initial_refinement_model 
# 
loop_
_pdbx_audit_revision_item.ordinal 
_pdbx_audit_revision_item.revision_ordinal 
_pdbx_audit_revision_item.data_content_type 
_pdbx_audit_revision_item.item 
1 2 'Structure model' '_citation.pdbx_database_id_PubMed'   
2 2 'Structure model' '_citation_author.identifier_ORCID'   
3 2 'Structure model' '_citation_author.name'               
4 3 'Structure model' '_citation.journal_volume'            
5 3 'Structure model' '_citation.page_first'                
6 3 'Structure model' '_citation.page_last'                 
7 4 'Structure model' '_database_2.pdbx_DOI'                
8 4 'Structure model' '_database_2.pdbx_database_accession' 
# 
loop_
_software.citation_id 
_software.classification 
_software.compiler_name 
_software.compiler_version 
_software.contact_author 
_software.contact_author_email 
_software.date 
_software.description 
_software.dependencies 
_software.hardware 
_software.language 
_software.location 
_software.mods 
_software.name 
_software.os 
_software.os_version 
_software.type 
_software.version 
_software.pdbx_ordinal 
? 'data scaling'    ? ? ? ? ? ? ? ? ? ? ? HKL-3000    ? ? ? .         1 
? refinement        ? ? ? ? ? ? ? ? ? ? ? PHENIX      ? ? ? 1.14_3260 2 
? 'data extraction' ? ? ? ? ? ? ? ? ? ? ? PDB_EXTRACT ? ? ? 3.25      3 
? 'data reduction'  ? ? ? ? ? ? ? ? ? ? ? HKL-3000    ? ? ? .         4 
? phasing           ? ? ? ? ? ? ? ? ? ? ? PHASER      ? ? ? .         5 
# 
_pdbx_entry_details.entry_id                 7D7X 
_pdbx_entry_details.has_ligand_of_interest   Y 
_pdbx_entry_details.compound_details         ? 
_pdbx_entry_details.source_details           ? 
_pdbx_entry_details.nonpolymer_details       ? 
_pdbx_entry_details.sequence_details         ? 
# 
loop_
_pdbx_validate_close_contact.id 
_pdbx_validate_close_contact.PDB_model_num 
_pdbx_validate_close_contact.auth_atom_id_1 
_pdbx_validate_close_contact.auth_asym_id_1 
_pdbx_validate_close_contact.auth_comp_id_1 
_pdbx_validate_close_contact.auth_seq_id_1 
_pdbx_validate_close_contact.PDB_ins_code_1 
_pdbx_validate_close_contact.label_alt_id_1 
_pdbx_validate_close_contact.auth_atom_id_2 
_pdbx_validate_close_contact.auth_asym_id_2 
_pdbx_validate_close_contact.auth_comp_id_2 
_pdbx_validate_close_contact.auth_seq_id_2 
_pdbx_validate_close_contact.PDB_ins_code_2 
_pdbx_validate_close_contact.label_alt_id_2 
_pdbx_validate_close_contact.dist 
1 1 O   A HOH 236 ? ? O  A HOH 237 ? ? 1.65 
2 1 OP1 A A   8   ? ? MG A MG  106 ? ? 1.67 
3 1 O   A HOH 223 ? ? O  A HOH 236 ? ? 1.73 
4 1 O   A HOH 223 ? ? O  A HOH 237 ? ? 2.11 
5 1 O   A HOH 229 ? ? O  A HOH 232 ? ? 2.19 
# 
loop_
_chem_comp_atom.comp_id 
_chem_comp_atom.atom_id 
_chem_comp_atom.type_symbol 
_chem_comp_atom.pdbx_aromatic_flag 
_chem_comp_atom.pdbx_stereo_config 
_chem_comp_atom.pdbx_ordinal 
A   OP3    O  N N 1   
A   P      P  N N 2   
A   OP1    O  N N 3   
A   OP2    O  N N 4   
A   "O5'"  O  N N 5   
A   "C5'"  C  N N 6   
A   "C4'"  C  N R 7   
A   "O4'"  O  N N 8   
A   "C3'"  C  N S 9   
A   "O3'"  O  N N 10  
A   "C2'"  C  N R 11  
A   "O2'"  O  N N 12  
A   "C1'"  C  N R 13  
A   N9     N  Y N 14  
A   C8     C  Y N 15  
A   N7     N  Y N 16  
A   C5     C  Y N 17  
A   C6     C  Y N 18  
A   N6     N  N N 19  
A   N1     N  Y N 20  
A   C2     C  Y N 21  
A   N3     N  Y N 22  
A   C4     C  Y N 23  
A   HOP3   H  N N 24  
A   HOP2   H  N N 25  
A   "H5'"  H  N N 26  
A   "H5''" H  N N 27  
A   "H4'"  H  N N 28  
A   "H3'"  H  N N 29  
A   "HO3'" H  N N 30  
A   "H2'"  H  N N 31  
A   "HO2'" H  N N 32  
A   "H1'"  H  N N 33  
A   H8     H  N N 34  
A   H61    H  N N 35  
A   H62    H  N N 36  
A   H2     H  N N 37  
ADP PB     P  N N 38  
ADP O1B    O  N N 39  
ADP O2B    O  N N 40  
ADP O3B    O  N N 41  
ADP PA     P  N S 42  
ADP O1A    O  N N 43  
ADP O2A    O  N N 44  
ADP O3A    O  N N 45  
ADP "O5'"  O  N N 46  
ADP "C5'"  C  N N 47  
ADP "C4'"  C  N R 48  
ADP "O4'"  O  N N 49  
ADP "C3'"  C  N S 50  
ADP "O3'"  O  N N 51  
ADP "C2'"  C  N R 52  
ADP "O2'"  O  N N 53  
ADP "C1'"  C  N R 54  
ADP N9     N  Y N 55  
ADP C8     C  Y N 56  
ADP N7     N  Y N 57  
ADP C5     C  Y N 58  
ADP C6     C  Y N 59  
ADP N6     N  N N 60  
ADP N1     N  Y N 61  
ADP C2     C  Y N 62  
ADP N3     N  Y N 63  
ADP C4     C  Y N 64  
ADP HOB2   H  N N 65  
ADP HOB3   H  N N 66  
ADP HOA2   H  N N 67  
ADP "H5'1" H  N N 68  
ADP "H5'2" H  N N 69  
ADP "H4'"  H  N N 70  
ADP "H3'"  H  N N 71  
ADP "HO3'" H  N N 72  
ADP "H2'"  H  N N 73  
ADP "HO2'" H  N N 74  
ADP "H1'"  H  N N 75  
ADP H8     H  N N 76  
ADP HN61   H  N N 77  
ADP HN62   H  N N 78  
ADP H2     H  N N 79  
C   OP3    O  N N 80  
C   P      P  N N 81  
C   OP1    O  N N 82  
C   OP2    O  N N 83  
C   "O5'"  O  N N 84  
C   "C5'"  C  N N 85  
C   "C4'"  C  N R 86  
C   "O4'"  O  N N 87  
C   "C3'"  C  N S 88  
C   "O3'"  O  N N 89  
C   "C2'"  C  N R 90  
C   "O2'"  O  N N 91  
C   "C1'"  C  N R 92  
C   N1     N  N N 93  
C   C2     C  N N 94  
C   O2     O  N N 95  
C   N3     N  N N 96  
C   C4     C  N N 97  
C   N4     N  N N 98  
C   C5     C  N N 99  
C   C6     C  N N 100 
C   HOP3   H  N N 101 
C   HOP2   H  N N 102 
C   "H5'"  H  N N 103 
C   "H5''" H  N N 104 
C   "H4'"  H  N N 105 
C   "H3'"  H  N N 106 
C   "HO3'" H  N N 107 
C   "H2'"  H  N N 108 
C   "HO2'" H  N N 109 
C   "H1'"  H  N N 110 
C   H41    H  N N 111 
C   H42    H  N N 112 
C   H5     H  N N 113 
C   H6     H  N N 114 
G   OP3    O  N N 115 
G   P      P  N N 116 
G   OP1    O  N N 117 
G   OP2    O  N N 118 
G   "O5'"  O  N N 119 
G   "C5'"  C  N N 120 
G   "C4'"  C  N R 121 
G   "O4'"  O  N N 122 
G   "C3'"  C  N S 123 
G   "O3'"  O  N N 124 
G   "C2'"  C  N R 125 
G   "O2'"  O  N N 126 
G   "C1'"  C  N R 127 
G   N9     N  Y N 128 
G   C8     C  Y N 129 
G   N7     N  Y N 130 
G   C5     C  Y N 131 
G   C6     C  N N 132 
G   O6     O  N N 133 
G   N1     N  N N 134 
G   C2     C  N N 135 
G   N2     N  N N 136 
G   N3     N  N N 137 
G   C4     C  Y N 138 
G   HOP3   H  N N 139 
G   HOP2   H  N N 140 
G   "H5'"  H  N N 141 
G   "H5''" H  N N 142 
G   "H4'"  H  N N 143 
G   "H3'"  H  N N 144 
G   "HO3'" H  N N 145 
G   "H2'"  H  N N 146 
G   "HO2'" H  N N 147 
G   "H1'"  H  N N 148 
G   H8     H  N N 149 
G   H1     H  N N 150 
G   H21    H  N N 151 
G   H22    H  N N 152 
GTP PG     P  N N 153 
GTP O1G    O  N N 154 
GTP O2G    O  N N 155 
GTP O3G    O  N N 156 
GTP O3B    O  N N 157 
GTP PB     P  N N 158 
GTP O1B    O  N N 159 
GTP O2B    O  N N 160 
GTP O3A    O  N N 161 
GTP PA     P  N N 162 
GTP O1A    O  N N 163 
GTP O2A    O  N N 164 
GTP "O5'"  O  N N 165 
GTP "C5'"  C  N N 166 
GTP "C4'"  C  N R 167 
GTP "O4'"  O  N N 168 
GTP "C3'"  C  N S 169 
GTP "O3'"  O  N N 170 
GTP "C2'"  C  N R 171 
GTP "O2'"  O  N N 172 
GTP "C1'"  C  N R 173 
GTP N9     N  Y N 174 
GTP C8     C  Y N 175 
GTP N7     N  Y N 176 
GTP C5     C  Y N 177 
GTP C6     C  N N 178 
GTP O6     O  N N 179 
GTP N1     N  N N 180 
GTP C2     C  N N 181 
GTP N2     N  N N 182 
GTP N3     N  N N 183 
GTP C4     C  Y N 184 
GTP HOG2   H  N N 185 
GTP HOG3   H  N N 186 
GTP HOB2   H  N N 187 
GTP HOA2   H  N N 188 
GTP "H5'"  H  N N 189 
GTP "H5''" H  N N 190 
GTP "H4'"  H  N N 191 
GTP "H3'"  H  N N 192 
GTP "HO3'" H  N N 193 
GTP "H2'"  H  N N 194 
GTP "HO2'" H  N N 195 
GTP "H1'"  H  N N 196 
GTP H8     H  N N 197 
GTP HN1    H  N N 198 
GTP HN21   H  N N 199 
GTP HN22   H  N N 200 
HOH O      O  N N 201 
HOH H1     H  N N 202 
HOH H2     H  N N 203 
MG  MG     MG N N 204 
U   OP3    O  N N 205 
U   P      P  N N 206 
U   OP1    O  N N 207 
U   OP2    O  N N 208 
U   "O5'"  O  N N 209 
U   "C5'"  C  N N 210 
U   "C4'"  C  N R 211 
U   "O4'"  O  N N 212 
U   "C3'"  C  N S 213 
U   "O3'"  O  N N 214 
U   "C2'"  C  N R 215 
U   "O2'"  O  N N 216 
U   "C1'"  C  N R 217 
U   N1     N  N N 218 
U   C2     C  N N 219 
U   O2     O  N N 220 
U   N3     N  N N 221 
U   C4     C  N N 222 
U   O4     O  N N 223 
U   C5     C  N N 224 
U   C6     C  N N 225 
U   HOP3   H  N N 226 
U   HOP2   H  N N 227 
U   "H5'"  H  N N 228 
U   "H5''" H  N N 229 
U   "H4'"  H  N N 230 
U   "H3'"  H  N N 231 
U   "HO3'" H  N N 232 
U   "H2'"  H  N N 233 
U   "HO2'" H  N N 234 
U   "H1'"  H  N N 235 
U   H3     H  N N 236 
U   H5     H  N N 237 
U   H6     H  N N 238 
# 
loop_
_chem_comp_bond.comp_id 
_chem_comp_bond.atom_id_1 
_chem_comp_bond.atom_id_2 
_chem_comp_bond.value_order 
_chem_comp_bond.pdbx_aromatic_flag 
_chem_comp_bond.pdbx_stereo_config 
_chem_comp_bond.pdbx_ordinal 
A   OP3   P      sing N N 1   
A   OP3   HOP3   sing N N 2   
A   P     OP1    doub N N 3   
A   P     OP2    sing N N 4   
A   P     "O5'"  sing N N 5   
A   OP2   HOP2   sing N N 6   
A   "O5'" "C5'"  sing N N 7   
A   "C5'" "C4'"  sing N N 8   
A   "C5'" "H5'"  sing N N 9   
A   "C5'" "H5''" sing N N 10  
A   "C4'" "O4'"  sing N N 11  
A   "C4'" "C3'"  sing N N 12  
A   "C4'" "H4'"  sing N N 13  
A   "O4'" "C1'"  sing N N 14  
A   "C3'" "O3'"  sing N N 15  
A   "C3'" "C2'"  sing N N 16  
A   "C3'" "H3'"  sing N N 17  
A   "O3'" "HO3'" sing N N 18  
A   "C2'" "O2'"  sing N N 19  
A   "C2'" "C1'"  sing N N 20  
A   "C2'" "H2'"  sing N N 21  
A   "O2'" "HO2'" sing N N 22  
A   "C1'" N9     sing N N 23  
A   "C1'" "H1'"  sing N N 24  
A   N9    C8     sing Y N 25  
A   N9    C4     sing Y N 26  
A   C8    N7     doub Y N 27  
A   C8    H8     sing N N 28  
A   N7    C5     sing Y N 29  
A   C5    C6     sing Y N 30  
A   C5    C4     doub Y N 31  
A   C6    N6     sing N N 32  
A   C6    N1     doub Y N 33  
A   N6    H61    sing N N 34  
A   N6    H62    sing N N 35  
A   N1    C2     sing Y N 36  
A   C2    N3     doub Y N 37  
A   C2    H2     sing N N 38  
A   N3    C4     sing Y N 39  
ADP PB    O1B    doub N N 40  
ADP PB    O2B    sing N N 41  
ADP PB    O3B    sing N N 42  
ADP PB    O3A    sing N N 43  
ADP O2B   HOB2   sing N N 44  
ADP O3B   HOB3   sing N N 45  
ADP PA    O1A    doub N N 46  
ADP PA    O2A    sing N N 47  
ADP PA    O3A    sing N N 48  
ADP PA    "O5'"  sing N N 49  
ADP O2A   HOA2   sing N N 50  
ADP "O5'" "C5'"  sing N N 51  
ADP "C5'" "C4'"  sing N N 52  
ADP "C5'" "H5'1" sing N N 53  
ADP "C5'" "H5'2" sing N N 54  
ADP "C4'" "O4'"  sing N N 55  
ADP "C4'" "C3'"  sing N N 56  
ADP "C4'" "H4'"  sing N N 57  
ADP "O4'" "C1'"  sing N N 58  
ADP "C3'" "O3'"  sing N N 59  
ADP "C3'" "C2'"  sing N N 60  
ADP "C3'" "H3'"  sing N N 61  
ADP "O3'" "HO3'" sing N N 62  
ADP "C2'" "O2'"  sing N N 63  
ADP "C2'" "C1'"  sing N N 64  
ADP "C2'" "H2'"  sing N N 65  
ADP "O2'" "HO2'" sing N N 66  
ADP "C1'" N9     sing N N 67  
ADP "C1'" "H1'"  sing N N 68  
ADP N9    C8     sing Y N 69  
ADP N9    C4     sing Y N 70  
ADP C8    N7     doub Y N 71  
ADP C8    H8     sing N N 72  
ADP N7    C5     sing Y N 73  
ADP C5    C6     sing Y N 74  
ADP C5    C4     doub Y N 75  
ADP C6    N6     sing N N 76  
ADP C6    N1     doub Y N 77  
ADP N6    HN61   sing N N 78  
ADP N6    HN62   sing N N 79  
ADP N1    C2     sing Y N 80  
ADP C2    N3     doub Y N 81  
ADP C2    H2     sing N N 82  
ADP N3    C4     sing Y N 83  
C   OP3   P      sing N N 84  
C   OP3   HOP3   sing N N 85  
C   P     OP1    doub N N 86  
C   P     OP2    sing N N 87  
C   P     "O5'"  sing N N 88  
C   OP2   HOP2   sing N N 89  
C   "O5'" "C5'"  sing N N 90  
C   "C5'" "C4'"  sing N N 91  
C   "C5'" "H5'"  sing N N 92  
C   "C5'" "H5''" sing N N 93  
C   "C4'" "O4'"  sing N N 94  
C   "C4'" "C3'"  sing N N 95  
C   "C4'" "H4'"  sing N N 96  
C   "O4'" "C1'"  sing N N 97  
C   "C3'" "O3'"  sing N N 98  
C   "C3'" "C2'"  sing N N 99  
C   "C3'" "H3'"  sing N N 100 
C   "O3'" "HO3'" sing N N 101 
C   "C2'" "O2'"  sing N N 102 
C   "C2'" "C1'"  sing N N 103 
C   "C2'" "H2'"  sing N N 104 
C   "O2'" "HO2'" sing N N 105 
C   "C1'" N1     sing N N 106 
C   "C1'" "H1'"  sing N N 107 
C   N1    C2     sing N N 108 
C   N1    C6     sing N N 109 
C   C2    O2     doub N N 110 
C   C2    N3     sing N N 111 
C   N3    C4     doub N N 112 
C   C4    N4     sing N N 113 
C   C4    C5     sing N N 114 
C   N4    H41    sing N N 115 
C   N4    H42    sing N N 116 
C   C5    C6     doub N N 117 
C   C5    H5     sing N N 118 
C   C6    H6     sing N N 119 
G   OP3   P      sing N N 120 
G   OP3   HOP3   sing N N 121 
G   P     OP1    doub N N 122 
G   P     OP2    sing N N 123 
G   P     "O5'"  sing N N 124 
G   OP2   HOP2   sing N N 125 
G   "O5'" "C5'"  sing N N 126 
G   "C5'" "C4'"  sing N N 127 
G   "C5'" "H5'"  sing N N 128 
G   "C5'" "H5''" sing N N 129 
G   "C4'" "O4'"  sing N N 130 
G   "C4'" "C3'"  sing N N 131 
G   "C4'" "H4'"  sing N N 132 
G   "O4'" "C1'"  sing N N 133 
G   "C3'" "O3'"  sing N N 134 
G   "C3'" "C2'"  sing N N 135 
G   "C3'" "H3'"  sing N N 136 
G   "O3'" "HO3'" sing N N 137 
G   "C2'" "O2'"  sing N N 138 
G   "C2'" "C1'"  sing N N 139 
G   "C2'" "H2'"  sing N N 140 
G   "O2'" "HO2'" sing N N 141 
G   "C1'" N9     sing N N 142 
G   "C1'" "H1'"  sing N N 143 
G   N9    C8     sing Y N 144 
G   N9    C4     sing Y N 145 
G   C8    N7     doub Y N 146 
G   C8    H8     sing N N 147 
G   N7    C5     sing Y N 148 
G   C5    C6     sing N N 149 
G   C5    C4     doub Y N 150 
G   C6    O6     doub N N 151 
G   C6    N1     sing N N 152 
G   N1    C2     sing N N 153 
G   N1    H1     sing N N 154 
G   C2    N2     sing N N 155 
G   C2    N3     doub N N 156 
G   N2    H21    sing N N 157 
G   N2    H22    sing N N 158 
G   N3    C4     sing N N 159 
GTP PG    O1G    doub N N 160 
GTP PG    O2G    sing N N 161 
GTP PG    O3G    sing N N 162 
GTP PG    O3B    sing N N 163 
GTP O2G   HOG2   sing N N 164 
GTP O3G   HOG3   sing N N 165 
GTP O3B   PB     sing N N 166 
GTP PB    O1B    doub N N 167 
GTP PB    O2B    sing N N 168 
GTP PB    O3A    sing N N 169 
GTP O2B   HOB2   sing N N 170 
GTP O3A   PA     sing N N 171 
GTP PA    O1A    doub N N 172 
GTP PA    O2A    sing N N 173 
GTP PA    "O5'"  sing N N 174 
GTP O2A   HOA2   sing N N 175 
GTP "O5'" "C5'"  sing N N 176 
GTP "C5'" "C4'"  sing N N 177 
GTP "C5'" "H5'"  sing N N 178 
GTP "C5'" "H5''" sing N N 179 
GTP "C4'" "O4'"  sing N N 180 
GTP "C4'" "C3'"  sing N N 181 
GTP "C4'" "H4'"  sing N N 182 
GTP "O4'" "C1'"  sing N N 183 
GTP "C3'" "O3'"  sing N N 184 
GTP "C3'" "C2'"  sing N N 185 
GTP "C3'" "H3'"  sing N N 186 
GTP "O3'" "HO3'" sing N N 187 
GTP "C2'" "O2'"  sing N N 188 
GTP "C2'" "C1'"  sing N N 189 
GTP "C2'" "H2'"  sing N N 190 
GTP "O2'" "HO2'" sing N N 191 
GTP "C1'" N9     sing N N 192 
GTP "C1'" "H1'"  sing N N 193 
GTP N9    C8     sing Y N 194 
GTP N9    C4     sing Y N 195 
GTP C8    N7     doub Y N 196 
GTP C8    H8     sing N N 197 
GTP N7    C5     sing Y N 198 
GTP C5    C6     sing N N 199 
GTP C5    C4     doub Y N 200 
GTP C6    O6     doub N N 201 
GTP C6    N1     sing N N 202 
GTP N1    C2     sing N N 203 
GTP N1    HN1    sing N N 204 
GTP C2    N2     sing N N 205 
GTP C2    N3     doub N N 206 
GTP N2    HN21   sing N N 207 
GTP N2    HN22   sing N N 208 
GTP N3    C4     sing N N 209 
HOH O     H1     sing N N 210 
HOH O     H2     sing N N 211 
U   OP3   P      sing N N 212 
U   OP3   HOP3   sing N N 213 
U   P     OP1    doub N N 214 
U   P     OP2    sing N N 215 
U   P     "O5'"  sing N N 216 
U   OP2   HOP2   sing N N 217 
U   "O5'" "C5'"  sing N N 218 
U   "C5'" "C4'"  sing N N 219 
U   "C5'" "H5'"  sing N N 220 
U   "C5'" "H5''" sing N N 221 
U   "C4'" "O4'"  sing N N 222 
U   "C4'" "C3'"  sing N N 223 
U   "C4'" "H4'"  sing N N 224 
U   "O4'" "C1'"  sing N N 225 
U   "C3'" "O3'"  sing N N 226 
U   "C3'" "C2'"  sing N N 227 
U   "C3'" "H3'"  sing N N 228 
U   "O3'" "HO3'" sing N N 229 
U   "C2'" "O2'"  sing N N 230 
U   "C2'" "C1'"  sing N N 231 
U   "C2'" "H2'"  sing N N 232 
U   "O2'" "HO2'" sing N N 233 
U   "C1'" N1     sing N N 234 
U   "C1'" "H1'"  sing N N 235 
U   N1    C2     sing N N 236 
U   N1    C6     sing N N 237 
U   C2    O2     doub N N 238 
U   C2    N3     sing N N 239 
U   N3    C4     sing N N 240 
U   N3    H3     sing N N 241 
U   C4    O4     doub N N 242 
U   C4    C5     sing N N 243 
U   C5    C6     doub N N 244 
U   C5    H5     sing N N 245 
U   C6    H6     sing N N 246 
# 
loop_
_ndb_struct_conf_na.entry_id 
_ndb_struct_conf_na.feature 
7D7X 'double helix'         
7D7X 'a-form double helix'  
7D7X tetraloop              
7D7X 'bulge loop'           
7D7X 'mismatched base pair' 
7D7X 'internal loop'        
# 
loop_
_ndb_struct_na_base_pair.model_number 
_ndb_struct_na_base_pair.i_label_asym_id 
_ndb_struct_na_base_pair.i_label_comp_id 
_ndb_struct_na_base_pair.i_label_seq_id 
_ndb_struct_na_base_pair.i_symmetry 
_ndb_struct_na_base_pair.j_label_asym_id 
_ndb_struct_na_base_pair.j_label_comp_id 
_ndb_struct_na_base_pair.j_label_seq_id 
_ndb_struct_na_base_pair.j_symmetry 
_ndb_struct_na_base_pair.shear 
_ndb_struct_na_base_pair.stretch 
_ndb_struct_na_base_pair.stagger 
_ndb_struct_na_base_pair.buckle 
_ndb_struct_na_base_pair.propeller 
_ndb_struct_na_base_pair.opening 
_ndb_struct_na_base_pair.pair_number 
_ndb_struct_na_base_pair.pair_name 
_ndb_struct_na_base_pair.i_auth_asym_id 
_ndb_struct_na_base_pair.i_auth_seq_id 
_ndb_struct_na_base_pair.i_PDB_ins_code 
_ndb_struct_na_base_pair.j_auth_asym_id 
_ndb_struct_na_base_pair.j_auth_seq_id 
_ndb_struct_na_base_pair.j_PDB_ins_code 
_ndb_struct_na_base_pair.hbond_type_28 
_ndb_struct_na_base_pair.hbond_type_12 
1 A G 1  1_555 A C 50 1_555 -0.579 -0.548 0.480  2.213   -11.232 0.381   1  A_G2:C51_A  A 2  ? A 51 ? 19 1 
1 A C 2  1_555 A G 49 1_555 -0.220 -0.513 0.140  1.289   -18.650 -10.044 2  A_C3:G50_A  A 3  ? A 50 ? 19 1 
1 A U 3  1_555 A A 48 1_555 -0.435 -0.058 0.437  -3.708  -18.037 7.096   3  A_U4:A49_A  A 4  ? A 49 ? 20 1 
1 A U 4  1_555 A G 47 1_555 2.418  -0.466 0.435  4.173   -14.366 1.465   4  A_U5:G48_A  A 5  ? A 48 ? 28 1 
1 A C 5  1_555 A G 46 1_555 -0.051 -0.192 0.117  9.789   -16.519 -0.226  5  A_C6:G47_A  A 6  ? A 47 ? 19 1 
1 A A 6  1_555 A U 45 1_555 0.014  -0.112 0.372  2.396   -7.567  -4.551  6  A_A7:U46_A  A 7  ? A 46 ? 20 1 
1 A G 15 1_555 A C 44 1_555 0.199  -0.191 -0.088 -13.541 -15.632 0.567   7  A_G16:C45_A A 16 ? A 45 ? 19 1 
1 A U 16 1_555 A A 43 1_555 -0.650 -0.167 0.419  -17.261 -9.046  0.063   8  A_U17:A44_A A 17 ? A 44 ? 20 1 
1 A A 17 1_555 A U 42 1_555 0.127  0.126  0.352  -2.224  -7.556  6.519   9  A_A18:U43_A A 18 ? A 43 ? 20 1 
1 A G 18 1_555 A C 41 1_555 -0.177 -0.510 0.074  -1.240  -9.269  -0.505  10 A_G19:C42_A A 19 ? A 42 ? 19 1 
1 A G 19 1_555 A C 40 1_555 -1.024 -0.153 0.213  -7.995  -17.526 6.312   11 A_G20:C41_A A 20 ? A 41 ? 19 1 
1 A U 20 1_555 A A 39 1_555 0.677  -0.287 0.136  -0.637  -18.921 6.997   12 A_U21:A40_A A 21 ? A 40 ? 20 1 
1 A G 21 1_555 A C 38 1_555 0.300  -0.218 0.135  1.741   -3.323  -3.344  13 A_G22:C39_A A 22 ? A 39 ? 19 1 
1 A G 22 1_555 A C 36 1_555 0.332  0.179  0.332  3.956   -2.532  -0.484  14 A_G23:C37_A A 23 ? A 37 ? 19 1 
1 A G 23 1_555 A A 34 1_555 -0.567 1.837  -0.062 -0.404  -10.704 -17.367 15 A_G24:A35_A A 24 ? A 35 ? 8  1 
1 A G 24 1_555 A C 33 1_555 -0.245 -0.312 0.627  7.250   -10.150 -4.630  16 A_G25:C34_A A 25 ? A 34 ? 19 1 
1 A A 25 1_555 A U 32 1_555 -0.103 -0.247 0.453  9.860   -19.229 2.959   17 A_A26:U33_A A 26 ? A 33 ? 20 1 
1 A C 26 1_555 A G 31 1_555 0.585  -0.164 0.436  2.603   -7.278  6.223   18 A_C27:G32_A A 27 ? A 32 ? 19 1 
1 A G 27 1_555 A A 30 1_555 6.922  -5.201 0.273  21.747  -0.534  -22.485 19 A_G28:A31_A A 28 ? A 31 ? ?  ? 
1 A C 12 1_555 A G 37 1_555 0.401  -0.314 0.096  8.313   -1.469  -0.777  20 A_C13:G38_A A 13 ? A 38 ? 19 1 
1 A C 13 1_555 A G 35 1_555 0.519  -0.119 0.131  -4.322  -0.996  1.857   21 A_C14:G36_A A 14 ? A 36 ? 19 1 
# 
loop_
_ndb_struct_na_base_pair_step.model_number 
_ndb_struct_na_base_pair_step.i_label_asym_id_1 
_ndb_struct_na_base_pair_step.i_label_comp_id_1 
_ndb_struct_na_base_pair_step.i_label_seq_id_1 
_ndb_struct_na_base_pair_step.i_symmetry_1 
_ndb_struct_na_base_pair_step.j_label_asym_id_1 
_ndb_struct_na_base_pair_step.j_label_comp_id_1 
_ndb_struct_na_base_pair_step.j_label_seq_id_1 
_ndb_struct_na_base_pair_step.j_symmetry_1 
_ndb_struct_na_base_pair_step.i_label_asym_id_2 
_ndb_struct_na_base_pair_step.i_label_comp_id_2 
_ndb_struct_na_base_pair_step.i_label_seq_id_2 
_ndb_struct_na_base_pair_step.i_symmetry_2 
_ndb_struct_na_base_pair_step.j_label_asym_id_2 
_ndb_struct_na_base_pair_step.j_label_comp_id_2 
_ndb_struct_na_base_pair_step.j_label_seq_id_2 
_ndb_struct_na_base_pair_step.j_symmetry_2 
_ndb_struct_na_base_pair_step.shift 
_ndb_struct_na_base_pair_step.slide 
_ndb_struct_na_base_pair_step.rise 
_ndb_struct_na_base_pair_step.tilt 
_ndb_struct_na_base_pair_step.roll 
_ndb_struct_na_base_pair_step.twist 
_ndb_struct_na_base_pair_step.x_displacement 
_ndb_struct_na_base_pair_step.y_displacement 
_ndb_struct_na_base_pair_step.helical_rise 
_ndb_struct_na_base_pair_step.inclination 
_ndb_struct_na_base_pair_step.tip 
_ndb_struct_na_base_pair_step.helical_twist 
_ndb_struct_na_base_pair_step.step_number 
_ndb_struct_na_base_pair_step.step_name 
_ndb_struct_na_base_pair_step.i_auth_asym_id_1 
_ndb_struct_na_base_pair_step.i_auth_seq_id_1 
_ndb_struct_na_base_pair_step.i_PDB_ins_code_1 
_ndb_struct_na_base_pair_step.j_auth_asym_id_1 
_ndb_struct_na_base_pair_step.j_auth_seq_id_1 
_ndb_struct_na_base_pair_step.j_PDB_ins_code_1 
_ndb_struct_na_base_pair_step.i_auth_asym_id_2 
_ndb_struct_na_base_pair_step.i_auth_seq_id_2 
_ndb_struct_na_base_pair_step.i_PDB_ins_code_2 
_ndb_struct_na_base_pair_step.j_auth_asym_id_2 
_ndb_struct_na_base_pair_step.j_auth_seq_id_2 
_ndb_struct_na_base_pair_step.j_PDB_ins_code_2 
1 A G 1  1_555 A C 50 1_555 A C 2  1_555 A G 49 1_555 -0.936 -1.941 3.118 0.467  1.895  32.119 -3.818  1.766  2.988 3.422  -0.842 
32.177 1  AA_G2C3:G50C51_AA   A 2  ? A 51 ? A 3  ? A 50 ? 
1 A C 2  1_555 A G 49 1_555 A U 3  1_555 A A 48 1_555 0.687  -1.637 3.374 -1.526 6.813  31.174 -4.181  -1.519 2.924 12.481 2.796  
31.927 2  AA_C3U4:A49G50_AA   A 3  ? A 50 ? A 4  ? A 49 ? 
1 A U 3  1_555 A A 48 1_555 A U 4  1_555 A G 47 1_555 -0.154 -0.738 3.103 -1.188 1.633  44.765 -1.109  0.100  3.078 2.143  1.559  
44.809 3  AA_U4U5:G48A49_AA   A 4  ? A 49 ? A 5  ? A 48 ? 
1 A U 4  1_555 A G 47 1_555 A C 5  1_555 A G 46 1_555 0.037  -2.679 2.664 3.093  7.059  18.320 -9.990  0.866  1.520 21.005 -9.203 
19.862 4  AA_U5C6:G47G48_AA   A 5  ? A 48 ? A 6  ? A 47 ? 
1 A C 5  1_555 A G 46 1_555 A A 6  1_555 A U 45 1_555 -1.021 -1.199 3.234 -3.180 15.342 38.004 -3.282  1.132  2.651 22.431 4.650  
40.997 5  AA_C6A7:U46G47_AA   A 6  ? A 47 ? A 7  ? A 46 ? 
1 A A 6  1_555 A U 45 1_555 A G 15 1_555 A C 44 1_555 0.475  -2.590 3.524 6.017  11.240 35.265 -5.475  0.030  2.648 17.848 -9.555 
37.429 6  AA_A7G16:C45U46_AA  A 7  ? A 46 ? A 16 ? A 45 ? 
1 A G 15 1_555 A C 44 1_555 A U 16 1_555 A A 43 1_555 -0.764 -2.063 3.268 -4.370 1.779  28.430 -4.543  0.562  3.214 3.592  8.821  
28.811 7  AA_G16U17:A44C45_AA A 16 ? A 45 ? A 17 ? A 44 ? 
1 A U 16 1_555 A A 43 1_555 A A 17 1_555 A U 42 1_555 0.271  -1.142 2.803 -0.305 3.114  33.323 -2.416  -0.513 2.686 5.416  0.531  
33.466 8  AA_U17A18:U43A44_AA A 17 ? A 44 ? A 18 ? A 43 ? 
1 A A 17 1_555 A U 42 1_555 A G 18 1_555 A C 41 1_555 0.303  -1.821 3.215 2.079  3.524  26.861 -4.720  -0.147 2.970 7.530  -4.443 
27.166 9  AA_A18G19:C42U43_AA A 18 ? A 43 ? A 19 ? A 42 ? 
1 A G 18 1_555 A C 41 1_555 A G 19 1_555 A C 40 1_555 0.944  -2.084 3.281 3.739  4.755  28.435 -5.166  -1.084 2.997 9.544  -7.505 
29.058 10 AA_G19G20:C41C42_AA A 19 ? A 42 ? A 20 ? A 41 ? 
1 A G 19 1_555 A C 40 1_555 A U 20 1_555 A A 39 1_555 -0.253 -1.286 3.153 0.714  4.389  36.884 -2.571  0.487  2.981 6.906  -1.123 
37.142 11 AA_G20U21:A40C41_AA A 20 ? A 41 ? A 21 ? A 40 ? 
1 A U 20 1_555 A A 39 1_555 A G 21 1_555 A C 38 1_555 -0.147 -1.415 3.091 -0.023 8.762  29.467 -4.194  0.273  2.574 16.765 0.045  
30.715 12 AA_U21G22:C39A40_AA A 21 ? A 40 ? A 22 ? A 39 ? 
1 A G 21 1_555 A C 38 1_555 A G 22 1_555 A C 36 1_555 2.346  -1.500 3.012 1.543  5.611  42.578 -2.552  -3.066 2.880 7.684  -2.113 
42.956 13 AA_G22G23:C37C39_AA A 22 ? A 39 ? A 23 ? A 37 ? 
1 A G 22 1_555 A C 36 1_555 A G 23 1_555 A A 34 1_555 -0.429 -4.242 3.215 1.715  2.760  22.764 -11.518 1.620  2.649 6.948  -4.317 
22.992 14 AA_G23G24:A35C37_AA A 23 ? A 37 ? A 24 ? A 35 ? 
1 A G 23 1_555 A A 34 1_555 A G 24 1_555 A C 33 1_555 0.477  -1.431 3.004 -9.915 4.540  35.665 -2.769  -1.898 2.589 7.207  15.741 
37.243 15 AA_G24G25:C34A35_AA A 24 ? A 35 ? A 25 ? A 34 ? 
1 A G 24 1_555 A C 33 1_555 A A 25 1_555 A U 32 1_555 0.396  -1.203 3.125 1.606  2.154  36.947 -2.167  -0.420 3.067 3.394  -2.530 
37.041 16 AA_G25A26:U33C34_AA A 25 ? A 34 ? A 26 ? A 33 ? 
1 A A 25 1_555 A U 32 1_555 A C 26 1_555 A G 31 1_555 0.501  -1.346 3.512 -0.526 2.125  36.279 -2.472  -0.882 3.423 3.408  0.844  
36.343 17 AA_A26C27:G32U33_AA A 26 ? A 33 ? A 27 ? A 32 ? 
1 A C 26 1_555 A G 31 1_555 A G 27 1_555 A A 30 1_555 -2.932 -0.977 2.835 -0.696 3.072  51.194 -1.312  3.346  2.813 3.551  0.804  
51.284 18 AA_C27G28:A31G32_AA A 27 ? A 32 ? A 28 ? A 31 ? 
1 A C 12 1_555 A G 37 1_555 A C 13 1_555 A G 35 1_555 2.082  -1.624 3.358 3.147  6.374  53.053 -2.213  -2.112 3.267 7.099  -3.505 
53.492 19 AA_C13C14:G36G38_AA A 13 ? A 38 ? A 14 ? A 36 ? 
# 
_pdbx_audit_support.funding_organization   'National Natural Science Foundation of China (NSFC)' 
_pdbx_audit_support.country                China 
_pdbx_audit_support.grant_number           ? 
_pdbx_audit_support.ordinal                1 
# 
loop_
_pdbx_entity_instance_feature.ordinal 
_pdbx_entity_instance_feature.comp_id 
_pdbx_entity_instance_feature.asym_id 
_pdbx_entity_instance_feature.seq_num 
_pdbx_entity_instance_feature.auth_comp_id 
_pdbx_entity_instance_feature.auth_asym_id 
_pdbx_entity_instance_feature.auth_seq_num 
_pdbx_entity_instance_feature.feature_type 
_pdbx_entity_instance_feature.details 
1 ADP ? ? ADP ? ? 'SUBJECT OF INVESTIGATION' ? 
2 MG  ? ? MG  ? ? 'SUBJECT OF INVESTIGATION' ? 
# 
loop_
_pdbx_entity_nonpoly.entity_id 
_pdbx_entity_nonpoly.name 
_pdbx_entity_nonpoly.comp_id 
2 "GUANOSINE-5'-TRIPHOSPHATE" GTP 
3 'MAGNESIUM ION'             MG  
4 "ADENOSINE-5'-DIPHOSPHATE"  ADP 
5 water                       HOH 
# 
_pdbx_initial_refinement_model.id               1 
_pdbx_initial_refinement_model.entity_id_list   ? 
_pdbx_initial_refinement_model.type             'experimental model' 
_pdbx_initial_refinement_model.source_name      PDB 
_pdbx_initial_refinement_model.accession_code   7D7V 
_pdbx_initial_refinement_model.details          ? 
# 
_pdbx_struct_assembly_auth_evidence.id                     1 
_pdbx_struct_assembly_auth_evidence.assembly_id            1 
_pdbx_struct_assembly_auth_evidence.experimental_support   'isothermal titration calorimetry' 
_pdbx_struct_assembly_auth_evidence.details                ? 
# 
